data_9FMG
#
_entry.id   9FMG
#
_cell.length_a   1.00
_cell.length_b   1.00
_cell.length_c   1.00
_cell.angle_alpha   90.00
_cell.angle_beta   90.00
_cell.angle_gamma   90.00
#
_symmetry.space_group_name_H-M   'P 1'
#
loop_
_entity.id
_entity.type
_entity.pdbx_description
1 polymer Nitrogenase
2 polymer Nitrogenase
3 polymer 'Nitrogenase iron protein'
4 non-polymer 'FeFe cofactor'
5 non-polymer 'FE(8)-S(7) CLUSTER'
6 non-polymer "ADENOSINE-5'-DIPHOSPHATE"
7 non-polymer 'MAGNESIUM ION'
8 non-polymer 'ALUMINUM FLUORIDE'
9 non-polymer 'IRON/SULFUR CLUSTER'
#
loop_
_entity_poly.entity_id
_entity_poly.type
_entity_poly.pdbx_seq_one_letter_code
_entity_poly.pdbx_strand_id
1 'polypeptide(L)'
;MPINLKTSVVESREQRLGTIIAWDGKASDLSKESAYARSEGCGSACGAKARRVCEMRSPFSQGSVCSEQMVECQAGNVRG
AVLVQHSPIGCGAGQVIYNSIFRNGLAIRGLPVENLHLISTNLRERDMVYGGLDKLERTIRDAWERHHPQAIFIATSCPT
AIIGDDIESVASQLEAEFGIPVIPLHCEGFKSKHWSTGFDATQHGILRQIVRKNPERKQEDLVNVINLWGSDVFGPMLGE
LGLRVNYVVDLATVEDLAQMSEAAATVGFCYTLSTYMAAALEQEFGVPEVKAPMPYGFAGTDAWLREIARVTHREEQAEA
YIAREHARVKPQLEALREKLKGIKGFVSTGSAYAHGMIQVLRELGVTVDGSLVFHHDPVYDSQDPRQDSLAHLVDNYGDV
GHFSVGNRQQFQFYGLLQRVKPDFIIIRHNGLAPLASRLGIPAIPLGDEHIAVGYQGILNLGESILDVLAHRKFHEDIAA
HVRLPYRQDWLARDPFDLARQSAGQPRRPAEWSHPQFEK
;
A
2 'polypeptide(L)'
;MPDAESRSQVTAKAAPPPAPKTNSIEQVRYICSIGAMHSASAIPRVIPITHCGPGCADKQFMNVAFYNGFQGGGYGGGAV
VPSTNATEREVVFGGAERLDELIGASLQVLDADLFVVLTGCIPDLVGDDIGSVVGPYQKRGVPIVYAETGGFRGNNFTGH
ELVTKAIIDQFVGDYDAERDGAREPHTVNVWSLLPYHNTFWRGDLTEIKRLLEGIGLKVNILFGPQSAGVAEWKAIPRAG
FNLVLSPWLGLDTARHLDRKYGQPTLHRPIIPIGAKETGAFLREVAAFAGLDSAVVEAFITAEEAVYYRYLEDFTDFYAE
YWWGLPAKFAVIGDSAYNLALTKFLVNQLGLIPGLQIITDNPPEEVREDIRAHYHAIADDVATDVSFEEDSYTIHQKIRA
TDFGHKAPILFGTTWERDLAKELKGAIVEVGFPASYEVVLSRSYLGYRGALTLLEKIYTTTVSASA
;
B,C
3 'polypeptide(L)'
;MHHHHHHAKSPKQIAIYGKGGIGKSTTTSNISAALAEAGYKVMQFGCDPKSDSTNTLRGGDYIPSVLDLLRENARVDAHE
AIFQGFGGIYCVEAGGPAPGVGCAGRGIITAVELLKQQNVFEELDLDYVIFDVLGDVVCGGFAVPIREGIAEHVFTVSSS
DFMAIYAANNLFKGIQKYSNAGGALLGGVIANSINTDFHRDIIDDFVARTQTQVVQYVPRSLTVTQAELQGRTTIEAAPE
SAQAEIYRTLARSIADHTDSKVPTPLNAQELRDWSASWANQLIEIERASQPIPALAS
;
D,E
#
loop_
_chem_comp.id
_chem_comp.type
_chem_comp.name
_chem_comp.formula
ADP non-polymer ADENOSINE-5'-DIPHOSPHATE 'C10 H15 N5 O10 P2'
AF3 non-polymer 'ALUMINUM FLUORIDE' 'Al F3'
CLF non-polymer 'FE(8)-S(7) CLUSTER' 'Fe8 S7'
MG non-polymer 'MAGNESIUM ION' 'Mg 2'
S5Q non-polymer 'FeFe cofactor' 'C Fe8 S9 -4'
SF4 non-polymer 'IRON/SULFUR CLUSTER' 'Fe4 S4'
#
# COMPACT_ATOMS: atom_id res chain seq x y z
N PRO A 2 -11.74 17.17 27.36
CA PRO A 2 -10.49 16.49 27.71
C PRO A 2 -10.24 15.25 26.88
N ILE A 3 -9.01 14.74 26.89
CA ILE A 3 -8.72 13.48 26.21
C ILE A 3 -9.35 12.36 27.01
N ASN A 4 -9.95 11.40 26.32
CA ASN A 4 -10.53 10.23 26.97
C ASN A 4 -9.49 9.12 26.94
N LEU A 5 -8.87 8.88 28.09
CA LEU A 5 -7.86 7.83 28.21
C LEU A 5 -8.44 6.53 28.76
N LYS A 6 -9.71 6.53 29.15
CA LYS A 6 -10.36 5.33 29.67
C LYS A 6 -10.52 4.25 28.60
N THR A 7 -10.44 4.63 27.33
CA THR A 7 -10.69 3.71 26.23
C THR A 7 -9.37 3.27 25.61
N SER A 8 -9.38 2.08 25.03
CA SER A 8 -8.23 1.54 24.33
C SER A 8 -8.22 1.95 22.86
N VAL A 9 -9.15 2.80 22.45
CA VAL A 9 -9.27 3.26 21.08
C VAL A 9 -9.18 4.77 21.14
N VAL A 10 -8.35 5.34 20.29
CA VAL A 10 -8.23 6.79 20.23
C VAL A 10 -9.26 7.32 19.24
N GLU A 11 -9.92 8.41 19.62
CA GLU A 11 -10.79 9.10 18.69
C GLU A 11 -9.96 9.63 17.53
N SER A 12 -10.63 10.10 16.49
CA SER A 12 -9.89 10.54 15.32
C SER A 12 -9.57 12.02 15.46
N ARG A 13 -8.66 12.51 14.62
CA ARG A 13 -8.30 13.91 14.74
C ARG A 13 -9.41 14.79 14.18
N GLU A 14 -10.09 14.31 13.14
CA GLU A 14 -11.22 15.04 12.58
C GLU A 14 -12.34 15.15 13.60
N GLN A 15 -12.58 14.08 14.34
CA GLN A 15 -13.68 14.07 15.32
C GLN A 15 -13.32 14.90 16.54
N ARG A 16 -12.05 14.92 16.93
CA ARG A 16 -11.63 15.62 18.14
C ARG A 16 -11.33 17.09 17.92
N LEU A 17 -11.00 17.48 16.70
CA LEU A 17 -10.57 18.85 16.41
C LEU A 17 -11.40 19.51 15.31
N GLY A 18 -11.70 18.79 14.24
CA GLY A 18 -12.41 19.38 13.12
C GLY A 18 -11.58 19.47 11.86
N THR A 19 -10.62 18.56 11.72
CA THR A 19 -9.66 18.58 10.63
C THR A 19 -10.32 18.93 9.30
N ILE A 20 -9.69 19.84 8.56
CA ILE A 20 -10.15 20.27 7.25
C ILE A 20 -9.10 19.85 6.23
N ILE A 21 -9.41 18.86 5.40
CA ILE A 21 -8.46 18.34 4.43
C ILE A 21 -8.75 18.86 3.01
N ALA A 22 -9.58 19.90 2.90
CA ALA A 22 -9.82 20.54 1.60
C ALA A 22 -10.07 22.02 1.85
N TRP A 23 -9.42 22.88 1.08
CA TRP A 23 -9.71 24.31 1.15
C TRP A 23 -8.86 25.09 0.15
N ASP A 24 -9.36 26.23 -0.31
CA ASP A 24 -8.57 27.15 -1.11
C ASP A 24 -9.05 28.56 -0.85
N GLY A 25 -8.11 29.49 -0.67
CA GLY A 25 -8.48 30.84 -0.29
C GLY A 25 -7.29 31.59 0.30
N LYS A 26 -7.61 32.58 1.12
CA LYS A 26 -6.62 33.43 1.77
C LYS A 26 -6.46 33.02 3.22
N ALA A 27 -5.20 32.81 3.64
CA ALA A 27 -4.94 32.32 4.99
C ALA A 27 -5.72 33.08 6.04
N SER A 28 -5.96 34.37 5.84
CA SER A 28 -6.80 35.10 6.79
C SER A 28 -8.18 34.48 6.89
N ASP A 29 -8.63 33.79 5.85
CA ASP A 29 -9.99 33.26 5.87
C ASP A 29 -9.99 31.90 6.55
N LEU A 30 -8.95 31.09 6.32
CA LEU A 30 -8.86 29.83 7.04
C LEU A 30 -8.65 30.10 8.52
N SER A 31 -8.16 31.31 8.85
CA SER A 31 -8.00 31.71 10.25
C SER A 31 -9.30 32.22 10.83
N LYS A 32 -10.08 32.96 10.04
CA LYS A 32 -11.37 33.45 10.51
C LYS A 32 -12.38 32.32 10.63
N GLU A 33 -12.24 31.27 9.84
CA GLU A 33 -13.22 30.20 9.77
C GLU A 33 -13.10 29.22 10.93
N SER A 34 -12.23 29.50 11.89
CA SER A 34 -11.98 28.58 13.00
C SER A 34 -12.21 29.28 14.34
N PRO A 59 -14.50 14.55 -6.34
CA PRO A 59 -14.79 13.84 -7.59
C PRO A 59 -13.57 13.12 -8.12
N PHE A 60 -12.40 13.72 -7.97
CA PHE A 60 -11.14 13.11 -8.38
C PHE A 60 -10.16 13.17 -7.22
N SER A 61 -9.49 12.04 -6.96
CA SER A 61 -8.54 11.92 -5.87
C SER A 61 -7.34 11.12 -6.37
N GLN A 62 -6.20 11.33 -5.73
CA GLN A 62 -4.96 10.70 -6.17
C GLN A 62 -4.26 9.86 -5.12
N GLY A 63 -4.84 9.69 -3.95
CA GLY A 63 -4.19 8.88 -2.94
C GLY A 63 -3.59 9.75 -1.85
N SER A 64 -3.55 9.21 -0.63
CA SER A 64 -3.11 9.96 0.53
C SER A 64 -2.25 9.04 1.39
N VAL A 65 -2.03 9.47 2.63
CA VAL A 65 -1.37 8.67 3.64
C VAL A 65 -2.46 8.14 4.57
N CYS A 66 -2.18 7.03 5.24
CA CYS A 66 -3.09 6.51 6.24
C CYS A 66 -2.48 6.69 7.64
N SER A 67 -3.30 6.40 8.66
CA SER A 67 -2.83 6.52 10.03
C SER A 67 -1.90 5.37 10.41
N GLU A 68 -2.05 4.23 9.74
CA GLU A 68 -1.18 3.09 10.01
C GLU A 68 0.27 3.43 9.70
N GLN A 69 0.52 4.25 8.69
CA GLN A 69 1.88 4.63 8.35
C GLN A 69 2.49 5.54 9.41
N MET A 70 1.72 6.49 9.90
CA MET A 70 2.20 7.36 10.98
C MET A 70 2.45 6.57 12.25
N VAL A 71 1.62 5.57 12.53
CA VAL A 71 1.89 4.70 13.68
C VAL A 71 3.19 3.93 13.46
N GLU A 72 3.43 3.46 12.24
CA GLU A 72 4.69 2.77 11.95
C GLU A 72 5.88 3.69 12.19
N CYS A 73 5.77 4.96 11.79
CA CYS A 73 6.89 5.87 11.92
C CYS A 73 7.05 6.42 13.34
N GLN A 74 6.02 6.36 14.17
CA GLN A 74 6.11 6.85 15.54
C GLN A 74 6.44 5.73 16.52
N ALA A 75 5.56 4.74 16.62
CA ALA A 75 5.76 3.65 17.58
C ALA A 75 6.82 2.65 17.11
N GLY A 76 7.14 2.64 15.83
CA GLY A 76 8.21 1.79 15.35
C GLY A 76 9.59 2.32 15.60
N ASN A 77 9.71 3.60 15.95
CA ASN A 77 10.99 4.21 16.26
C ASN A 77 11.24 4.34 17.76
N VAL A 78 10.39 3.75 18.58
CA VAL A 78 10.66 3.67 20.01
C VAL A 78 11.67 2.56 20.24
N ARG A 79 12.77 2.90 20.91
CA ARG A 79 13.87 1.98 21.11
C ARG A 79 13.62 1.15 22.37
N GLY A 80 13.76 -0.16 22.23
CA GLY A 80 13.41 -1.09 23.30
C GLY A 80 12.00 -1.61 23.25
N ALA A 81 11.26 -1.33 22.16
CA ALA A 81 9.89 -1.76 22.01
C ALA A 81 9.70 -2.32 20.61
N VAL A 82 8.74 -3.22 20.47
CA VAL A 82 8.45 -3.88 19.20
C VAL A 82 7.00 -3.58 18.83
N LEU A 83 6.79 -3.08 17.62
CA LEU A 83 5.46 -2.80 17.09
C LEU A 83 4.98 -3.99 16.27
N VAL A 84 3.79 -4.48 16.59
CA VAL A 84 3.18 -5.60 15.89
C VAL A 84 2.13 -5.04 14.93
N GLN A 85 2.21 -5.45 13.67
CA GLN A 85 1.27 -5.02 12.64
C GLN A 85 0.25 -6.15 12.42
N HIS A 86 -0.95 -5.96 12.94
CA HIS A 86 -2.04 -6.92 12.74
C HIS A 86 -2.75 -6.56 11.45
N SER A 87 -2.29 -7.15 10.35
CA SER A 87 -2.73 -6.75 9.02
C SER A 87 -2.35 -7.86 8.06
N PRO A 88 -2.82 -7.79 6.82
CA PRO A 88 -2.16 -8.53 5.75
C PRO A 88 -0.77 -7.97 5.51
N ILE A 89 0.06 -8.79 4.87
CA ILE A 89 1.46 -8.41 4.65
C ILE A 89 1.59 -7.13 3.87
N GLY A 90 0.53 -6.73 3.16
CA GLY A 90 0.60 -5.51 2.36
C GLY A 90 0.72 -4.26 3.20
N CYS A 91 0.05 -4.23 4.35
CA CYS A 91 0.12 -3.06 5.21
C CYS A 91 1.48 -2.91 5.86
N GLY A 92 2.30 -3.95 5.86
CA GLY A 92 3.63 -3.89 6.40
C GLY A 92 4.69 -3.40 5.44
N ALA A 93 4.29 -2.93 4.26
CA ALA A 93 5.26 -2.43 3.29
C ALA A 93 6.00 -1.22 3.81
N GLY A 94 5.38 -0.42 4.68
CA GLY A 94 5.96 0.82 5.14
C GLY A 94 7.18 0.68 6.01
N GLN A 95 7.61 -0.54 6.30
CA GLN A 95 8.81 -0.75 7.11
C GLN A 95 10.08 -0.25 6.41
N VAL A 96 10.07 -0.16 5.09
CA VAL A 96 11.29 0.19 4.36
C VAL A 96 11.63 1.67 4.54
N ILE A 97 10.67 2.55 4.23
CA ILE A 97 10.91 3.98 4.32
C ILE A 97 11.26 4.36 5.76
N TYR A 98 10.49 3.84 6.71
CA TYR A 98 10.70 4.20 8.10
C TYR A 98 11.94 3.54 8.68
N ASN A 99 12.33 2.38 8.15
CA ASN A 99 13.62 1.83 8.54
C ASN A 99 14.77 2.73 8.08
N SER A 100 14.69 3.23 6.84
CA SER A 100 15.74 4.14 6.37
C SER A 100 15.77 5.41 7.21
N ILE A 101 14.60 5.97 7.51
CA ILE A 101 14.54 7.18 8.33
C ILE A 101 15.10 6.91 9.72
N PHE A 102 14.77 5.75 10.30
CA PHE A 102 15.28 5.38 11.62
C PHE A 102 16.80 5.28 11.62
N ARG A 103 17.36 4.63 10.61
CA ARG A 103 18.82 4.49 10.54
C ARG A 103 19.49 5.86 10.41
N ASN A 104 18.96 6.71 9.52
CA ASN A 104 19.57 8.03 9.35
C ASN A 104 19.39 8.88 10.60
N GLY A 105 18.29 8.72 11.32
CA GLY A 105 18.12 9.44 12.57
C GLY A 105 19.10 9.01 13.62
N LEU A 106 19.37 7.70 13.72
CA LEU A 106 20.39 7.23 14.64
C LEU A 106 21.75 7.81 14.27
N ALA A 107 22.11 7.75 12.99
CA ALA A 107 23.39 8.29 12.56
C ALA A 107 23.50 9.78 12.88
N ILE A 108 22.42 10.53 12.69
CA ILE A 108 22.45 11.95 12.97
C ILE A 108 22.62 12.20 14.46
N ARG A 109 21.86 11.50 15.30
CA ARG A 109 21.81 11.78 16.72
C ARG A 109 22.95 11.16 17.51
N GLY A 110 24.01 10.70 16.84
CA GLY A 110 25.13 10.13 17.54
C GLY A 110 24.81 8.85 18.29
N LEU A 111 24.11 7.94 17.62
CA LEU A 111 23.75 6.64 18.19
C LEU A 111 24.21 5.55 17.24
N PRO A 112 24.45 4.34 17.74
CA PRO A 112 24.78 3.23 16.85
C PRO A 112 23.63 2.95 15.90
N VAL A 113 23.97 2.60 14.66
CA VAL A 113 22.98 2.47 13.60
C VAL A 113 22.56 1.02 13.49
N GLU A 114 21.25 0.78 13.44
CA GLU A 114 20.71 -0.56 13.30
C GLU A 114 19.33 -0.46 12.67
N ASN A 115 18.86 -1.57 12.13
CA ASN A 115 17.52 -1.62 11.57
C ASN A 115 16.47 -1.73 12.65
N LEU A 116 15.32 -1.11 12.42
CA LEU A 116 14.17 -1.30 13.30
C LEU A 116 13.48 -2.61 12.95
N HIS A 117 12.87 -3.22 13.97
CA HIS A 117 12.22 -4.52 13.86
C HIS A 117 10.72 -4.34 14.04
N LEU A 118 9.99 -4.30 12.93
CA LEU A 118 8.53 -4.31 12.93
C LEU A 118 8.09 -5.68 12.43
N ILE A 119 7.15 -6.29 13.15
CA ILE A 119 6.73 -7.65 12.85
C ILE A 119 5.27 -7.62 12.45
N SER A 120 4.95 -8.35 11.39
CA SER A 120 3.60 -8.39 10.82
C SER A 120 2.97 -9.75 11.05
N THR A 121 1.67 -9.75 11.36
CA THR A 121 0.96 -11.01 11.56
C THR A 121 0.74 -11.77 10.26
N ASN A 122 0.80 -11.10 9.11
CA ASN A 122 0.73 -11.75 7.81
C ASN A 122 -0.58 -12.53 7.69
N LEU A 123 -1.68 -11.79 7.73
CA LEU A 123 -3.00 -12.38 7.64
C LEU A 123 -3.32 -12.76 6.19
N ARG A 124 -4.16 -13.78 6.03
CA ARG A 124 -4.50 -14.27 4.70
C ARG A 124 -6.02 -14.30 4.55
N GLU A 125 -6.51 -14.93 3.48
CA GLU A 125 -7.94 -14.92 3.21
C GLU A 125 -8.71 -15.73 4.27
N ARG A 126 -8.14 -16.84 4.71
CA ARG A 126 -8.82 -17.63 5.73
C ARG A 126 -8.91 -16.84 7.03
N ASP A 127 -7.90 -16.04 7.34
CA ASP A 127 -7.98 -15.20 8.52
C ASP A 127 -8.98 -14.08 8.37
N MET A 128 -9.34 -13.72 7.14
CA MET A 128 -10.44 -12.80 6.89
C MET A 128 -11.77 -13.48 7.06
N VAL A 129 -11.84 -14.78 6.81
CA VAL A 129 -13.10 -15.50 6.92
C VAL A 129 -13.37 -15.94 8.36
N TYR A 130 -12.38 -16.54 9.00
CA TYR A 130 -12.51 -17.11 10.34
C TYR A 130 -11.92 -16.25 11.44
N GLY A 131 -11.38 -15.07 11.11
CA GLY A 131 -10.71 -14.27 12.12
C GLY A 131 -9.25 -14.65 12.27
N GLY A 132 -8.44 -13.66 12.65
CA GLY A 132 -7.01 -13.87 12.78
C GLY A 132 -6.42 -13.56 14.13
N LEU A 133 -7.17 -13.87 15.20
CA LEU A 133 -6.73 -13.52 16.55
C LEU A 133 -5.65 -14.47 17.06
N ASP A 134 -5.67 -15.73 16.62
CA ASP A 134 -4.62 -16.65 17.03
C ASP A 134 -3.29 -16.24 16.43
N LYS A 135 -3.30 -15.80 15.16
CA LYS A 135 -2.07 -15.35 14.54
C LYS A 135 -1.52 -14.12 15.25
N LEU A 136 -2.41 -13.22 15.66
CA LEU A 136 -1.96 -12.05 16.42
C LEU A 136 -1.29 -12.46 17.71
N GLU A 137 -1.90 -13.39 18.44
CA GLU A 137 -1.29 -13.83 19.70
C GLU A 137 0.06 -14.50 19.45
N ARG A 138 0.15 -15.33 18.42
CA ARG A 138 1.42 -15.98 18.12
C ARG A 138 2.49 -14.96 17.76
N THR A 139 2.12 -13.92 17.01
CA THR A 139 3.09 -12.90 16.63
C THR A 139 3.56 -12.11 17.85
N ILE A 140 2.66 -11.81 18.78
CA ILE A 140 3.08 -11.11 19.99
C ILE A 140 4.04 -11.98 20.79
N ARG A 141 3.73 -13.27 20.92
CA ARG A 141 4.62 -14.17 21.64
C ARG A 141 5.98 -14.27 20.95
N ASP A 142 5.99 -14.28 19.61
CA ASP A 142 7.26 -14.30 18.89
C ASP A 142 8.05 -13.02 19.11
N ALA A 143 7.39 -11.88 19.12
CA ALA A 143 8.09 -10.63 19.42
C ALA A 143 8.75 -10.71 20.79
N TRP A 144 7.99 -11.17 21.78
CA TRP A 144 8.53 -11.28 23.14
C TRP A 144 9.70 -12.24 23.19
N GLU A 145 9.59 -13.39 22.51
CA GLU A 145 10.66 -14.37 22.55
C GLU A 145 11.92 -13.85 21.86
N ARG A 146 11.76 -13.27 20.67
CA ARG A 146 12.93 -12.90 19.87
C ARG A 146 13.64 -11.69 20.45
N HIS A 147 12.90 -10.66 20.87
CA HIS A 147 13.54 -9.41 21.24
C HIS A 147 13.45 -9.09 22.72
N HIS A 148 12.51 -9.68 23.45
CA HIS A 148 12.31 -9.39 24.88
C HIS A 148 12.30 -7.88 25.13
N PRO A 149 11.38 -7.15 24.54
CA PRO A 149 11.36 -5.69 24.68
C PRO A 149 10.74 -5.31 26.02
N GLN A 150 10.77 -4.01 26.29
CA GLN A 150 10.10 -3.46 27.47
C GLN A 150 8.66 -3.07 27.18
N ALA A 151 8.24 -3.10 25.92
CA ALA A 151 6.86 -2.80 25.55
C ALA A 151 6.59 -3.38 24.18
N ILE A 152 5.32 -3.66 23.91
CA ILE A 152 4.89 -4.19 22.61
C ILE A 152 3.67 -3.39 22.18
N PHE A 153 3.76 -2.76 21.01
CA PHE A 153 2.63 -2.08 20.40
C PHE A 153 2.00 -2.99 19.35
N ILE A 154 0.69 -2.85 19.16
CA ILE A 154 -0.06 -3.61 18.16
C ILE A 154 -0.76 -2.62 17.24
N ALA A 155 -0.53 -2.75 15.94
CA ALA A 155 -1.06 -1.84 14.94
C ALA A 155 -2.18 -2.52 14.18
N THR A 156 -3.35 -1.89 14.15
CA THR A 156 -4.51 -2.39 13.45
C THR A 156 -4.57 -1.83 12.04
N SER A 157 -5.24 -2.56 11.14
CA SER A 157 -5.33 -2.14 9.76
C SER A 157 -6.79 -2.06 9.33
N CYS A 158 -7.02 -1.78 8.04
CA CYS A 158 -8.39 -1.74 7.52
C CYS A 158 -9.09 -3.09 7.60
N PRO A 159 -8.49 -4.20 7.14
CA PRO A 159 -9.25 -5.46 7.15
C PRO A 159 -9.49 -6.01 8.54
N THR A 160 -8.55 -5.83 9.48
CA THR A 160 -8.78 -6.41 10.79
C THR A 160 -9.71 -5.56 11.64
N ALA A 161 -10.04 -4.35 11.18
CA ALA A 161 -11.07 -3.54 11.81
C ALA A 161 -12.42 -3.75 11.17
N ILE A 162 -12.47 -4.16 9.91
CA ILE A 162 -13.76 -4.46 9.30
C ILE A 162 -14.35 -5.71 9.95
N ILE A 163 -13.51 -6.72 10.21
CA ILE A 163 -13.98 -7.99 10.77
C ILE A 163 -14.02 -7.99 12.29
N GLY A 164 -13.51 -6.96 12.95
CA GLY A 164 -13.61 -6.87 14.40
C GLY A 164 -12.90 -7.99 15.14
N ASP A 165 -11.56 -8.03 15.03
CA ASP A 165 -10.80 -9.17 15.55
C ASP A 165 -10.67 -9.20 17.06
N ASP A 166 -11.00 -8.12 17.77
CA ASP A 166 -10.98 -8.11 19.23
C ASP A 166 -9.57 -8.39 19.77
N ILE A 167 -8.68 -7.45 19.48
CA ILE A 167 -7.28 -7.59 19.85
C ILE A 167 -7.03 -7.28 21.32
N GLU A 168 -7.96 -6.59 21.98
CA GLU A 168 -7.72 -6.14 23.35
C GLU A 168 -7.68 -7.31 24.33
N SER A 169 -8.45 -8.37 24.09
CA SER A 169 -8.40 -9.52 24.98
C SER A 169 -7.03 -10.19 24.93
N VAL A 170 -6.50 -10.40 23.73
CA VAL A 170 -5.17 -10.98 23.59
C VAL A 170 -4.13 -10.05 24.21
N ALA A 171 -4.27 -8.75 23.99
CA ALA A 171 -3.34 -7.80 24.57
C ALA A 171 -3.32 -7.90 26.09
N SER A 172 -4.49 -7.92 26.72
CA SER A 172 -4.56 -7.99 28.17
C SER A 172 -3.98 -9.30 28.68
N GLN A 173 -4.33 -10.41 28.04
CA GLN A 173 -3.83 -11.70 28.51
C GLN A 173 -2.31 -11.78 28.43
N LEU A 174 -1.74 -11.37 27.30
CA LEU A 174 -0.30 -11.48 27.14
C LEU A 174 0.45 -10.45 27.98
N GLU A 175 -0.14 -9.28 28.22
CA GLU A 175 0.47 -8.33 29.14
C GLU A 175 0.50 -8.89 30.55
N ALA A 176 -0.60 -9.51 31.00
CA ALA A 176 -0.60 -10.15 32.30
C ALA A 176 0.42 -11.28 32.36
N GLU A 177 0.64 -11.98 31.25
CA GLU A 177 1.56 -13.10 31.26
C GLU A 177 3.01 -12.64 31.32
N PHE A 178 3.45 -11.89 30.30
CA PHE A 178 4.86 -11.50 30.22
C PHE A 178 5.23 -10.51 31.32
N GLY A 179 4.42 -9.47 31.49
CA GLY A 179 4.71 -8.45 32.48
C GLY A 179 4.88 -7.08 31.87
N ILE A 180 5.57 -7.05 30.73
CA ILE A 180 5.76 -5.81 29.97
C ILE A 180 4.41 -5.35 29.43
N PRO A 181 4.16 -4.04 29.31
CA PRO A 181 2.88 -3.60 28.74
C PRO A 181 2.75 -4.05 27.29
N VAL A 182 1.52 -4.41 26.92
CA VAL A 182 1.15 -4.74 25.55
C VAL A 182 0.06 -3.77 25.14
N ILE A 183 0.35 -2.94 24.14
CA ILE A 183 -0.42 -1.74 23.84
C ILE A 183 -1.12 -1.95 22.51
N PRO A 184 -2.45 -2.05 22.49
CA PRO A 184 -3.19 -2.11 21.21
C PRO A 184 -3.40 -0.71 20.65
N LEU A 185 -2.88 -0.46 19.45
CA LEU A 185 -3.08 0.79 18.76
C LEU A 185 -4.07 0.59 17.62
N HIS A 186 -5.12 1.40 17.60
CA HIS A 186 -6.20 1.31 16.61
C HIS A 186 -5.96 2.41 15.57
N CYS A 187 -5.35 2.03 14.45
CA CYS A 187 -4.84 3.00 13.48
C CYS A 187 -5.26 2.64 12.06
N GLU A 188 -6.54 2.33 11.87
CA GLU A 188 -7.00 1.94 10.55
C GLU A 188 -6.92 3.11 9.58
N GLY A 189 -6.71 2.78 8.30
CA GLY A 189 -6.60 3.82 7.30
C GLY A 189 -7.92 4.53 7.07
N PHE A 190 -9.02 3.77 7.00
CA PHE A 190 -10.30 4.37 6.66
C PHE A 190 -10.98 5.04 7.84
N LYS A 191 -10.45 4.90 9.06
CA LYS A 191 -11.12 5.49 10.21
C LYS A 191 -11.13 7.01 10.12
N SER A 192 -10.03 7.61 9.69
CA SER A 192 -9.89 9.05 9.61
C SER A 192 -9.50 9.45 8.20
N LYS A 193 -9.94 10.65 7.80
CA LYS A 193 -9.63 11.16 6.48
C LYS A 193 -8.24 11.78 6.41
N HIS A 194 -7.59 12.04 7.54
CA HIS A 194 -6.21 12.50 7.57
C HIS A 194 -5.38 11.57 8.44
N TRP A 195 -4.11 11.45 8.08
CA TRP A 195 -3.19 10.50 8.70
C TRP A 195 -2.59 11.01 10.00
N SER A 196 -2.86 12.26 10.37
CA SER A 196 -2.33 12.80 11.63
C SER A 196 -2.90 12.06 12.83
N THR A 197 -3.98 11.30 12.66
CA THR A 197 -4.50 10.48 13.74
C THR A 197 -3.56 9.33 14.10
N GLY A 198 -2.63 8.97 13.22
CA GLY A 198 -1.64 7.97 13.57
C GLY A 198 -0.67 8.41 14.65
N PHE A 199 -0.49 9.71 14.84
CA PHE A 199 0.26 10.19 15.99
C PHE A 199 -0.57 10.05 17.26
N ASP A 200 -1.86 10.38 17.16
CA ASP A 200 -2.76 10.26 18.28
C ASP A 200 -2.77 8.84 18.82
N ALA A 201 -2.76 7.84 17.94
CA ALA A 201 -2.86 6.45 18.39
C ALA A 201 -1.66 6.06 19.24
N THR A 202 -0.44 6.32 18.73
CA THR A 202 0.75 5.93 19.47
C THR A 202 0.84 6.72 20.78
N GLN A 203 0.57 8.01 20.73
CA GLN A 203 0.63 8.81 21.95
C GLN A 203 -0.39 8.32 22.97
N HIS A 204 -1.59 7.97 22.51
CA HIS A 204 -2.62 7.42 23.38
C HIS A 204 -2.15 6.14 24.06
N GLY A 205 -1.60 5.22 23.28
CA GLY A 205 -1.13 3.98 23.88
C GLY A 205 -0.02 4.19 24.88
N ILE A 206 0.96 5.03 24.53
CA ILE A 206 2.08 5.28 25.43
C ILE A 206 1.58 5.92 26.72
N LEU A 207 0.67 6.90 26.60
CA LEU A 207 0.13 7.54 27.79
C LEU A 207 -0.61 6.55 28.68
N ARG A 208 -1.38 5.64 28.07
CA ARG A 208 -2.18 4.73 28.88
C ARG A 208 -1.36 3.61 29.50
N GLN A 209 -0.23 3.23 28.91
CA GLN A 209 0.47 2.04 29.37
C GLN A 209 1.88 2.29 29.89
N ILE A 210 2.70 3.07 29.18
CA ILE A 210 4.12 3.15 29.49
C ILE A 210 4.42 4.24 30.51
N VAL A 211 3.87 5.44 30.33
CA VAL A 211 4.23 6.55 31.20
C VAL A 211 3.80 6.22 32.62
N ARG A 212 4.77 6.18 33.54
CA ARG A 212 4.47 5.84 34.92
C ARG A 212 3.69 6.95 35.60
N LYS A 213 2.73 6.57 36.42
CA LYS A 213 1.86 7.52 37.10
C LYS A 213 2.24 7.66 38.57
N ASN A 214 2.09 8.88 39.08
CA ASN A 214 2.44 9.19 40.46
C ASN A 214 3.89 8.80 40.77
N PRO A 215 4.87 9.42 40.11
CA PRO A 215 6.26 9.06 40.35
C PRO A 215 6.77 9.65 41.66
N GLU A 216 7.91 9.13 42.11
CA GLU A 216 8.56 9.59 43.33
C GLU A 216 9.92 10.21 43.00
N ARG A 217 10.01 10.82 41.82
CA ARG A 217 11.25 11.46 41.37
C ARG A 217 10.88 12.55 40.38
N LYS A 218 11.32 13.77 40.65
CA LYS A 218 11.04 14.92 39.80
C LYS A 218 12.36 15.44 39.26
N GLN A 219 12.63 15.17 37.98
CA GLN A 219 13.86 15.61 37.34
C GLN A 219 13.64 17.05 36.87
N GLU A 220 14.00 18.00 37.73
CA GLU A 220 13.71 19.40 37.46
C GLU A 220 14.60 19.99 36.37
N ASP A 221 15.63 19.28 35.94
CA ASP A 221 16.52 19.75 34.89
C ASP A 221 16.19 19.15 33.53
N LEU A 222 15.18 18.28 33.46
CA LEU A 222 14.85 17.54 32.25
C LEU A 222 13.55 18.05 31.66
N VAL A 223 13.52 18.23 30.34
CA VAL A 223 12.35 18.70 29.63
C VAL A 223 12.07 17.74 28.47
N ASN A 224 10.79 17.41 28.29
CA ASN A 224 10.37 16.49 27.24
C ASN A 224 10.24 17.24 25.92
N VAL A 225 11.11 16.94 24.97
CA VAL A 225 11.10 17.57 23.65
C VAL A 225 10.45 16.58 22.70
N ILE A 226 9.21 16.87 22.31
CA ILE A 226 8.47 16.02 21.38
C ILE A 226 8.98 16.32 19.98
N ASN A 227 9.95 15.55 19.52
CA ASN A 227 10.56 15.81 18.23
C ASN A 227 10.63 14.55 17.37
N LEU A 228 11.38 14.63 16.29
CA LEU A 228 11.52 13.56 15.30
C LEU A 228 12.99 13.17 15.23
N TRP A 229 13.46 12.74 14.05
CA TRP A 229 14.82 12.23 13.90
C TRP A 229 15.76 13.26 13.29
N GLY A 230 15.68 14.51 13.75
CA GLY A 230 16.51 15.58 13.24
C GLY A 230 17.68 15.89 14.16
N SER A 231 18.72 16.49 13.57
CA SER A 231 19.91 16.89 14.31
C SER A 231 19.56 17.55 15.64
N ASP A 232 20.33 17.22 16.67
CA ASP A 232 20.11 17.71 18.03
C ASP A 232 20.45 19.18 18.09
N VAL A 233 19.42 20.04 18.06
CA VAL A 233 19.60 21.47 18.23
C VAL A 233 19.04 21.96 19.56
N PHE A 234 18.06 21.27 20.13
CA PHE A 234 17.51 21.70 21.41
C PHE A 234 18.46 21.36 22.57
N GLY A 235 19.29 20.34 22.40
CA GLY A 235 20.27 20.01 23.40
C GLY A 235 21.20 21.17 23.70
N PRO A 236 21.97 21.59 22.71
CA PRO A 236 22.82 22.77 22.92
C PRO A 236 22.04 24.04 23.24
N MET A 237 20.85 24.23 22.68
CA MET A 237 20.13 25.47 22.90
C MET A 237 19.66 25.60 24.34
N LEU A 238 19.09 24.54 24.89
CA LEU A 238 18.64 24.55 26.28
C LEU A 238 19.76 24.25 27.26
N GLY A 239 20.89 23.75 26.79
CA GLY A 239 22.06 23.62 27.65
C GLY A 239 22.57 24.95 28.12
N GLU A 240 22.49 25.97 27.28
CA GLU A 240 22.77 27.32 27.73
C GLU A 240 21.83 27.74 28.85
N LEU A 241 20.62 27.19 28.87
CA LEU A 241 19.68 27.40 29.96
C LEU A 241 19.82 26.36 31.06
N GLY A 242 20.89 25.56 31.03
CA GLY A 242 21.10 24.56 32.07
C GLY A 242 20.01 23.51 32.14
N LEU A 243 19.57 23.02 30.98
CA LEU A 243 18.51 22.02 30.90
C LEU A 243 19.02 20.77 30.21
N ARG A 244 18.48 19.63 30.61
CA ARG A 244 18.70 18.37 29.92
C ARG A 244 17.48 18.06 29.05
N VAL A 245 17.75 17.45 27.90
CA VAL A 245 16.76 17.21 26.89
C VAL A 245 16.33 15.74 26.93
N ASN A 246 15.03 15.51 26.94
CA ASN A 246 14.45 14.17 26.88
C ASN A 246 13.68 14.07 25.57
N TYR A 247 14.38 13.65 24.51
CA TYR A 247 13.72 13.38 23.24
C TYR A 247 12.85 12.14 23.38
N VAL A 248 11.60 12.24 22.94
CA VAL A 248 10.61 11.19 23.20
C VAL A 248 10.01 10.70 21.89
N VAL A 249 9.42 9.51 21.99
CA VAL A 249 8.72 8.85 20.88
C VAL A 249 9.71 8.39 19.83
N ASP A 250 10.46 9.32 19.25
CA ASP A 250 11.36 9.02 18.15
C ASP A 250 12.76 8.77 18.70
N LEU A 251 13.31 7.59 18.41
CA LEU A 251 14.61 7.16 18.91
C LEU A 251 14.67 7.21 20.44
N ALA A 252 13.52 7.11 21.09
CA ALA A 252 13.42 7.18 22.53
C ALA A 252 13.37 5.77 23.11
N THR A 253 13.72 5.68 24.38
CA THR A 253 13.75 4.41 25.09
C THR A 253 12.50 4.28 25.96
N VAL A 254 12.03 3.04 26.10
CA VAL A 254 10.85 2.79 26.93
C VAL A 254 11.01 3.45 28.29
N GLU A 255 12.25 3.59 28.76
CA GLU A 255 12.48 4.27 30.03
C GLU A 255 12.35 5.79 29.87
N ASP A 256 12.83 6.33 28.74
CA ASP A 256 12.62 7.75 28.47
C ASP A 256 11.13 8.06 28.36
N LEU A 257 10.39 7.21 27.67
CA LEU A 257 8.93 7.35 27.66
C LEU A 257 8.35 7.18 29.04
N ALA A 258 8.93 6.28 29.84
CA ALA A 258 8.44 6.08 31.19
C ALA A 258 8.67 7.31 32.07
N GLN A 259 9.85 7.91 32.00
CA GLN A 259 10.14 9.09 32.81
C GLN A 259 9.69 10.38 32.12
N MET A 260 8.47 10.38 31.60
CA MET A 260 7.91 11.57 30.98
C MET A 260 6.96 12.31 31.92
N SER A 261 6.59 11.69 33.04
CA SER A 261 5.86 12.37 34.10
C SER A 261 6.78 13.06 35.09
N GLU A 262 8.08 12.84 34.99
CA GLU A 262 9.05 13.42 35.92
C GLU A 262 9.72 14.67 35.36
N ALA A 263 9.62 14.92 34.07
CA ALA A 263 10.23 16.09 33.47
C ALA A 263 9.48 17.35 33.88
N ALA A 264 10.19 18.48 33.88
CA ALA A 264 9.61 19.74 34.33
C ALA A 264 8.75 20.40 33.25
N ALA A 265 8.89 20.01 32.00
CA ALA A 265 8.10 20.61 30.94
C ALA A 265 8.13 19.70 29.72
N THR A 266 7.09 19.82 28.89
CA THR A 266 7.00 19.12 27.61
C THR A 266 6.96 20.16 26.50
N VAL A 267 7.90 20.06 25.56
CA VAL A 267 8.00 20.99 24.45
C VAL A 267 8.13 20.19 23.15
N GLY A 268 7.99 20.90 22.04
CA GLY A 268 8.16 20.31 20.72
C GLY A 268 8.37 21.41 19.70
N PHE A 269 8.70 20.98 18.49
CA PHE A 269 8.93 21.93 17.40
C PHE A 269 7.71 22.15 16.53
N CYS A 270 6.99 21.08 16.19
CA CYS A 270 5.79 21.18 15.37
C CYS A 270 4.56 21.00 16.25
N TYR A 271 3.61 21.92 16.13
CA TYR A 271 2.39 21.82 16.92
C TYR A 271 1.63 20.55 16.59
N THR A 272 1.59 20.19 15.30
CA THR A 272 0.74 19.08 14.87
C THR A 272 1.15 17.77 15.53
N LEU A 273 2.44 17.52 15.68
CA LEU A 273 2.89 16.28 16.29
C LEU A 273 2.91 16.33 17.82
N SER A 274 2.65 17.49 18.43
CA SER A 274 2.88 17.66 19.85
C SER A 274 1.63 17.97 20.66
N THR A 275 0.44 18.00 20.04
CA THR A 275 -0.75 18.40 20.78
C THR A 275 -1.21 17.30 21.72
N TYR A 276 -1.50 16.12 21.17
CA TYR A 276 -2.17 15.08 21.96
C TYR A 276 -1.32 14.67 23.15
N MET A 277 -0.06 14.29 22.91
CA MET A 277 0.76 13.78 24.01
C MET A 277 0.97 14.86 25.07
N ALA A 278 1.35 16.06 24.66
CA ALA A 278 1.67 17.09 25.63
C ALA A 278 0.43 17.51 26.43
N ALA A 279 -0.69 17.69 25.75
CA ALA A 279 -1.92 18.06 26.44
C ALA A 279 -2.36 16.97 27.41
N ALA A 280 -2.27 15.70 26.98
CA ALA A 280 -2.65 14.61 27.87
C ALA A 280 -1.71 14.50 29.05
N LEU A 281 -0.42 14.74 28.83
CA LEU A 281 0.53 14.75 29.93
C LEU A 281 0.17 15.82 30.95
N GLU A 282 -0.16 17.02 30.47
CA GLU A 282 -0.53 18.08 31.40
C GLU A 282 -1.80 17.73 32.16
N GLN A 283 -2.79 17.16 31.47
CA GLN A 283 -4.07 16.87 32.11
C GLN A 283 -3.94 15.73 33.11
N GLU A 284 -3.24 14.67 32.76
CA GLU A 284 -3.19 13.46 33.57
C GLU A 284 -1.98 13.44 34.52
N PHE A 285 -0.77 13.51 33.96
CA PHE A 285 0.44 13.30 34.73
C PHE A 285 1.01 14.58 35.33
N GLY A 286 0.39 15.73 35.09
CA GLY A 286 0.84 16.95 35.71
C GLY A 286 2.12 17.51 35.17
N VAL A 287 2.52 17.15 33.96
CA VAL A 287 3.70 17.69 33.33
C VAL A 287 3.35 19.06 32.76
N PRO A 288 4.01 20.15 33.18
CA PRO A 288 3.64 21.46 32.67
C PRO A 288 3.81 21.53 31.16
N GLU A 289 2.87 22.21 30.52
CA GLU A 289 2.85 22.36 29.07
C GLU A 289 3.03 23.83 28.72
N VAL A 290 3.86 24.08 27.71
CA VAL A 290 4.21 25.45 27.33
C VAL A 290 3.29 25.89 26.21
N LYS A 291 2.58 27.00 26.43
CA LYS A 291 1.76 27.61 25.39
C LYS A 291 2.55 28.79 24.84
N ALA A 292 3.47 28.47 23.93
CA ALA A 292 4.38 29.43 23.34
C ALA A 292 4.42 29.24 21.84
N PRO A 293 4.77 30.28 21.08
CA PRO A 293 4.88 30.11 19.63
C PRO A 293 5.96 29.11 19.27
N MET A 294 5.76 28.46 18.14
CA MET A 294 6.76 27.52 17.64
C MET A 294 8.06 28.25 17.33
N PRO A 295 9.21 27.60 17.51
CA PRO A 295 10.50 28.29 17.36
C PRO A 295 10.97 28.40 15.91
N TYR A 296 10.41 29.37 15.20
CA TYR A 296 10.75 29.64 13.80
C TYR A 296 10.72 31.14 13.60
N GLY A 297 11.89 31.72 13.32
CA GLY A 297 12.03 33.15 13.21
C GLY A 297 12.43 33.79 14.53
N PHE A 298 12.87 35.04 14.42
CA PHE A 298 13.35 35.75 15.61
C PHE A 298 12.25 35.87 16.66
N ALA A 299 11.10 36.43 16.26
CA ALA A 299 10.03 36.64 17.24
C ALA A 299 9.53 35.33 17.82
N GLY A 300 9.30 34.34 16.96
CA GLY A 300 8.79 33.07 17.44
C GLY A 300 9.75 32.37 18.39
N THR A 301 11.03 32.33 18.02
CA THR A 301 12.01 31.64 18.85
C THR A 301 12.23 32.39 20.16
N ASP A 302 12.22 33.72 20.12
CA ASP A 302 12.34 34.49 21.35
C ASP A 302 11.17 34.20 22.29
N ALA A 303 9.94 34.32 21.79
CA ALA A 303 8.78 34.06 22.63
C ALA A 303 8.73 32.60 23.09
N TRP A 304 9.32 31.70 22.31
CA TRP A 304 9.33 30.29 22.69
C TRP A 304 10.31 30.04 23.83
N LEU A 305 11.47 30.70 23.77
CA LEU A 305 12.45 30.51 24.84
C LEU A 305 12.03 31.26 26.10
N ARG A 306 11.30 32.36 25.98
CA ARG A 306 10.88 33.07 27.18
C ARG A 306 10.01 32.18 28.05
N GLU A 307 9.23 31.30 27.43
CA GLU A 307 8.28 30.52 28.18
C GLU A 307 8.80 29.15 28.53
N ILE A 308 9.60 28.52 27.65
CA ILE A 308 10.21 27.27 28.07
C ILE A 308 11.17 27.53 29.23
N ALA A 309 11.75 28.73 29.30
CA ALA A 309 12.58 29.11 30.44
C ALA A 309 11.80 29.79 31.56
N ARG A 310 10.54 30.18 31.34
CA ARG A 310 9.72 30.65 32.44
C ARG A 310 9.09 29.49 33.20
N VAL A 311 8.77 28.40 32.50
CA VAL A 311 8.23 27.23 33.16
C VAL A 311 9.28 26.59 34.07
N THR A 312 10.50 26.45 33.58
CA THR A 312 11.59 25.85 34.35
C THR A 312 12.29 26.85 35.25
N HIS A 313 11.77 28.08 35.35
CA HIS A 313 12.35 29.11 36.21
C HIS A 313 13.77 29.47 35.79
N ARG A 314 14.02 29.43 34.48
CA ARG A 314 15.31 29.79 33.92
C ARG A 314 15.26 31.12 33.17
N GLU A 315 14.43 32.06 33.64
CA GLU A 315 14.34 33.35 32.99
C GLU A 315 15.49 34.26 33.43
N GLU A 316 16.71 33.72 33.41
CA GLU A 316 17.92 34.54 33.52
C GLU A 316 19.01 34.14 32.53
N GLN A 317 19.09 32.88 32.11
CA GLN A 317 20.01 32.42 31.09
C GLN A 317 19.43 32.55 29.69
N ALA A 318 18.16 32.95 29.57
CA ALA A 318 17.54 33.09 28.26
C ALA A 318 17.88 34.42 27.62
N GLU A 319 17.63 35.52 28.32
CA GLU A 319 17.97 36.84 27.79
C GLU A 319 19.45 36.94 27.44
N ALA A 320 20.29 36.22 28.18
CA ALA A 320 21.71 36.16 27.84
C ALA A 320 22.00 35.23 26.68
N TYR A 321 21.03 34.41 26.27
CA TYR A 321 21.17 33.63 25.05
C TYR A 321 20.42 34.26 23.89
N ILE A 322 19.31 34.95 24.19
CA ILE A 322 18.60 35.72 23.17
C ILE A 322 19.51 36.82 22.65
N ALA A 323 20.21 37.51 23.56
CA ALA A 323 21.04 38.61 23.10
C ALA A 323 22.22 38.08 22.32
N ARG A 324 22.80 36.97 22.75
CA ARG A 324 23.98 36.45 22.10
C ARG A 324 23.66 36.02 20.67
N GLU A 325 22.50 35.38 20.49
CA GLU A 325 22.17 34.96 19.14
C GLU A 325 21.72 36.13 18.27
N HIS A 326 21.04 37.13 18.86
CA HIS A 326 20.71 38.32 18.08
C HIS A 326 21.98 39.08 17.69
N ALA A 327 23.02 39.01 18.50
CA ALA A 327 24.30 39.64 18.19
C ALA A 327 25.19 38.76 17.33
N ARG A 328 24.75 37.57 16.97
CA ARG A 328 25.58 36.69 16.16
C ARG A 328 24.98 36.41 14.79
N VAL A 329 23.66 36.30 14.67
CA VAL A 329 23.04 35.91 13.40
C VAL A 329 22.58 37.12 12.60
N LYS A 330 22.18 38.18 13.29
CA LYS A 330 21.70 39.37 12.60
C LYS A 330 22.74 40.01 11.69
N PRO A 331 24.01 40.18 12.10
CA PRO A 331 25.00 40.68 11.13
C PRO A 331 25.14 39.81 9.90
N GLN A 332 25.02 38.49 10.04
CA GLN A 332 25.09 37.61 8.87
C GLN A 332 23.80 37.57 8.06
N LEU A 333 22.69 38.03 8.61
CA LEU A 333 21.43 38.01 7.88
C LEU A 333 21.23 39.24 7.01
N GLU A 334 22.05 40.27 7.17
CA GLU A 334 21.95 41.44 6.30
C GLU A 334 22.43 41.09 4.90
N ALA A 335 23.56 40.40 4.81
CA ALA A 335 24.07 40.06 3.49
C ALA A 335 23.25 38.93 2.89
N LEU A 336 22.63 38.10 3.74
CA LEU A 336 21.86 36.97 3.25
C LEU A 336 20.52 37.42 2.67
N ARG A 337 19.93 38.49 3.19
CA ARG A 337 18.71 39.01 2.58
C ARG A 337 19.01 39.70 1.26
N GLU A 338 20.22 40.23 1.09
CA GLU A 338 20.58 40.89 -0.16
C GLU A 338 20.70 39.89 -1.31
N LYS A 339 21.22 38.69 -1.04
CA LYS A 339 21.35 37.70 -2.09
C LYS A 339 20.02 37.10 -2.53
N LEU A 340 18.93 37.39 -1.82
CA LEU A 340 17.60 36.90 -2.18
C LEU A 340 16.64 38.11 -2.15
N LYS A 341 16.57 38.83 -3.25
CA LYS A 341 15.69 39.99 -3.39
C LYS A 341 14.63 39.69 -4.43
N GLY A 342 13.37 39.80 -4.04
CA GLY A 342 12.27 39.57 -4.96
C GLY A 342 12.12 38.13 -5.41
N ILE A 343 12.74 37.19 -4.71
CA ILE A 343 12.62 35.78 -5.05
C ILE A 343 11.31 35.24 -4.48
N LYS A 344 10.59 34.49 -5.29
CA LYS A 344 9.28 33.98 -4.90
C LYS A 344 9.43 32.59 -4.29
N GLY A 345 8.69 32.36 -3.20
CA GLY A 345 8.69 31.08 -2.53
C GLY A 345 7.29 30.49 -2.43
N PHE A 346 7.24 29.25 -1.95
CA PHE A 346 5.98 28.53 -1.88
C PHE A 346 6.18 27.29 -1.01
N VAL A 347 5.32 27.10 -0.01
CA VAL A 347 5.42 25.99 0.91
C VAL A 347 4.28 25.03 0.60
N SER A 348 4.62 23.79 0.26
CA SER A 348 3.62 22.77 -0.08
C SER A 348 3.90 21.50 0.71
N THR A 349 3.47 21.46 1.96
CA THR A 349 3.57 20.26 2.78
C THR A 349 3.01 20.56 4.16
N GLY A 350 2.62 19.51 4.86
CA GLY A 350 2.33 19.52 6.29
C GLY A 350 1.25 20.53 6.66
N SER A 351 1.16 20.79 7.96
CA SER A 351 0.18 21.69 8.52
C SER A 351 0.79 22.82 9.34
N ALA A 352 1.67 22.50 10.28
CA ALA A 352 2.28 23.48 11.16
C ALA A 352 3.78 23.66 10.91
N TYR A 353 4.46 22.62 10.44
CA TYR A 353 5.85 22.76 10.00
C TYR A 353 5.85 23.30 8.59
N ALA A 354 4.86 24.14 8.30
CA ALA A 354 4.69 24.78 7.01
C ALA A 354 4.40 26.25 7.25
N HIS A 355 3.62 26.57 8.28
CA HIS A 355 3.48 27.97 8.66
C HIS A 355 4.78 28.51 9.20
N GLY A 356 5.65 27.63 9.69
CA GLY A 356 6.94 28.05 10.19
C GLY A 356 7.84 28.48 9.05
N MET A 357 7.84 27.71 7.97
CA MET A 357 8.54 28.16 6.76
C MET A 357 7.94 29.45 6.21
N ILE A 358 6.62 29.51 6.03
CA ILE A 358 6.00 30.73 5.53
C ILE A 358 6.37 31.95 6.38
N GLN A 359 6.78 31.72 7.63
CA GLN A 359 7.17 32.86 8.46
C GLN A 359 8.67 33.12 8.46
N VAL A 360 9.48 32.06 8.38
CA VAL A 360 10.93 32.24 8.31
C VAL A 360 11.33 32.86 6.97
N LEU A 361 10.63 32.48 5.90
CA LEU A 361 10.99 33.01 4.58
C LEU A 361 10.80 34.52 4.53
N ARG A 362 9.76 35.03 5.19
CA ARG A 362 9.60 36.47 5.30
C ARG A 362 10.80 37.08 6.02
N GLU A 363 11.37 36.34 6.98
CA GLU A 363 12.55 36.81 7.67
C GLU A 363 13.71 37.01 6.71
N LEU A 364 13.72 36.29 5.60
CA LEU A 364 14.72 36.46 4.55
C LEU A 364 14.26 37.39 3.44
N GLY A 365 13.06 37.95 3.55
CA GLY A 365 12.55 38.83 2.52
C GLY A 365 12.03 38.13 1.29
N VAL A 366 11.93 36.81 1.31
CA VAL A 366 11.44 36.05 0.16
C VAL A 366 9.94 36.27 0.02
N THR A 367 9.48 36.45 -1.22
CA THR A 367 8.07 36.62 -1.49
C THR A 367 7.38 35.25 -1.43
N VAL A 368 6.28 35.19 -0.69
CA VAL A 368 5.47 33.98 -0.56
C VAL A 368 4.02 34.41 -0.71
N ASP A 369 3.45 34.18 -1.90
CA ASP A 369 2.06 34.56 -2.18
C ASP A 369 1.15 33.36 -2.37
N GLY A 370 1.60 32.16 -1.99
CA GLY A 370 0.78 30.97 -2.06
C GLY A 370 1.42 29.81 -1.32
N SER A 371 0.60 28.85 -0.88
CA SER A 371 1.11 27.73 -0.11
C SER A 371 0.10 26.59 -0.19
N LEU A 372 0.56 25.40 0.21
CA LEU A 372 -0.28 24.20 0.22
C LEU A 372 0.03 23.39 1.46
N VAL A 373 -0.92 23.34 2.39
CA VAL A 373 -0.81 22.52 3.59
C VAL A 373 -1.77 21.35 3.45
N PHE A 374 -1.33 20.19 3.93
CA PHE A 374 -2.09 18.97 3.68
C PHE A 374 -3.30 18.85 4.57
N HIS A 375 -3.35 19.57 5.69
CA HIS A 375 -4.56 19.68 6.48
C HIS A 375 -4.45 20.90 7.37
N HIS A 376 -5.53 21.19 8.08
CA HIS A 376 -5.58 22.33 8.98
C HIS A 376 -6.46 21.98 10.17
N ASP A 377 -5.87 22.02 11.36
CA ASP A 377 -6.61 21.74 12.59
C ASP A 377 -7.10 23.07 13.16
N PRO A 378 -8.40 23.35 13.15
CA PRO A 378 -8.88 24.62 13.72
C PRO A 378 -8.55 24.78 15.19
N VAL A 379 -8.56 23.69 15.96
CA VAL A 379 -8.25 23.70 17.37
C VAL A 379 -7.23 22.60 17.62
N TYR A 380 -6.56 22.67 18.77
CA TYR A 380 -5.57 21.68 19.16
C TYR A 380 -6.04 20.92 20.39
N ASP A 381 -5.35 19.82 20.69
CA ASP A 381 -5.72 19.01 21.85
C ASP A 381 -5.55 19.80 23.13
N SER A 382 -4.53 20.65 23.19
CA SER A 382 -4.38 21.54 24.34
C SER A 382 -5.52 22.53 24.43
N GLN A 383 -6.26 22.73 23.34
CA GLN A 383 -7.42 23.61 23.31
C GLN A 383 -7.08 25.04 23.68
N ASP A 384 -5.81 25.41 23.63
CA ASP A 384 -5.41 26.75 24.05
C ASP A 384 -5.51 27.72 22.88
N PRO A 385 -6.21 28.84 23.02
CA PRO A 385 -6.27 29.81 21.91
C PRO A 385 -4.91 30.35 21.53
N ARG A 386 -4.00 30.50 22.48
CA ARG A 386 -2.67 31.04 22.20
C ARG A 386 -1.71 29.95 21.72
N GLN A 387 -2.18 29.14 20.77
CA GLN A 387 -1.33 28.14 20.14
C GLN A 387 -1.63 28.01 18.65
N ASP A 388 -2.28 29.01 18.06
CA ASP A 388 -2.62 28.98 16.65
C ASP A 388 -1.37 29.34 15.84
N SER A 389 -0.90 28.39 15.03
CA SER A 389 0.23 28.66 14.15
C SER A 389 -0.16 29.58 13.00
N LEU A 390 -1.37 29.40 12.47
CA LEU A 390 -1.83 30.23 11.36
C LEU A 390 -2.00 31.69 11.80
N ALA A 391 -2.55 31.91 12.99
CA ALA A 391 -2.71 33.28 13.48
C ALA A 391 -1.36 33.94 13.66
N HIS A 392 -0.37 33.22 14.19
CA HIS A 392 0.97 33.76 14.32
C HIS A 392 1.57 34.09 12.96
N LEU A 393 1.35 33.22 11.97
CA LEU A 393 1.89 33.46 10.64
C LEU A 393 1.24 34.65 9.96
N VAL A 394 -0.03 34.91 10.24
CA VAL A 394 -0.75 35.97 9.55
C VAL A 394 -0.59 37.31 10.25
N ASP A 395 -0.80 37.35 11.56
CA ASP A 395 -0.70 38.60 12.30
C ASP A 395 0.71 39.17 12.23
N ASN A 396 1.70 38.32 12.47
CA ASN A 396 3.09 38.67 12.24
C ASN A 396 3.56 38.05 10.93
N TYR A 397 4.24 38.83 10.12
CA TYR A 397 4.74 38.45 8.80
C TYR A 397 3.67 38.43 7.72
N GLY A 398 2.54 39.10 7.93
CA GLY A 398 1.59 39.32 6.86
C GLY A 398 0.80 38.08 6.45
N ASP A 399 0.05 38.24 5.36
CA ASP A 399 -0.91 37.26 4.88
C ASP A 399 -0.39 36.52 3.66
N VAL A 400 -1.01 35.38 3.38
CA VAL A 400 -0.79 34.60 2.17
C VAL A 400 -2.08 34.65 1.36
N GLY A 401 -1.98 35.11 0.12
CA GLY A 401 -3.16 35.38 -0.68
C GLY A 401 -3.69 34.21 -1.48
N HIS A 402 -2.89 33.16 -1.64
CA HIS A 402 -3.32 31.97 -2.36
C HIS A 402 -3.14 30.74 -1.48
N PHE A 403 -3.64 30.82 -0.26
CA PHE A 403 -3.55 29.70 0.66
C PHE A 403 -4.49 28.60 0.23
N SER A 404 -4.03 27.35 0.30
CA SER A 404 -4.83 26.23 -0.18
C SER A 404 -4.53 24.99 0.64
N VAL A 405 -5.58 24.26 0.97
CA VAL A 405 -5.49 23.02 1.74
C VAL A 405 -5.91 21.88 0.84
N GLY A 406 -5.10 20.83 0.79
CA GLY A 406 -5.40 19.67 -0.03
C GLY A 406 -4.58 18.48 0.41
N ASN A 407 -5.23 17.33 0.58
CA ASN A 407 -4.62 16.20 1.25
C ASN A 407 -3.62 15.48 0.35
N ARG A 408 -2.59 16.23 -0.04
CA ARG A 408 -1.49 15.72 -0.85
C ARG A 408 -1.98 15.19 -2.19
N GLN A 409 -2.65 16.07 -2.94
CA GLN A 409 -3.16 15.77 -4.26
C GLN A 409 -2.41 16.63 -5.27
N GLN A 410 -1.80 15.99 -6.27
CA GLN A 410 -0.97 16.72 -7.22
C GLN A 410 -1.68 17.04 -8.52
N PHE A 411 -2.98 16.76 -8.65
CA PHE A 411 -3.75 17.36 -9.74
C PHE A 411 -4.12 18.79 -9.39
N GLN A 412 -4.10 19.14 -8.11
CA GLN A 412 -4.41 20.48 -7.64
C GLN A 412 -3.15 21.29 -7.42
N PHE A 413 -2.03 20.60 -7.18
CA PHE A 413 -0.76 21.29 -6.99
C PHE A 413 -0.35 21.97 -8.29
N TYR A 414 -0.64 21.34 -9.43
CA TYR A 414 -0.28 21.94 -10.71
C TYR A 414 -1.00 23.26 -10.92
N GLY A 415 -2.30 23.29 -10.59
CA GLY A 415 -3.04 24.53 -10.68
C GLY A 415 -2.48 25.60 -9.76
N LEU A 416 -2.13 25.23 -8.54
CA LEU A 416 -1.57 26.21 -7.63
C LEU A 416 -0.23 26.72 -8.12
N LEU A 417 0.61 25.83 -8.64
CA LEU A 417 1.92 26.21 -9.14
C LEU A 417 1.82 27.19 -10.30
N GLN A 418 0.92 26.93 -11.26
CA GLN A 418 0.73 27.89 -12.32
C GLN A 418 0.00 29.15 -11.85
N ARG A 419 -0.71 29.09 -10.72
CA ARG A 419 -1.37 30.29 -10.26
C ARG A 419 -0.36 31.27 -9.67
N VAL A 420 0.58 30.79 -8.86
CA VAL A 420 1.52 31.68 -8.18
C VAL A 420 2.86 31.77 -8.92
N LYS A 421 3.27 30.67 -9.55
CA LYS A 421 4.51 30.64 -10.32
C LYS A 421 5.74 31.02 -9.50
N PRO A 422 6.10 30.24 -8.49
CA PRO A 422 7.22 30.61 -7.61
C PRO A 422 8.56 30.15 -8.17
N ASP A 423 9.62 30.81 -7.70
CA ASP A 423 10.97 30.40 -8.08
C ASP A 423 11.35 29.07 -7.45
N PHE A 424 10.97 28.86 -6.18
CA PHE A 424 11.27 27.62 -5.48
C PHE A 424 10.13 27.31 -4.52
N ILE A 425 9.97 26.04 -4.20
CA ILE A 425 8.96 25.60 -3.24
C ILE A 425 9.66 24.95 -2.04
N ILE A 426 8.90 24.77 -0.97
CA ILE A 426 9.37 24.07 0.23
C ILE A 426 8.52 22.83 0.42
N ILE A 427 9.17 21.68 0.48
CA ILE A 427 8.49 20.40 0.69
C ILE A 427 9.18 19.66 1.81
N ARG A 428 8.43 18.82 2.49
CA ARG A 428 8.99 17.82 3.39
C ARG A 428 8.46 16.42 3.11
N HIS A 429 7.18 16.30 2.77
CA HIS A 429 6.58 15.01 2.45
C HIS A 429 6.64 14.76 0.94
N ASN A 430 6.65 13.49 0.58
CA ASN A 430 6.78 13.11 -0.82
C ASN A 430 5.49 13.37 -1.59
N GLY A 431 5.61 13.35 -2.91
CA GLY A 431 4.47 13.37 -3.81
C GLY A 431 4.23 14.69 -4.52
N LEU A 432 4.77 15.80 -4.02
CA LEU A 432 4.53 17.10 -4.63
C LEU A 432 5.75 17.68 -5.33
N ALA A 433 6.95 17.39 -4.84
CA ALA A 433 8.16 17.94 -5.47
C ALA A 433 8.33 17.50 -6.91
N PRO A 434 8.14 16.23 -7.28
CA PRO A 434 8.39 15.84 -8.68
C PRO A 434 7.51 16.56 -9.69
N LEU A 435 6.27 16.89 -9.33
CA LEU A 435 5.42 17.65 -10.24
C LEU A 435 6.01 19.02 -10.50
N ALA A 436 6.46 19.70 -9.45
CA ALA A 436 7.09 21.01 -9.61
C ALA A 436 8.39 20.90 -10.40
N SER A 437 9.12 19.80 -10.20
CA SER A 437 10.33 19.57 -10.96
C SER A 437 10.02 19.45 -12.45
N ARG A 438 8.94 18.74 -12.79
CA ARG A 438 8.52 18.67 -14.18
C ARG A 438 8.02 20.00 -14.71
N LEU A 439 7.68 20.93 -13.83
CA LEU A 439 7.34 22.29 -14.22
C LEU A 439 8.53 23.24 -14.15
N GLY A 440 9.70 22.77 -13.75
CA GLY A 440 10.86 23.62 -13.65
C GLY A 440 10.96 24.44 -12.38
N ILE A 441 10.36 23.98 -11.29
CA ILE A 441 10.35 24.73 -10.03
C ILE A 441 11.08 23.93 -8.97
N PRO A 442 12.28 24.35 -8.55
CA PRO A 442 13.01 23.57 -7.54
C PRO A 442 12.36 23.62 -6.17
N ALA A 443 12.64 22.59 -5.37
CA ALA A 443 12.06 22.42 -4.05
C ALA A 443 13.17 22.26 -3.01
N ILE A 444 12.89 22.73 -1.79
CA ILE A 444 13.80 22.57 -0.66
C ILE A 444 13.31 21.38 0.16
N PRO A 445 14.04 20.25 0.20
CA PRO A 445 13.64 19.14 1.05
C PRO A 445 14.16 19.32 2.47
N LEU A 446 13.27 19.23 3.46
CA LEU A 446 13.62 19.50 4.84
C LEU A 446 13.34 18.32 5.75
N GLY A 447 13.78 17.12 5.36
CA GLY A 447 13.57 15.96 6.21
C GLY A 447 14.14 16.15 7.60
N ASP A 448 15.34 16.72 7.69
CA ASP A 448 15.91 17.14 8.97
C ASP A 448 15.15 18.37 9.44
N GLU A 449 14.17 18.16 10.32
CA GLU A 449 13.27 19.23 10.74
C GLU A 449 13.94 20.28 11.61
N HIS A 450 15.15 20.02 12.10
CA HIS A 450 15.86 20.99 12.93
C HIS A 450 16.73 21.93 12.12
N ILE A 451 16.83 21.74 10.80
CA ILE A 451 17.66 22.61 9.98
C ILE A 451 17.17 24.05 10.04
N ALA A 452 15.84 24.24 10.08
CA ALA A 452 15.24 25.56 10.05
C ALA A 452 14.71 26.00 11.40
N VAL A 453 15.21 25.39 12.49
CA VAL A 453 14.78 25.75 13.84
C VAL A 453 15.71 26.80 14.41
N GLY A 454 15.13 27.89 14.89
CA GLY A 454 15.88 28.91 15.58
C GLY A 454 16.67 29.82 14.65
N TYR A 455 17.58 30.56 15.29
CA TYR A 455 18.37 31.57 14.59
C TYR A 455 19.32 30.93 13.58
N GLN A 456 20.06 29.92 14.00
CA GLN A 456 20.83 29.15 13.04
C GLN A 456 19.91 28.48 12.03
N GLY A 457 18.65 28.26 12.40
CA GLY A 457 17.69 27.78 11.42
C GLY A 457 17.47 28.76 10.29
N ILE A 458 17.29 30.04 10.63
CA ILE A 458 17.15 31.06 9.59
C ILE A 458 18.41 31.12 8.74
N LEU A 459 19.58 31.10 9.38
CA LEU A 459 20.83 31.19 8.64
C LEU A 459 21.05 29.98 7.75
N ASN A 460 20.54 28.82 8.14
CA ASN A 460 20.63 27.63 7.30
C ASN A 460 19.62 27.67 6.16
N LEU A 461 18.43 28.21 6.40
CA LEU A 461 17.43 28.23 5.34
C LEU A 461 17.79 29.23 4.26
N GLY A 462 18.51 30.29 4.61
CA GLY A 462 19.00 31.19 3.57
C GLY A 462 19.98 30.49 2.65
N GLU A 463 20.94 29.77 3.23
CA GLU A 463 21.88 29.01 2.42
C GLU A 463 21.16 27.94 1.60
N SER A 464 20.15 27.31 2.18
CA SER A 464 19.40 26.29 1.45
C SER A 464 18.71 26.90 0.23
N ILE A 465 18.10 28.07 0.39
CA ILE A 465 17.46 28.73 -0.75
C ILE A 465 18.50 29.08 -1.81
N LEU A 466 19.65 29.60 -1.39
CA LEU A 466 20.69 29.92 -2.36
C LEU A 466 21.14 28.69 -3.13
N ASP A 467 21.38 27.58 -2.42
CA ASP A 467 21.81 26.35 -3.08
C ASP A 467 20.75 25.84 -4.04
N VAL A 468 19.49 25.84 -3.62
CA VAL A 468 18.40 25.34 -4.44
C VAL A 468 18.23 26.19 -5.71
N LEU A 469 18.30 27.51 -5.57
CA LEU A 469 18.20 28.36 -6.75
C LEU A 469 19.31 28.07 -7.74
N ALA A 470 20.49 27.65 -7.24
CA ALA A 470 21.53 27.19 -8.15
C ALA A 470 21.14 25.87 -8.80
N HIS A 471 20.34 25.05 -8.13
CA HIS A 471 19.94 23.76 -8.66
C HIS A 471 18.84 23.86 -9.69
N ARG A 472 18.42 25.09 -10.02
CA ARG A 472 17.28 25.30 -10.89
C ARG A 472 17.52 24.78 -12.30
N LYS A 473 18.77 24.53 -12.67
CA LYS A 473 19.07 24.11 -14.03
C LYS A 473 18.58 22.69 -14.32
N PHE A 474 18.52 21.84 -13.29
CA PHE A 474 18.01 20.49 -13.49
C PHE A 474 16.51 20.50 -13.80
N HIS A 475 15.75 21.25 -13.01
CA HIS A 475 14.30 21.28 -13.19
C HIS A 475 13.90 21.98 -14.48
N GLU A 476 14.67 22.97 -14.91
CA GLU A 476 14.40 23.61 -16.19
C GLU A 476 14.73 22.68 -17.36
N ASP A 477 15.72 21.81 -17.19
CA ASP A 477 16.01 20.84 -18.24
C ASP A 477 14.93 19.77 -18.30
N ILE A 478 14.42 19.34 -17.14
CA ILE A 478 13.34 18.37 -17.12
C ILE A 478 12.07 18.95 -17.71
N ALA A 479 11.75 20.20 -17.37
CA ALA A 479 10.49 20.78 -17.78
C ALA A 479 10.38 20.91 -19.29
N ALA A 480 11.51 20.99 -19.99
CA ALA A 480 11.50 21.17 -21.43
C ALA A 480 11.48 19.86 -22.21
N HIS A 481 11.59 18.71 -21.54
CA HIS A 481 11.66 17.42 -22.22
C HIS A 481 10.79 16.39 -21.51
N VAL A 482 9.65 16.81 -20.96
CA VAL A 482 8.77 15.93 -20.21
C VAL A 482 7.34 16.22 -20.61
N ARG A 483 6.48 15.21 -20.47
CA ARG A 483 5.05 15.34 -20.70
C ARG A 483 4.30 15.01 -19.43
N LEU A 484 3.46 15.93 -18.98
CA LEU A 484 2.60 15.66 -17.83
C LEU A 484 1.49 14.71 -18.22
N PRO A 485 1.04 13.85 -17.29
CA PRO A 485 -0.04 12.92 -17.62
C PRO A 485 -1.37 13.61 -17.81
N TYR A 486 -1.58 14.79 -17.22
CA TYR A 486 -2.85 15.46 -17.34
C TYR A 486 -3.12 15.84 -18.79
N ARG A 487 -4.38 16.06 -19.11
CA ARG A 487 -4.78 16.31 -20.50
C ARG A 487 -4.98 17.79 -20.72
N GLN A 488 -4.59 18.25 -21.92
CA GLN A 488 -4.61 19.68 -22.23
C GLN A 488 -6.00 20.27 -22.07
N ASP A 489 -7.06 19.47 -22.23
CA ASP A 489 -8.39 19.98 -21.96
C ASP A 489 -8.50 20.44 -20.51
N TRP A 490 -7.80 19.77 -19.60
CA TRP A 490 -7.83 20.06 -18.17
C TRP A 490 -6.60 20.85 -17.74
N LEU A 491 -5.45 20.55 -18.35
CA LEU A 491 -4.25 21.35 -18.10
C LEU A 491 -4.56 22.84 -18.18
N ALA A 492 -5.49 23.23 -19.05
CA ALA A 492 -5.93 24.62 -19.15
C ALA A 492 -6.72 25.03 -17.91
N THR B 22 5.49 -20.81 11.23
CA THR B 22 4.87 -19.64 11.84
C THR B 22 4.39 -18.64 10.80
N ASN B 23 3.47 -17.78 11.21
CA ASN B 23 2.87 -16.78 10.34
C ASN B 23 3.65 -15.48 10.31
N SER B 24 4.20 -15.06 11.45
CA SER B 24 4.83 -13.76 11.58
C SER B 24 5.85 -13.51 10.47
N ILE B 25 6.03 -12.23 10.15
CA ILE B 25 7.02 -11.77 9.19
C ILE B 25 7.65 -10.47 9.67
N GLU B 26 8.87 -10.55 10.19
CA GLU B 26 9.67 -9.38 10.47
C GLU B 26 10.30 -8.87 9.18
N GLN B 27 10.32 -7.54 9.02
CA GLN B 27 11.08 -6.89 7.95
C GLN B 27 10.65 -7.41 6.58
N VAL B 28 9.43 -6.99 6.22
CA VAL B 28 8.74 -7.54 5.05
C VAL B 28 9.65 -7.62 3.85
N ARG B 29 9.45 -8.67 3.05
CA ARG B 29 10.24 -8.93 1.86
C ARG B 29 9.48 -8.63 0.58
N TYR B 30 8.22 -8.22 0.67
CA TYR B 30 7.40 -7.90 -0.48
C TYR B 30 6.26 -7.01 0.01
N ILE B 31 5.36 -6.65 -0.90
CA ILE B 31 4.32 -5.69 -0.58
C ILE B 31 2.95 -6.27 -0.93
N CYS B 32 1.91 -5.44 -0.83
CA CYS B 32 0.54 -5.87 -1.04
C CYS B 32 0.30 -6.26 -2.49
N SER B 33 -0.78 -7.01 -2.70
CA SER B 33 -1.21 -7.36 -4.05
C SER B 33 -1.71 -6.13 -4.81
N ILE B 34 -2.25 -5.13 -4.10
CA ILE B 34 -2.60 -3.87 -4.73
C ILE B 34 -1.36 -3.11 -5.17
N GLY B 35 -0.18 -3.50 -4.70
CA GLY B 35 1.05 -2.91 -5.18
C GLY B 35 1.41 -3.29 -6.59
N ALA B 36 0.66 -4.19 -7.21
CA ALA B 36 0.79 -4.45 -8.64
C ALA B 36 0.26 -3.31 -9.49
N MET B 37 -0.20 -2.23 -8.86
CA MET B 37 -0.53 -1.02 -9.60
C MET B 37 0.67 -0.51 -10.38
N HIS B 38 1.88 -0.84 -9.91
CA HIS B 38 3.09 -0.46 -10.61
C HIS B 38 3.33 -1.32 -11.85
N SER B 39 2.76 -2.52 -11.90
CA SER B 39 2.78 -3.30 -13.12
C SER B 39 2.01 -2.59 -14.22
N ALA B 40 0.85 -2.02 -13.89
CA ALA B 40 0.10 -1.23 -14.85
C ALA B 40 0.80 0.10 -15.14
N SER B 41 1.29 0.77 -14.10
CA SER B 41 2.00 2.02 -14.29
C SER B 41 3.28 1.83 -15.10
N ALA B 42 3.85 0.63 -15.05
CA ALA B 42 5.05 0.35 -15.83
C ALA B 42 4.77 0.28 -17.32
N ILE B 43 3.53 0.01 -17.71
CA ILE B 43 3.16 0.08 -19.13
C ILE B 43 3.11 1.54 -19.55
N PRO B 44 3.77 1.94 -20.64
CA PRO B 44 3.73 3.34 -21.05
C PRO B 44 2.31 3.80 -21.32
N ARG B 45 2.02 5.03 -20.90
CA ARG B 45 0.72 5.67 -21.15
C ARG B 45 -0.43 4.92 -20.48
N VAL B 46 -0.14 4.26 -19.35
CA VAL B 46 -1.17 3.55 -18.59
C VAL B 46 -1.16 4.11 -17.17
N ILE B 47 -2.33 4.44 -16.66
CA ILE B 47 -2.47 4.99 -15.32
C ILE B 47 -3.40 4.09 -14.52
N PRO B 48 -2.92 3.38 -13.51
CA PRO B 48 -3.81 2.55 -12.69
C PRO B 48 -4.71 3.41 -11.83
N ILE B 49 -5.89 2.87 -11.52
CA ILE B 49 -6.84 3.47 -10.60
C ILE B 49 -7.04 2.49 -9.46
N THR B 50 -6.97 2.98 -8.24
CA THR B 50 -7.02 2.12 -7.06
C THR B 50 -8.28 2.41 -6.24
N HIS B 51 -8.97 1.34 -5.86
CA HIS B 51 -10.16 1.41 -5.03
C HIS B 51 -9.75 0.76 -3.72
N CYS B 52 -9.39 1.56 -2.73
CA CYS B 52 -8.73 1.05 -1.53
C CYS B 52 -8.76 2.13 -0.45
N GLY B 53 -8.03 1.89 0.63
CA GLY B 53 -7.94 2.83 1.72
C GLY B 53 -7.08 4.02 1.38
N PRO B 54 -7.04 5.00 2.29
CA PRO B 54 -6.37 6.27 1.96
C PRO B 54 -4.89 6.14 1.65
N GLY B 55 -4.19 5.19 2.26
CA GLY B 55 -2.76 5.14 2.15
C GLY B 55 -2.17 3.89 1.54
N CYS B 56 -2.98 3.09 0.84
CA CYS B 56 -2.42 1.91 0.22
C CYS B 56 -1.54 2.25 -0.98
N ALA B 57 -1.94 3.25 -1.76
CA ALA B 57 -1.17 3.58 -2.95
C ALA B 57 0.14 4.26 -2.57
N ASP B 58 0.08 5.19 -1.62
CA ASP B 58 1.29 5.89 -1.26
C ASP B 58 2.28 4.93 -0.63
N LYS B 59 1.79 4.05 0.24
CA LYS B 59 2.70 3.13 0.91
C LYS B 59 3.35 2.20 -0.11
N GLN B 60 2.57 1.71 -1.08
CA GLN B 60 3.14 0.73 -1.99
C GLN B 60 4.16 1.40 -2.88
N PHE B 61 3.87 2.62 -3.36
CA PHE B 61 4.85 3.33 -4.17
C PHE B 61 6.09 3.70 -3.38
N MET B 62 5.92 4.33 -2.22
CA MET B 62 7.06 4.81 -1.47
C MET B 62 7.95 3.69 -0.98
N ASN B 63 7.46 2.47 -0.96
CA ASN B 63 8.31 1.38 -0.51
C ASN B 63 8.83 0.50 -1.63
N VAL B 64 8.09 0.29 -2.72
CA VAL B 64 8.62 -0.54 -3.79
C VAL B 64 9.44 0.25 -4.80
N ALA B 65 9.25 1.56 -4.89
CA ALA B 65 9.94 2.38 -5.87
C ALA B 65 10.90 3.38 -5.24
N PHE B 66 10.40 4.25 -4.35
CA PHE B 66 11.22 5.37 -3.91
C PHE B 66 12.32 4.97 -2.94
N TYR B 67 12.04 4.02 -2.04
CA TYR B 67 13.07 3.53 -1.13
C TYR B 67 13.53 2.13 -1.51
N ASN B 68 13.44 1.82 -2.80
CA ASN B 68 13.90 0.58 -3.40
C ASN B 68 14.69 0.87 -4.65
N GLY B 69 15.68 1.76 -4.52
CA GLY B 69 16.47 2.23 -5.64
C GLY B 69 16.21 3.66 -6.00
N PHE B 70 15.33 4.35 -5.28
CA PHE B 70 15.01 5.75 -5.55
C PHE B 70 14.54 5.93 -6.98
N GLN B 71 13.76 4.96 -7.47
CA GLN B 71 13.06 5.09 -8.73
C GLN B 71 11.84 5.99 -8.55
N GLY B 72 11.46 6.66 -9.63
CA GLY B 72 10.40 7.64 -9.56
C GLY B 72 9.04 7.06 -9.93
N GLY B 73 8.02 7.90 -9.78
CA GLY B 73 6.68 7.47 -10.14
C GLY B 73 6.54 7.19 -11.62
N GLY B 74 7.21 7.98 -12.44
CA GLY B 74 7.15 7.81 -13.88
C GLY B 74 6.05 8.65 -14.50
N TYR B 75 5.43 8.14 -15.56
CA TYR B 75 4.37 8.88 -16.23
C TYR B 75 3.06 8.80 -15.46
N GLY B 76 2.62 7.58 -15.15
CA GLY B 76 1.35 7.38 -14.47
C GLY B 76 1.47 6.67 -13.15
N GLY B 77 2.56 6.93 -12.43
CA GLY B 77 2.78 6.33 -11.12
C GLY B 77 3.11 7.39 -10.09
N GLY B 78 3.39 6.90 -8.88
CA GLY B 78 3.70 7.78 -7.77
C GLY B 78 2.47 8.47 -7.22
N ALA B 79 2.45 9.79 -7.30
CA ALA B 79 1.29 10.57 -6.87
C ALA B 79 0.31 10.84 -8.00
N VAL B 80 0.57 10.31 -9.19
CA VAL B 80 -0.39 10.43 -10.30
C VAL B 80 -1.54 9.46 -10.20
N VAL B 81 -1.36 8.33 -9.51
CA VAL B 81 -2.36 7.28 -9.44
C VAL B 81 -3.62 7.79 -8.77
N PRO B 82 -4.79 7.74 -9.42
CA PRO B 82 -6.03 8.08 -8.72
C PRO B 82 -6.36 7.00 -7.70
N SER B 83 -7.01 7.42 -6.62
CA SER B 83 -7.38 6.49 -5.56
C SER B 83 -8.70 6.93 -4.94
N THR B 84 -9.53 5.96 -4.56
CA THR B 84 -10.80 6.30 -3.92
C THR B 84 -10.59 6.79 -2.50
N ASN B 85 -9.56 6.30 -1.81
CA ASN B 85 -9.28 6.67 -0.42
C ASN B 85 -10.50 6.40 0.46
N ALA B 86 -10.84 5.12 0.56
CA ALA B 86 -12.05 4.70 1.24
C ALA B 86 -12.10 5.21 2.67
N THR B 87 -13.11 6.02 2.97
CA THR B 87 -13.34 6.52 4.32
C THR B 87 -14.22 5.53 5.08
N GLU B 88 -14.73 5.95 6.24
CA GLU B 88 -15.67 5.11 6.97
C GLU B 88 -17.01 4.99 6.25
N ARG B 89 -17.32 5.94 5.37
CA ARG B 89 -18.58 5.88 4.64
C ARG B 89 -18.51 4.85 3.51
N GLU B 90 -17.34 4.71 2.87
CA GLU B 90 -17.18 3.74 1.80
C GLU B 90 -17.10 2.31 2.31
N VAL B 91 -17.04 2.10 3.62
CA VAL B 91 -16.99 0.76 4.20
C VAL B 91 -18.37 0.34 4.70
N VAL B 92 -19.01 1.21 5.49
CA VAL B 92 -20.30 0.86 6.06
C VAL B 92 -21.38 0.82 4.98
N PHE B 93 -21.30 1.73 4.00
CA PHE B 93 -22.33 1.84 2.98
C PHE B 93 -21.86 1.46 1.59
N GLY B 94 -20.62 1.03 1.43
CA GLY B 94 -20.10 0.68 0.13
C GLY B 94 -19.55 1.89 -0.62
N GLY B 95 -18.70 1.60 -1.60
CA GLY B 95 -18.03 2.65 -2.34
C GLY B 95 -17.97 2.39 -3.83
N ALA B 96 -18.96 1.68 -4.36
CA ALA B 96 -19.02 1.49 -5.82
C ALA B 96 -19.31 2.79 -6.52
N GLU B 97 -20.16 3.64 -5.94
CA GLU B 97 -20.45 4.92 -6.57
C GLU B 97 -19.24 5.84 -6.50
N ARG B 98 -18.40 5.69 -5.47
CA ARG B 98 -17.16 6.45 -5.43
C ARG B 98 -16.23 6.04 -6.56
N LEU B 99 -16.13 4.74 -6.83
CA LEU B 99 -15.30 4.29 -7.94
C LEU B 99 -15.86 4.74 -9.28
N ASP B 100 -17.19 4.70 -9.44
CA ASP B 100 -17.81 5.21 -10.66
C ASP B 100 -17.50 6.68 -10.87
N GLU B 101 -17.68 7.48 -9.81
CA GLU B 101 -17.39 8.90 -9.89
C GLU B 101 -15.92 9.16 -10.17
N LEU B 102 -15.04 8.38 -9.55
CA LEU B 102 -13.61 8.55 -9.77
C LEU B 102 -13.24 8.26 -11.21
N ILE B 103 -13.82 7.21 -11.80
CA ILE B 103 -13.52 6.90 -13.19
C ILE B 103 -14.07 7.99 -14.10
N GLY B 104 -15.27 8.49 -13.81
CA GLY B 104 -15.83 9.57 -14.60
C GLY B 104 -14.97 10.82 -14.58
N ALA B 105 -14.45 11.17 -13.40
CA ALA B 105 -13.59 12.34 -13.29
C ALA B 105 -12.20 12.08 -13.86
N SER B 106 -11.72 10.85 -13.77
CA SER B 106 -10.40 10.52 -14.28
C SER B 106 -10.36 10.53 -15.79
N LEU B 107 -11.47 10.14 -16.44
CA LEU B 107 -11.51 10.16 -17.89
C LEU B 107 -11.35 11.58 -18.44
N GLN B 108 -11.62 12.61 -17.63
CA GLN B 108 -11.49 13.99 -18.05
C GLN B 108 -10.31 14.72 -17.45
N VAL B 109 -9.78 14.27 -16.32
CA VAL B 109 -8.61 14.90 -15.71
C VAL B 109 -7.31 14.38 -16.32
N LEU B 110 -7.19 13.06 -16.46
CA LEU B 110 -5.94 12.42 -16.87
C LEU B 110 -5.99 11.99 -18.33
N ASP B 111 -4.81 11.87 -18.92
CA ASP B 111 -4.63 11.46 -20.31
C ASP B 111 -3.89 10.14 -20.34
N ALA B 112 -4.65 9.04 -20.44
CA ALA B 112 -4.08 7.70 -20.42
C ALA B 112 -4.60 6.91 -21.60
N ASP B 113 -3.74 6.07 -22.18
CA ASP B 113 -4.19 5.12 -23.18
C ASP B 113 -5.14 4.10 -22.59
N LEU B 114 -4.83 3.64 -21.38
CA LEU B 114 -5.59 2.60 -20.69
C LEU B 114 -5.65 2.96 -19.21
N PHE B 115 -6.81 2.72 -18.61
CA PHE B 115 -6.98 2.84 -17.17
C PHE B 115 -7.20 1.45 -16.58
N VAL B 116 -6.51 1.18 -15.48
CA VAL B 116 -6.61 -0.10 -14.77
C VAL B 116 -7.17 0.18 -13.39
N VAL B 117 -8.24 -0.53 -13.03
CA VAL B 117 -8.89 -0.37 -11.73
C VAL B 117 -8.40 -1.50 -10.83
N LEU B 118 -7.85 -1.13 -9.69
CA LEU B 118 -7.32 -2.08 -8.71
C LEU B 118 -8.06 -1.88 -7.40
N THR B 119 -8.76 -2.91 -6.95
CA THR B 119 -9.49 -2.85 -5.69
C THR B 119 -8.62 -3.28 -4.53
N GLY B 120 -8.78 -2.61 -3.40
CA GLY B 120 -8.04 -2.94 -2.20
C GLY B 120 -8.70 -4.06 -1.43
N CYS B 121 -8.27 -4.21 -0.18
CA CYS B 121 -8.85 -5.22 0.69
C CYS B 121 -10.23 -4.84 1.20
N ILE B 122 -10.58 -3.56 1.17
CA ILE B 122 -11.88 -3.11 1.64
C ILE B 122 -12.95 -3.46 0.63
N PRO B 123 -12.84 -3.09 -0.64
CA PRO B 123 -13.90 -3.47 -1.58
C PRO B 123 -14.03 -4.98 -1.70
N ASP B 124 -12.93 -5.72 -1.51
CA ASP B 124 -12.99 -7.17 -1.60
C ASP B 124 -13.66 -7.79 -0.38
N LEU B 125 -13.47 -7.20 0.80
CA LEU B 125 -14.13 -7.72 1.98
C LEU B 125 -15.60 -7.33 2.01
N VAL B 126 -15.90 -6.07 1.69
CA VAL B 126 -17.27 -5.56 1.72
C VAL B 126 -18.11 -6.21 0.63
N GLY B 127 -17.50 -6.50 -0.52
CA GLY B 127 -18.22 -7.11 -1.61
C GLY B 127 -18.82 -6.12 -2.58
N ASP B 128 -18.08 -5.05 -2.89
CA ASP B 128 -18.55 -4.05 -3.83
C ASP B 128 -18.64 -4.64 -5.22
N ASP B 129 -19.73 -4.31 -5.93
CA ASP B 129 -19.97 -4.83 -7.28
C ASP B 129 -19.21 -3.97 -8.28
N ILE B 130 -17.92 -4.26 -8.41
CA ILE B 130 -17.04 -3.45 -9.26
C ILE B 130 -17.40 -3.62 -10.72
N GLY B 131 -17.76 -4.85 -11.13
CA GLY B 131 -18.10 -5.09 -12.52
C GLY B 131 -19.28 -4.25 -12.98
N SER B 132 -20.27 -4.07 -12.10
CA SER B 132 -21.43 -3.25 -12.45
C SER B 132 -21.08 -1.79 -12.67
N VAL B 133 -19.91 -1.34 -12.26
CA VAL B 133 -19.48 0.04 -12.46
C VAL B 133 -18.56 0.17 -13.66
N VAL B 134 -17.57 -0.70 -13.78
CA VAL B 134 -16.61 -0.60 -14.88
C VAL B 134 -17.22 -1.09 -16.19
N GLY B 135 -18.15 -2.05 -16.14
CA GLY B 135 -18.75 -2.59 -17.34
C GLY B 135 -19.43 -1.56 -18.22
N PRO B 136 -20.24 -0.68 -17.62
CA PRO B 136 -20.84 0.40 -18.43
C PRO B 136 -19.82 1.23 -19.17
N TYR B 137 -18.68 1.52 -18.58
CA TYR B 137 -17.65 2.28 -19.28
C TYR B 137 -17.10 1.50 -20.47
N GLN B 138 -16.85 0.20 -20.28
CA GLN B 138 -16.34 -0.61 -21.38
C GLN B 138 -17.34 -0.70 -22.51
N LYS B 139 -18.63 -0.78 -22.19
CA LYS B 139 -19.65 -0.85 -23.23
C LYS B 139 -19.71 0.40 -24.07
N ARG B 140 -19.17 1.51 -23.60
CA ARG B 140 -19.05 2.73 -24.39
C ARG B 140 -17.77 2.77 -25.22
N GLY B 141 -16.92 1.75 -25.11
CA GLY B 141 -15.64 1.77 -25.79
C GLY B 141 -14.52 2.39 -25.00
N VAL B 142 -14.75 2.74 -23.74
CA VAL B 142 -13.69 3.32 -22.91
C VAL B 142 -12.62 2.27 -22.64
N PRO B 143 -11.34 2.54 -22.88
CA PRO B 143 -10.29 1.57 -22.53
C PRO B 143 -10.05 1.53 -21.03
N ILE B 144 -10.87 0.76 -20.31
CA ILE B 144 -10.71 0.62 -18.87
C ILE B 144 -10.80 -0.86 -18.50
N VAL B 145 -10.22 -1.20 -17.36
CA VAL B 145 -10.08 -2.59 -16.92
C VAL B 145 -10.17 -2.60 -15.40
N TYR B 146 -10.73 -3.68 -14.85
CA TYR B 146 -10.83 -3.85 -13.41
C TYR B 146 -10.25 -5.19 -12.99
N ALA B 147 -9.52 -5.18 -11.89
CA ALA B 147 -8.93 -6.37 -11.30
C ALA B 147 -9.21 -6.38 -9.80
N GLU B 148 -9.34 -7.58 -9.25
CA GLU B 148 -9.66 -7.78 -7.83
C GLU B 148 -8.36 -8.15 -7.11
N THR B 149 -7.75 -7.17 -6.43
CA THR B 149 -6.46 -7.37 -5.75
C THR B 149 -6.59 -6.89 -4.31
N GLY B 150 -7.12 -7.76 -3.45
CA GLY B 150 -7.22 -7.45 -2.05
C GLY B 150 -5.95 -7.76 -1.30
N GLY B 151 -5.82 -7.17 -0.12
CA GLY B 151 -4.61 -7.38 0.66
C GLY B 151 -4.43 -8.82 1.09
N PHE B 152 -5.53 -9.48 1.39
CA PHE B 152 -5.51 -10.86 1.85
C PHE B 152 -5.28 -11.86 0.73
N ARG B 153 -5.37 -11.43 -0.53
CA ARG B 153 -5.21 -12.36 -1.64
C ARG B 153 -3.78 -12.81 -1.81
N GLY B 154 -2.82 -11.94 -1.54
CA GLY B 154 -1.43 -12.29 -1.69
C GLY B 154 -0.56 -11.05 -1.69
N ASN B 155 0.67 -11.21 -2.19
CA ASN B 155 1.61 -10.11 -2.32
C ASN B 155 1.49 -9.51 -3.72
N ASN B 156 2.45 -8.67 -4.10
CA ASN B 156 2.39 -7.96 -5.37
C ASN B 156 2.62 -8.87 -6.56
N PHE B 157 3.15 -10.08 -6.37
CA PHE B 157 3.30 -11.02 -7.47
C PHE B 157 1.95 -11.55 -7.93
N THR B 158 1.12 -11.98 -6.97
CA THR B 158 -0.23 -12.41 -7.31
C THR B 158 -1.01 -11.27 -7.93
N GLY B 159 -0.88 -10.06 -7.39
CA GLY B 159 -1.54 -8.92 -7.97
C GLY B 159 -1.06 -8.63 -9.38
N HIS B 160 0.24 -8.85 -9.64
CA HIS B 160 0.76 -8.68 -10.99
C HIS B 160 0.08 -9.63 -11.96
N GLU B 161 -0.03 -10.91 -11.59
CA GLU B 161 -0.72 -11.86 -12.45
C GLU B 161 -2.18 -11.47 -12.66
N LEU B 162 -2.84 -11.02 -11.59
CA LEU B 162 -4.23 -10.61 -11.69
C LEU B 162 -4.39 -9.42 -12.63
N VAL B 163 -3.50 -8.44 -12.54
CA VAL B 163 -3.59 -7.26 -13.40
C VAL B 163 -3.35 -7.63 -14.84
N THR B 164 -2.37 -8.49 -15.11
CA THR B 164 -2.11 -8.91 -16.49
C THR B 164 -3.33 -9.61 -17.07
N LYS B 165 -3.93 -10.53 -16.31
CA LYS B 165 -5.11 -11.23 -16.82
C LYS B 165 -6.28 -10.28 -17.03
N ALA B 166 -6.48 -9.34 -16.12
CA ALA B 166 -7.58 -8.39 -16.27
C ALA B 166 -7.40 -7.55 -17.52
N ILE B 167 -6.20 -7.01 -17.71
CA ILE B 167 -5.95 -6.18 -18.89
C ILE B 167 -6.17 -7.00 -20.15
N ILE B 168 -5.60 -8.21 -20.19
CA ILE B 168 -5.77 -9.07 -21.36
C ILE B 168 -7.25 -9.24 -21.66
N ASP B 169 -8.00 -9.78 -20.70
CA ASP B 169 -9.39 -10.15 -20.96
C ASP B 169 -10.25 -8.95 -21.31
N GLN B 170 -10.11 -7.84 -20.59
CA GLN B 170 -11.06 -6.74 -20.73
C GLN B 170 -10.62 -5.67 -21.71
N PHE B 171 -9.38 -5.72 -22.23
CA PHE B 171 -8.91 -4.74 -23.18
C PHE B 171 -8.49 -5.37 -24.50
N VAL B 172 -7.70 -6.45 -24.46
CA VAL B 172 -7.32 -7.10 -25.69
C VAL B 172 -8.53 -7.78 -26.32
N GLY B 173 -9.35 -8.44 -25.50
CA GLY B 173 -10.59 -8.99 -25.97
C GLY B 173 -10.40 -10.18 -26.89
N ASP B 174 -11.42 -10.40 -27.72
CA ASP B 174 -11.40 -11.50 -28.66
C ASP B 174 -10.38 -11.24 -29.76
N TYR B 175 -9.98 -12.30 -30.44
CA TYR B 175 -9.01 -12.22 -31.53
C TYR B 175 -9.60 -12.80 -32.80
N ASP B 176 -9.43 -12.07 -33.91
CA ASP B 176 -9.83 -12.52 -35.23
C ASP B 176 -8.70 -12.20 -36.19
N ALA B 177 -8.02 -13.24 -36.69
CA ALA B 177 -6.89 -13.03 -37.58
C ALA B 177 -7.31 -12.31 -38.85
N GLU B 178 -8.52 -12.58 -39.34
CA GLU B 178 -9.01 -11.92 -40.54
C GLU B 178 -9.45 -10.48 -40.32
N ARG B 179 -9.56 -10.05 -39.06
CA ARG B 179 -9.86 -8.66 -38.74
C ARG B 179 -8.71 -7.97 -38.02
N ASP B 180 -8.20 -8.57 -36.95
CA ASP B 180 -7.22 -7.97 -36.08
C ASP B 180 -5.79 -8.15 -36.56
N GLY B 181 -5.58 -8.85 -37.66
CA GLY B 181 -4.25 -9.09 -38.16
C GLY B 181 -3.80 -10.52 -37.93
N ALA B 182 -3.00 -11.04 -38.85
CA ALA B 182 -2.51 -12.40 -38.77
C ALA B 182 -1.54 -12.54 -37.61
N ARG B 183 -1.03 -13.76 -37.42
CA ARG B 183 -0.11 -14.07 -36.34
C ARG B 183 1.31 -14.13 -36.89
N GLU B 184 2.21 -13.35 -36.28
CA GLU B 184 3.60 -13.33 -36.69
C GLU B 184 4.37 -14.35 -35.86
N PRO B 185 4.91 -15.42 -36.47
CA PRO B 185 5.66 -16.39 -35.66
C PRO B 185 6.90 -15.83 -35.02
N HIS B 186 7.42 -14.70 -35.49
CA HIS B 186 8.62 -14.08 -34.95
C HIS B 186 8.30 -12.82 -34.14
N THR B 187 7.18 -12.84 -33.41
CA THR B 187 6.87 -11.82 -32.42
C THR B 187 6.60 -12.53 -31.11
N VAL B 188 7.23 -12.05 -30.04
CA VAL B 188 7.19 -12.72 -28.74
C VAL B 188 6.71 -11.73 -27.70
N ASN B 189 5.77 -12.17 -26.86
CA ASN B 189 5.43 -11.46 -25.64
C ASN B 189 6.40 -11.90 -24.56
N VAL B 190 6.95 -10.94 -23.82
CA VAL B 190 7.96 -11.20 -22.81
C VAL B 190 7.32 -11.01 -21.44
N TRP B 191 7.22 -12.10 -20.70
CA TRP B 191 6.72 -12.08 -19.32
C TRP B 191 7.92 -12.38 -18.43
N SER B 192 8.36 -11.37 -17.68
CA SER B 192 9.64 -11.39 -17.00
C SER B 192 9.46 -10.78 -15.62
N LEU B 193 10.56 -10.35 -15.02
CA LEU B 193 10.58 -9.89 -13.63
C LEU B 193 9.53 -8.81 -13.37
N LEU B 194 9.16 -8.67 -12.10
CA LEU B 194 8.08 -7.79 -11.72
C LEU B 194 8.53 -6.33 -11.80
N PRO B 195 7.82 -5.46 -12.52
CA PRO B 195 8.23 -4.06 -12.58
C PRO B 195 8.25 -3.40 -11.20
N TYR B 196 9.28 -2.59 -10.99
CA TYR B 196 9.45 -1.73 -9.81
C TYR B 196 9.78 -2.49 -8.54
N HIS B 197 9.65 -3.81 -8.53
CA HIS B 197 10.04 -4.59 -7.37
C HIS B 197 11.46 -5.12 -7.51
N ASN B 198 11.79 -5.61 -8.69
CA ASN B 198 13.18 -5.80 -9.05
C ASN B 198 13.80 -4.44 -9.33
N THR B 199 14.76 -4.05 -8.51
CA THR B 199 15.20 -2.66 -8.49
C THR B 199 15.73 -2.21 -9.84
N PHE B 200 16.39 -3.11 -10.58
CA PHE B 200 17.00 -2.77 -11.85
C PHE B 200 16.13 -3.19 -13.04
N TRP B 201 14.82 -3.12 -12.87
CA TRP B 201 13.91 -3.68 -13.87
C TRP B 201 13.97 -2.91 -15.18
N ARG B 202 14.15 -1.59 -15.13
CA ARG B 202 14.19 -0.81 -16.36
C ARG B 202 15.37 -1.21 -17.24
N GLY B 203 16.57 -1.18 -16.67
CA GLY B 203 17.74 -1.59 -17.42
C GLY B 203 17.71 -3.06 -17.77
N ASP B 204 17.15 -3.89 -16.89
CA ASP B 204 17.10 -5.32 -17.15
C ASP B 204 16.17 -5.64 -18.32
N LEU B 205 15.00 -5.00 -18.36
CA LEU B 205 14.10 -5.17 -19.50
C LEU B 205 14.72 -4.60 -20.76
N THR B 206 15.44 -3.49 -20.65
CA THR B 206 16.14 -2.95 -21.81
C THR B 206 17.15 -3.97 -22.35
N GLU B 207 17.91 -4.60 -21.46
CA GLU B 207 18.87 -5.61 -21.88
C GLU B 207 18.19 -6.81 -22.51
N ILE B 208 17.10 -7.28 -21.90
CA ILE B 208 16.39 -8.44 -22.45
C ILE B 208 15.86 -8.13 -23.85
N LYS B 209 15.23 -6.96 -24.02
CA LYS B 209 14.73 -6.60 -25.32
C LYS B 209 15.86 -6.43 -26.32
N ARG B 210 16.99 -5.86 -25.90
CA ARG B 210 18.10 -5.69 -26.81
C ARG B 210 18.60 -7.03 -27.31
N LEU B 211 18.75 -8.00 -26.41
CA LEU B 211 19.20 -9.33 -26.83
C LEU B 211 18.19 -10.01 -27.74
N LEU B 212 16.91 -9.93 -27.40
CA LEU B 212 15.88 -10.58 -28.22
C LEU B 212 15.81 -9.96 -29.60
N GLU B 213 15.90 -8.63 -29.69
CA GLU B 213 15.96 -7.96 -30.99
C GLU B 213 17.25 -8.29 -31.72
N GLY B 214 18.32 -8.58 -30.99
CA GLY B 214 19.54 -8.99 -31.62
C GLY B 214 19.42 -10.33 -32.32
N ILE B 215 18.79 -11.31 -31.66
CA ILE B 215 18.64 -12.62 -32.29
C ILE B 215 17.63 -12.62 -33.43
N GLY B 216 16.88 -11.53 -33.61
CA GLY B 216 16.04 -11.39 -34.79
C GLY B 216 14.55 -11.49 -34.51
N LEU B 217 14.11 -10.98 -33.37
CA LEU B 217 12.72 -11.06 -32.97
C LEU B 217 12.12 -9.66 -32.87
N LYS B 218 10.81 -9.58 -33.11
CA LYS B 218 10.05 -8.38 -32.79
C LYS B 218 9.49 -8.56 -31.40
N VAL B 219 9.86 -7.66 -30.49
CA VAL B 219 9.69 -7.87 -29.06
C VAL B 219 8.55 -7.01 -28.56
N ASN B 220 7.59 -7.64 -27.89
CA ASN B 220 6.58 -6.94 -27.10
C ASN B 220 7.02 -7.05 -25.64
N ILE B 221 7.81 -6.07 -25.20
CA ILE B 221 8.35 -6.12 -23.84
C ILE B 221 7.27 -5.77 -22.82
N LEU B 222 6.26 -4.98 -23.24
CA LEU B 222 5.03 -4.78 -22.49
C LEU B 222 5.21 -3.90 -21.24
N PHE B 223 6.44 -3.58 -20.88
CA PHE B 223 6.70 -2.78 -19.70
C PHE B 223 7.90 -1.86 -19.95
N GLY B 224 7.90 -0.73 -19.26
CA GLY B 224 9.05 0.15 -19.24
C GLY B 224 9.16 1.05 -20.45
N PRO B 225 10.23 1.84 -20.50
CA PRO B 225 10.38 2.81 -21.60
C PRO B 225 10.45 2.17 -22.97
N GLN B 226 11.02 0.97 -23.07
CA GLN B 226 11.15 0.32 -24.36
C GLN B 226 9.82 -0.09 -24.97
N SER B 227 8.78 -0.23 -24.14
CA SER B 227 7.50 -0.70 -24.63
C SER B 227 6.82 0.38 -25.47
N ALA B 228 5.91 -0.05 -26.32
CA ALA B 228 5.17 0.84 -27.20
C ALA B 228 3.83 1.26 -26.64
N GLY B 229 3.50 0.84 -25.42
CA GLY B 229 2.24 1.22 -24.81
C GLY B 229 1.16 0.17 -24.98
N VAL B 230 -0.10 0.62 -25.05
CA VAL B 230 -1.22 -0.31 -25.21
C VAL B 230 -1.35 -0.82 -26.64
N ALA B 231 -0.69 -0.18 -27.60
CA ALA B 231 -0.63 -0.77 -28.94
C ALA B 231 0.15 -2.07 -28.93
N GLU B 232 1.15 -2.17 -28.07
CA GLU B 232 1.90 -3.42 -27.92
C GLU B 232 1.05 -4.49 -27.24
N TRP B 233 0.13 -4.08 -26.36
CA TRP B 233 -0.73 -5.05 -25.68
C TRP B 233 -1.85 -5.53 -26.58
N LYS B 234 -2.39 -4.65 -27.43
CA LYS B 234 -3.37 -5.07 -28.42
C LYS B 234 -2.80 -6.09 -29.39
N ALA B 235 -1.49 -6.17 -29.51
CA ALA B 235 -0.82 -7.10 -30.40
C ALA B 235 -0.45 -8.40 -29.73
N ILE B 236 -0.91 -8.62 -28.49
CA ILE B 236 -0.59 -9.86 -27.79
C ILE B 236 -1.06 -11.08 -28.57
N PRO B 237 -2.31 -11.15 -29.05
CA PRO B 237 -2.74 -12.34 -29.78
C PRO B 237 -1.95 -12.60 -31.04
N ARG B 238 -1.48 -11.55 -31.73
CA ARG B 238 -0.71 -11.72 -32.95
C ARG B 238 0.70 -12.25 -32.69
N ALA B 239 1.15 -12.26 -31.45
CA ALA B 239 2.51 -12.71 -31.16
C ALA B 239 2.64 -14.21 -31.39
N GLY B 240 3.83 -14.62 -31.85
CA GLY B 240 4.05 -16.02 -32.19
C GLY B 240 3.99 -16.93 -30.97
N PHE B 241 4.47 -16.45 -29.83
CA PHE B 241 4.51 -17.24 -28.61
C PHE B 241 4.69 -16.30 -27.43
N ASN B 242 4.73 -16.88 -26.24
CA ASN B 242 4.95 -16.15 -24.99
C ASN B 242 6.22 -16.65 -24.34
N LEU B 243 7.05 -15.71 -23.89
CA LEU B 243 8.26 -16.04 -23.14
C LEU B 243 8.03 -15.74 -21.67
N VAL B 244 8.30 -16.72 -20.82
CA VAL B 244 8.19 -16.53 -19.38
C VAL B 244 9.60 -16.60 -18.80
N LEU B 245 10.24 -15.44 -18.65
CA LEU B 245 11.60 -15.35 -18.15
C LEU B 245 11.61 -15.20 -16.63
N SER B 246 10.99 -16.17 -15.97
CA SER B 246 10.88 -16.17 -14.52
C SER B 246 10.71 -17.60 -14.05
N PRO B 247 11.24 -17.95 -12.86
CA PRO B 247 11.01 -19.31 -12.36
C PRO B 247 9.55 -19.64 -12.15
N TRP B 248 8.74 -18.71 -11.64
CA TRP B 248 7.31 -18.99 -11.48
C TRP B 248 6.39 -17.86 -11.90
N LEU B 249 6.81 -16.60 -11.93
CA LEU B 249 5.89 -15.51 -12.20
C LEU B 249 5.65 -15.38 -13.71
N GLY B 250 4.40 -15.12 -14.07
CA GLY B 250 4.02 -15.04 -15.47
C GLY B 250 3.51 -16.33 -16.07
N LEU B 251 3.49 -17.42 -15.32
CA LEU B 251 3.02 -18.69 -15.86
C LEU B 251 1.51 -18.76 -15.91
N ASP B 252 0.83 -18.04 -15.00
CA ASP B 252 -0.62 -17.97 -15.05
C ASP B 252 -1.08 -17.21 -16.29
N THR B 253 -0.47 -16.05 -16.54
CA THR B 253 -0.75 -15.31 -17.77
C THR B 253 -0.53 -16.18 -18.99
N ALA B 254 0.62 -16.87 -19.05
CA ALA B 254 0.93 -17.68 -20.22
C ALA B 254 -0.10 -18.79 -20.40
N ARG B 255 -0.58 -19.38 -19.30
CA ARG B 255 -1.55 -20.46 -19.42
C ARG B 255 -2.89 -19.89 -19.86
N HIS B 256 -3.26 -18.73 -19.34
CA HIS B 256 -4.50 -18.08 -19.76
C HIS B 256 -4.46 -17.76 -21.24
N LEU B 257 -3.33 -17.27 -21.74
CA LEU B 257 -3.20 -16.97 -23.16
C LEU B 257 -3.24 -18.24 -24.00
N ASP B 258 -2.60 -19.31 -23.53
CA ASP B 258 -2.66 -20.57 -24.26
C ASP B 258 -4.10 -21.06 -24.37
N ARG B 259 -4.86 -20.98 -23.28
CA ARG B 259 -6.26 -21.38 -23.32
C ARG B 259 -7.07 -20.47 -24.24
N LYS B 260 -6.83 -19.16 -24.17
CA LYS B 260 -7.68 -18.19 -24.82
C LYS B 260 -7.37 -18.07 -26.31
N TYR B 261 -6.13 -17.71 -26.64
CA TYR B 261 -5.74 -17.51 -28.02
C TYR B 261 -5.02 -18.70 -28.63
N GLY B 262 -4.46 -19.59 -27.82
CA GLY B 262 -3.73 -20.73 -28.34
C GLY B 262 -2.27 -20.47 -28.61
N GLN B 263 -1.66 -19.49 -27.94
CA GLN B 263 -0.26 -19.16 -28.17
C GLN B 263 0.64 -20.15 -27.43
N PRO B 264 1.61 -20.76 -28.10
CA PRO B 264 2.58 -21.58 -27.38
C PRO B 264 3.41 -20.74 -26.44
N THR B 265 3.94 -21.38 -25.40
CA THR B 265 4.73 -20.69 -24.39
C THR B 265 6.08 -21.37 -24.25
N LEU B 266 7.11 -20.55 -24.00
CA LEU B 266 8.44 -21.02 -23.66
C LEU B 266 8.75 -20.55 -22.25
N HIS B 267 9.04 -21.49 -21.36
CA HIS B 267 9.35 -21.20 -19.97
C HIS B 267 10.86 -21.23 -19.79
N ARG B 268 11.45 -20.05 -19.59
CA ARG B 268 12.87 -19.92 -19.29
C ARG B 268 12.99 -19.50 -17.83
N PRO B 269 13.09 -20.45 -16.89
CA PRO B 269 13.06 -20.08 -15.48
C PRO B 269 14.23 -19.22 -15.05
N ILE B 270 15.41 -19.41 -15.65
CA ILE B 270 16.63 -18.74 -15.23
C ILE B 270 16.82 -17.49 -16.09
N ILE B 271 16.94 -16.35 -15.45
CA ILE B 271 17.24 -15.10 -16.16
C ILE B 271 18.75 -15.02 -16.39
N PRO B 272 19.21 -14.84 -17.63
CA PRO B 272 20.61 -15.10 -17.96
C PRO B 272 21.59 -13.96 -17.64
N ILE B 273 22.11 -13.91 -16.42
CA ILE B 273 23.17 -12.96 -16.10
C ILE B 273 24.49 -13.55 -16.59
N GLY B 274 25.16 -12.84 -17.48
CA GLY B 274 26.47 -13.22 -17.96
C GLY B 274 26.43 -13.83 -19.36
N ALA B 275 27.60 -13.90 -19.97
CA ALA B 275 27.69 -14.40 -21.34
C ALA B 275 27.38 -15.89 -21.45
N LYS B 276 27.69 -16.66 -20.39
CA LYS B 276 27.46 -18.10 -20.44
C LYS B 276 25.97 -18.40 -20.42
N GLU B 277 25.22 -17.74 -19.53
CA GLU B 277 23.80 -18.01 -19.45
C GLU B 277 23.07 -17.33 -20.60
N THR B 278 23.53 -16.15 -21.02
CA THR B 278 22.83 -15.42 -22.07
C THR B 278 22.96 -16.13 -23.40
N GLY B 279 24.11 -16.72 -23.70
CA GLY B 279 24.23 -17.49 -24.92
C GLY B 279 23.24 -18.64 -24.98
N ALA B 280 23.16 -19.40 -23.87
CA ALA B 280 22.22 -20.51 -23.81
C ALA B 280 20.77 -20.03 -23.91
N PHE B 281 20.45 -18.94 -23.22
CA PHE B 281 19.09 -18.41 -23.26
C PHE B 281 18.70 -18.03 -24.68
N LEU B 282 19.57 -17.29 -25.37
CA LEU B 282 19.28 -16.87 -26.73
C LEU B 282 19.20 -18.07 -27.67
N ARG B 283 20.09 -19.07 -27.48
CA ARG B 283 20.02 -20.25 -28.33
C ARG B 283 18.70 -20.99 -28.15
N GLU B 284 18.21 -21.10 -26.91
CA GLU B 284 16.95 -21.80 -26.69
C GLU B 284 15.77 -21.02 -27.26
N VAL B 285 15.77 -19.69 -27.12
CA VAL B 285 14.70 -18.90 -27.71
C VAL B 285 14.70 -19.05 -29.22
N ALA B 286 15.88 -18.99 -29.84
CA ALA B 286 15.98 -19.17 -31.29
C ALA B 286 15.49 -20.54 -31.71
N ALA B 287 15.87 -21.59 -30.97
CA ALA B 287 15.39 -22.93 -31.30
C ALA B 287 13.89 -23.02 -31.13
N PHE B 288 13.31 -22.22 -30.24
CA PHE B 288 11.86 -22.17 -30.13
C PHE B 288 11.25 -21.55 -31.38
N ALA B 289 11.43 -20.23 -31.55
CA ALA B 289 10.83 -19.54 -32.68
C ALA B 289 11.18 -20.19 -34.01
N GLY B 290 12.47 -20.43 -34.23
CA GLY B 290 12.94 -20.97 -35.50
C GLY B 290 13.70 -19.91 -36.27
N LEU B 291 14.30 -18.97 -35.54
CA LEU B 291 15.03 -17.86 -36.13
C LEU B 291 16.27 -18.36 -36.87
N ASP B 292 16.88 -17.45 -37.62
CA ASP B 292 18.05 -17.78 -38.43
C ASP B 292 19.24 -18.01 -37.51
N SER B 293 19.85 -19.19 -37.62
CA SER B 293 20.99 -19.53 -36.76
C SER B 293 22.24 -18.75 -37.10
N ALA B 294 22.24 -17.91 -38.14
CA ALA B 294 23.39 -17.07 -38.43
C ALA B 294 23.31 -15.72 -37.74
N VAL B 295 22.11 -15.16 -37.65
CA VAL B 295 21.97 -13.89 -36.94
C VAL B 295 22.15 -14.12 -35.46
N VAL B 296 21.77 -15.29 -34.96
CA VAL B 296 21.87 -15.52 -33.53
C VAL B 296 23.34 -15.70 -33.15
N GLU B 297 24.08 -16.48 -33.93
CA GLU B 297 25.48 -16.69 -33.60
C GLU B 297 26.35 -15.51 -33.98
N ALA B 298 25.81 -14.53 -34.71
CA ALA B 298 26.61 -13.35 -35.02
C ALA B 298 26.39 -12.27 -33.98
N PHE B 299 25.15 -12.11 -33.53
CA PHE B 299 24.91 -11.22 -32.40
C PHE B 299 25.61 -11.75 -31.17
N ILE B 300 25.55 -13.07 -30.95
CA ILE B 300 26.21 -13.66 -29.79
C ILE B 300 27.72 -13.54 -29.90
N THR B 301 28.26 -13.70 -31.12
CA THR B 301 29.71 -13.53 -31.29
C THR B 301 30.13 -12.12 -30.92
N ALA B 302 29.40 -11.12 -31.40
CA ALA B 302 29.76 -9.74 -31.06
C ALA B 302 29.62 -9.46 -29.58
N GLU B 303 28.54 -9.96 -28.96
CA GLU B 303 28.34 -9.73 -27.53
C GLU B 303 29.43 -10.39 -26.69
N GLU B 304 29.82 -11.61 -27.04
CA GLU B 304 30.94 -12.26 -26.35
C GLU B 304 32.22 -11.48 -26.55
N ALA B 305 32.47 -11.01 -27.78
CA ALA B 305 33.70 -10.27 -28.03
C ALA B 305 33.80 -9.03 -27.17
N VAL B 306 32.69 -8.28 -27.06
CA VAL B 306 32.70 -7.11 -26.18
C VAL B 306 32.84 -7.52 -24.72
N TYR B 307 32.16 -8.59 -24.31
CA TYR B 307 32.09 -8.96 -22.91
C TYR B 307 33.42 -9.53 -22.40
N TYR B 308 34.04 -10.41 -23.17
CA TYR B 308 35.23 -11.11 -22.68
C TYR B 308 36.38 -10.13 -22.45
N ARG B 309 36.57 -9.17 -23.34
CA ARG B 309 37.73 -8.29 -23.22
C ARG B 309 37.68 -7.45 -21.96
N TYR B 310 36.51 -7.24 -21.37
CA TYR B 310 36.43 -6.55 -20.10
C TYR B 310 36.71 -7.48 -18.92
N LEU B 311 36.90 -8.77 -19.19
CA LEU B 311 37.14 -9.76 -18.16
C LEU B 311 38.62 -9.96 -17.90
N GLU B 312 39.46 -10.02 -18.94
CA GLU B 312 40.89 -10.24 -18.74
C GLU B 312 41.45 -9.27 -17.70
N ASP B 313 41.08 -7.99 -17.81
CA ASP B 313 41.57 -6.99 -16.87
C ASP B 313 41.02 -7.21 -15.48
N PHE B 314 39.75 -7.59 -15.36
CA PHE B 314 39.21 -7.98 -14.07
C PHE B 314 39.93 -9.20 -13.51
N THR B 315 40.19 -10.20 -14.36
CA THR B 315 40.96 -11.38 -13.98
C THR B 315 42.24 -10.99 -13.26
N ASP B 316 43.08 -10.21 -13.95
CA ASP B 316 44.31 -9.69 -13.34
C ASP B 316 44.06 -9.25 -11.90
N PHE B 317 42.96 -8.55 -11.65
CA PHE B 317 42.66 -8.10 -10.30
C PHE B 317 42.27 -9.27 -9.40
N TYR B 318 41.38 -10.12 -9.89
CA TYR B 318 40.71 -11.15 -9.12
C TYR B 318 41.44 -12.48 -9.15
N ALA B 319 42.52 -12.58 -9.91
CA ALA B 319 43.42 -13.72 -9.85
C ALA B 319 44.74 -13.38 -9.20
N GLU B 320 44.94 -12.12 -8.80
CA GLU B 320 46.19 -11.67 -8.21
C GLU B 320 45.96 -10.63 -7.13
N TYR B 321 44.79 -10.65 -6.50
CA TYR B 321 44.52 -9.74 -5.40
C TYR B 321 45.20 -10.25 -4.13
N TRP B 322 46.02 -9.41 -3.50
CA TRP B 322 46.79 -9.88 -2.36
C TRP B 322 45.88 -10.23 -1.18
N TRP B 323 44.96 -9.33 -0.86
CA TRP B 323 44.20 -9.43 0.38
C TRP B 323 43.07 -10.45 0.33
N GLY B 324 42.95 -11.21 -0.76
CA GLY B 324 41.98 -12.29 -0.82
C GLY B 324 40.56 -11.81 -1.03
N LEU B 325 39.78 -12.60 -1.76
CA LEU B 325 38.39 -12.27 -2.06
C LEU B 325 37.44 -13.14 -1.24
N PRO B 326 36.25 -12.64 -0.90
CA PRO B 326 35.25 -13.50 -0.26
C PRO B 326 34.91 -14.68 -1.14
N ALA B 327 34.69 -15.84 -0.50
CA ALA B 327 34.42 -17.07 -1.23
C ALA B 327 33.02 -17.61 -1.03
N LYS B 328 32.33 -17.23 0.04
CA LYS B 328 30.98 -17.69 0.33
C LYS B 328 30.02 -16.51 0.26
N PHE B 329 28.83 -16.76 -0.29
CA PHE B 329 27.80 -15.75 -0.42
C PHE B 329 26.47 -16.30 0.09
N ALA B 330 25.53 -15.39 0.31
CA ALA B 330 24.19 -15.74 0.76
C ALA B 330 23.21 -14.81 0.06
N VAL B 331 22.49 -15.33 -0.92
CA VAL B 331 21.51 -14.55 -1.68
C VAL B 331 20.15 -14.69 -1.02
N ILE B 332 19.54 -13.56 -0.69
CA ILE B 332 18.22 -13.53 -0.07
C ILE B 332 17.38 -12.57 -0.91
N GLY B 333 16.51 -13.10 -1.75
CA GLY B 333 15.69 -12.28 -2.61
C GLY B 333 14.68 -13.12 -3.36
N ASP B 334 13.85 -12.43 -4.16
CA ASP B 334 12.80 -13.10 -4.91
C ASP B 334 13.39 -14.08 -5.92
N SER B 335 12.54 -15.01 -6.37
CA SER B 335 13.03 -16.19 -7.08
C SER B 335 13.81 -15.82 -8.33
N ALA B 336 13.32 -14.82 -9.08
CA ALA B 336 13.96 -14.43 -10.33
C ALA B 336 15.41 -14.04 -10.12
N TYR B 337 15.62 -12.96 -9.37
CA TYR B 337 16.98 -12.51 -9.08
C TYR B 337 17.71 -13.50 -8.18
N ASN B 338 17.03 -14.05 -7.18
CA ASN B 338 17.70 -15.02 -6.32
C ASN B 338 18.38 -16.11 -7.16
N LEU B 339 17.69 -16.61 -8.18
CA LEU B 339 18.21 -17.74 -8.93
C LEU B 339 19.13 -17.30 -10.05
N ALA B 340 18.93 -16.10 -10.60
CA ALA B 340 19.89 -15.58 -11.57
C ALA B 340 21.23 -15.31 -10.91
N LEU B 341 21.19 -14.67 -9.73
CA LEU B 341 22.40 -14.38 -8.98
C LEU B 341 23.08 -15.66 -8.51
N THR B 342 22.30 -16.64 -8.03
CA THR B 342 22.91 -17.89 -7.61
C THR B 342 23.55 -18.61 -8.79
N LYS B 343 22.93 -18.56 -9.96
CA LYS B 343 23.53 -19.21 -11.13
C LYS B 343 24.79 -18.49 -11.59
N PHE B 344 24.78 -17.14 -11.54
CA PHE B 344 25.93 -16.39 -12.02
C PHE B 344 27.10 -16.51 -11.06
N LEU B 345 26.84 -16.35 -9.76
CA LEU B 345 27.91 -16.35 -8.78
C LEU B 345 28.52 -17.72 -8.60
N VAL B 346 27.99 -18.73 -9.29
CA VAL B 346 28.48 -20.10 -9.19
C VAL B 346 29.16 -20.53 -10.48
N ASN B 347 28.58 -20.22 -11.64
CA ASN B 347 29.14 -20.69 -12.89
C ASN B 347 30.14 -19.72 -13.52
N GLN B 348 30.25 -18.50 -12.99
CA GLN B 348 31.20 -17.51 -13.48
C GLN B 348 32.27 -17.21 -12.45
N LEU B 349 31.88 -16.72 -11.28
CA LEU B 349 32.82 -16.34 -10.23
C LEU B 349 33.31 -17.53 -9.43
N GLY B 350 32.69 -18.69 -9.56
CA GLY B 350 33.13 -19.86 -8.82
C GLY B 350 33.00 -19.71 -7.32
N LEU B 351 32.03 -18.93 -6.85
CA LEU B 351 31.88 -18.69 -5.44
C LEU B 351 31.24 -19.91 -4.77
N ILE B 352 31.40 -19.99 -3.45
CA ILE B 352 30.82 -21.08 -2.68
C ILE B 352 29.38 -20.73 -2.32
N PRO B 353 28.38 -21.51 -2.78
CA PRO B 353 26.99 -21.15 -2.51
C PRO B 353 26.62 -21.49 -1.07
N GLY B 354 26.35 -20.45 -0.28
CA GLY B 354 26.12 -20.63 1.13
C GLY B 354 24.65 -20.79 1.44
N LEU B 355 24.02 -19.76 1.98
CA LEU B 355 22.60 -19.79 2.30
C LEU B 355 21.82 -19.06 1.20
N GLN B 356 20.90 -19.77 0.55
CA GLN B 356 20.00 -19.19 -0.43
C GLN B 356 18.58 -19.25 0.11
N ILE B 357 17.91 -18.10 0.12
CA ILE B 357 16.54 -18.01 0.63
C ILE B 357 15.72 -17.20 -0.35
N ILE B 358 14.64 -17.80 -0.86
CA ILE B 358 13.71 -17.14 -1.77
C ILE B 358 12.55 -16.62 -0.94
N THR B 359 12.29 -15.31 -1.06
CA THR B 359 11.41 -14.62 -0.12
C THR B 359 10.23 -13.95 -0.81
N ASP B 360 9.85 -14.40 -2.00
CA ASP B 360 8.71 -13.82 -2.70
C ASP B 360 7.42 -14.62 -2.51
N ASN B 361 7.47 -15.68 -1.72
CA ASN B 361 6.30 -16.50 -1.41
C ASN B 361 5.68 -17.07 -2.68
N PRO B 362 6.34 -18.00 -3.37
CA PRO B 362 5.75 -18.61 -4.55
C PRO B 362 4.60 -19.51 -4.16
N PRO B 363 3.74 -19.89 -5.10
CA PRO B 363 2.70 -20.89 -4.80
C PRO B 363 3.34 -22.24 -4.51
N GLU B 364 2.66 -23.03 -3.68
CA GLU B 364 3.25 -24.28 -3.22
C GLU B 364 3.50 -25.26 -4.34
N GLU B 365 2.79 -25.15 -5.46
CA GLU B 365 2.93 -26.12 -6.54
C GLU B 365 4.22 -25.93 -7.33
N VAL B 366 4.72 -24.69 -7.41
CA VAL B 366 5.96 -24.43 -8.15
C VAL B 366 7.21 -24.56 -7.29
N ARG B 367 7.06 -24.73 -5.97
CA ARG B 367 8.22 -24.72 -5.09
C ARG B 367 9.17 -25.88 -5.41
N GLU B 368 8.62 -27.05 -5.73
CA GLU B 368 9.47 -28.22 -5.94
C GLU B 368 10.39 -28.03 -7.13
N ASP B 369 9.86 -27.51 -8.24
CA ASP B 369 10.69 -27.32 -9.43
C ASP B 369 11.69 -26.19 -9.21
N ILE B 370 11.26 -25.09 -8.59
CA ILE B 370 12.19 -24.03 -8.21
C ILE B 370 13.40 -24.64 -7.49
N ARG B 371 13.14 -25.39 -6.42
CA ARG B 371 14.24 -26.03 -5.69
C ARG B 371 15.03 -26.98 -6.59
N ALA B 372 14.35 -27.66 -7.52
CA ALA B 372 15.07 -28.59 -8.36
C ALA B 372 15.99 -27.85 -9.32
N HIS B 373 15.75 -26.56 -9.52
CA HIS B 373 16.68 -25.79 -10.33
C HIS B 373 17.98 -25.58 -9.55
N TYR B 374 17.85 -25.36 -8.23
CA TYR B 374 19.03 -25.17 -7.42
C TYR B 374 19.80 -26.47 -7.25
N HIS B 375 19.14 -27.61 -7.43
CA HIS B 375 19.87 -28.87 -7.35
C HIS B 375 20.90 -28.99 -8.46
N ALA B 376 20.49 -28.72 -9.70
CA ALA B 376 21.38 -28.72 -10.86
C ALA B 376 21.88 -27.31 -11.18
N ILE B 377 22.52 -26.68 -10.20
CA ILE B 377 23.03 -25.33 -10.38
C ILE B 377 24.41 -25.34 -11.01
N ALA B 378 24.96 -26.51 -11.28
CA ALA B 378 26.26 -26.69 -11.93
C ALA B 378 26.50 -28.19 -12.02
N ASP B 379 27.38 -28.59 -12.94
CA ASP B 379 27.72 -30.00 -13.01
C ASP B 379 28.54 -30.45 -11.80
N ASP B 380 29.27 -29.53 -11.17
CA ASP B 380 30.06 -29.85 -9.99
C ASP B 380 29.41 -29.41 -8.69
N VAL B 381 28.51 -28.43 -8.75
CA VAL B 381 27.92 -27.82 -7.55
C VAL B 381 26.44 -28.19 -7.50
N ALA B 382 26.00 -28.63 -6.33
CA ALA B 382 24.58 -28.82 -6.05
C ALA B 382 24.27 -28.08 -4.76
N THR B 383 23.18 -27.33 -4.76
CA THR B 383 22.80 -26.51 -3.62
C THR B 383 21.30 -26.69 -3.38
N ASP B 384 20.70 -25.73 -2.69
CA ASP B 384 19.30 -25.82 -2.29
C ASP B 384 18.88 -24.47 -1.76
N VAL B 385 17.58 -24.23 -1.78
CA VAL B 385 17.00 -22.98 -1.34
C VAL B 385 15.88 -23.28 -0.36
N SER B 386 15.66 -22.36 0.58
CA SER B 386 14.55 -22.41 1.50
C SER B 386 13.64 -21.22 1.27
N PHE B 387 12.34 -21.47 1.20
CA PHE B 387 11.36 -20.43 0.98
C PHE B 387 10.99 -19.84 2.33
N GLU B 388 11.47 -18.64 2.62
CA GLU B 388 11.28 -18.01 3.92
C GLU B 388 10.94 -16.55 3.72
N GLU B 389 9.75 -16.15 4.13
CA GLU B 389 9.32 -14.77 4.07
C GLU B 389 9.63 -13.99 5.33
N ASP B 390 10.03 -14.66 6.41
CA ASP B 390 10.35 -14.01 7.68
C ASP B 390 11.83 -13.69 7.74
N SER B 391 12.17 -12.42 7.96
CA SER B 391 13.58 -12.04 7.99
C SER B 391 14.28 -12.44 9.28
N TYR B 392 13.55 -12.63 10.38
CA TYR B 392 14.20 -13.09 11.60
C TYR B 392 14.79 -14.48 11.41
N THR B 393 14.03 -15.39 10.79
CA THR B 393 14.56 -16.72 10.53
C THR B 393 15.66 -16.68 9.47
N ILE B 394 15.57 -15.78 8.52
CA ILE B 394 16.65 -15.61 7.54
C ILE B 394 17.94 -15.18 8.25
N HIS B 395 17.83 -14.18 9.12
CA HIS B 395 18.99 -13.73 9.88
C HIS B 395 19.55 -14.85 10.75
N GLN B 396 18.66 -15.66 11.34
CA GLN B 396 19.14 -16.70 12.23
C GLN B 396 19.79 -17.85 11.47
N LYS B 397 19.35 -18.12 10.23
CA LYS B 397 20.03 -19.13 9.42
C LYS B 397 21.34 -18.61 8.86
N ILE B 398 21.43 -17.30 8.58
CA ILE B 398 22.72 -16.73 8.24
C ILE B 398 23.68 -16.84 9.42
N ARG B 399 23.19 -16.52 10.62
CA ARG B 399 24.00 -16.68 11.82
C ARG B 399 24.33 -18.14 12.07
N ALA B 400 23.43 -19.05 11.72
CA ALA B 400 23.59 -20.47 11.97
C ALA B 400 24.29 -21.20 10.85
N THR B 401 24.89 -20.48 9.90
CA THR B 401 25.69 -21.08 8.84
C THR B 401 27.09 -20.49 8.95
N ASP B 402 28.02 -21.26 9.53
CA ASP B 402 29.38 -20.78 9.69
C ASP B 402 30.03 -20.61 8.32
N PHE B 403 30.43 -19.38 7.99
CA PHE B 403 30.96 -19.05 6.67
C PHE B 403 32.48 -19.12 6.65
N GLY B 404 33.02 -20.26 7.05
CA GLY B 404 34.43 -20.50 6.94
C GLY B 404 35.24 -19.51 7.77
N HIS B 405 36.48 -19.32 7.35
CA HIS B 405 37.37 -18.36 8.01
C HIS B 405 37.26 -16.97 7.38
N LYS B 406 37.06 -16.90 6.07
CA LYS B 406 36.89 -15.61 5.41
C LYS B 406 35.52 -15.02 5.73
N ALA B 407 35.38 -13.73 5.46
CA ALA B 407 34.09 -13.09 5.63
C ALA B 407 33.16 -13.44 4.47
N PRO B 408 31.87 -13.63 4.72
CA PRO B 408 30.92 -13.89 3.63
C PRO B 408 30.34 -12.61 3.07
N ILE B 409 29.97 -12.67 1.80
CA ILE B 409 29.32 -11.55 1.11
C ILE B 409 27.83 -11.82 1.05
N LEU B 410 27.04 -10.90 1.57
CA LEU B 410 25.59 -11.06 1.66
C LEU B 410 24.94 -10.34 0.48
N PHE B 411 24.22 -11.08 -0.35
CA PHE B 411 23.47 -10.52 -1.48
C PHE B 411 22.01 -10.45 -1.05
N GLY B 412 21.63 -9.33 -0.46
CA GLY B 412 20.28 -9.18 0.03
C GLY B 412 19.74 -7.78 -0.10
N THR B 413 19.19 -7.28 1.00
CA THR B 413 18.49 -6.01 1.02
C THR B 413 19.05 -5.11 2.10
N THR B 414 18.38 -3.99 2.39
CA THR B 414 18.83 -3.11 3.45
C THR B 414 18.66 -3.72 4.83
N TRP B 415 17.97 -4.86 4.95
CA TRP B 415 17.83 -5.52 6.24
C TRP B 415 19.10 -6.26 6.65
N GLU B 416 20.02 -6.51 5.72
CA GLU B 416 21.22 -7.28 5.99
C GLU B 416 22.44 -6.41 6.26
N ARG B 417 22.27 -5.08 6.32
CA ARG B 417 23.41 -4.21 6.60
C ARG B 417 24.02 -4.54 7.96
N ASP B 418 23.18 -4.59 8.99
CA ASP B 418 23.67 -4.84 10.34
C ASP B 418 24.30 -6.23 10.45
N LEU B 419 23.66 -7.23 9.84
CA LEU B 419 24.17 -8.58 9.93
C LEU B 419 25.50 -8.72 9.20
N ALA B 420 25.65 -8.06 8.05
CA ALA B 420 26.92 -8.12 7.33
C ALA B 420 28.01 -7.37 8.08
N LYS B 421 27.67 -6.25 8.73
CA LYS B 421 28.65 -5.58 9.58
C LYS B 421 29.06 -6.46 10.74
N GLU B 422 28.13 -7.26 11.27
CA GLU B 422 28.46 -8.12 12.40
C GLU B 422 29.28 -9.32 11.98
N LEU B 423 29.06 -9.83 10.77
CA LEU B 423 29.79 -10.98 10.26
C LEU B 423 31.08 -10.58 9.54
N LYS B 424 31.53 -9.34 9.69
CA LYS B 424 32.77 -8.85 9.11
C LYS B 424 32.75 -8.85 7.58
N GLY B 425 31.61 -9.14 6.96
CA GLY B 425 31.52 -9.26 5.52
C GLY B 425 30.84 -8.07 4.86
N ALA B 426 30.81 -8.13 3.53
CA ALA B 426 30.24 -7.09 2.69
C ALA B 426 28.85 -7.48 2.22
N ILE B 427 28.06 -6.46 1.87
CA ILE B 427 26.68 -6.65 1.44
C ILE B 427 26.48 -5.95 0.10
N VAL B 428 25.86 -6.66 -0.85
CA VAL B 428 25.46 -6.10 -2.14
C VAL B 428 23.95 -6.16 -2.21
N GLU B 429 23.31 -5.00 -2.33
CA GLU B 429 21.85 -4.93 -2.39
C GLU B 429 21.40 -5.20 -3.81
N VAL B 430 20.54 -6.21 -3.99
CA VAL B 430 20.18 -6.68 -5.32
C VAL B 430 18.68 -6.84 -5.47
N GLY B 431 17.90 -6.29 -4.54
CA GLY B 431 16.48 -6.48 -4.62
C GLY B 431 15.74 -5.62 -3.62
N PHE B 432 14.43 -5.86 -3.55
CA PHE B 432 13.59 -5.09 -2.65
C PHE B 432 13.82 -5.52 -1.20
N PRO B 433 14.13 -4.58 -0.29
CA PRO B 433 14.37 -3.14 -0.50
C PRO B 433 15.85 -2.80 -0.66
N ALA B 434 16.20 -2.11 -1.75
CA ALA B 434 17.54 -1.61 -2.00
C ALA B 434 17.57 -0.14 -1.60
N SER B 435 17.63 0.12 -0.29
CA SER B 435 17.49 1.47 0.23
C SER B 435 18.78 2.28 0.15
N TYR B 436 19.92 1.66 -0.16
CA TYR B 436 21.18 2.37 -0.23
C TYR B 436 21.78 2.36 -1.62
N GLU B 437 20.97 2.14 -2.64
CA GLU B 437 21.37 2.26 -4.03
C GLU B 437 20.48 3.29 -4.70
N VAL B 438 21.08 4.14 -5.53
CA VAL B 438 20.35 5.02 -6.42
C VAL B 438 20.47 4.43 -7.82
N VAL B 439 19.33 4.07 -8.41
CA VAL B 439 19.29 3.33 -9.67
C VAL B 439 18.55 4.17 -10.70
N LEU B 440 19.20 4.41 -11.84
CA LEU B 440 18.54 5.05 -12.97
C LEU B 440 18.42 4.10 -14.15
N SER B 441 19.55 3.62 -14.69
CA SER B 441 19.57 2.74 -15.85
C SER B 441 20.45 1.52 -15.61
N ARG B 442 20.79 1.26 -14.35
CA ARG B 442 21.66 0.14 -14.00
C ARG B 442 20.97 -1.18 -14.31
N SER B 443 21.74 -2.11 -14.88
CA SER B 443 21.26 -3.45 -15.17
C SER B 443 22.28 -4.45 -14.64
N TYR B 444 21.78 -5.61 -14.21
CA TYR B 444 22.64 -6.70 -13.76
C TYR B 444 22.44 -7.97 -14.57
N LEU B 445 21.72 -7.90 -15.69
CA LEU B 445 21.46 -9.05 -16.53
C LEU B 445 22.21 -8.92 -17.86
N GLY B 446 22.47 -10.07 -18.46
CA GLY B 446 23.15 -10.09 -19.73
C GLY B 446 24.62 -9.73 -19.58
N TYR B 447 25.18 -9.27 -20.68
CA TYR B 447 26.61 -8.98 -20.76
C TYR B 447 26.96 -7.69 -20.03
N ARG B 448 26.36 -6.59 -20.47
CA ARG B 448 26.62 -5.30 -19.83
C ARG B 448 26.19 -5.32 -18.37
N GLY B 449 25.05 -5.94 -18.09
CA GLY B 449 24.61 -6.06 -16.72
C GLY B 449 25.54 -6.91 -15.87
N ALA B 450 26.07 -8.00 -16.43
CA ALA B 450 27.03 -8.80 -15.69
C ALA B 450 28.28 -8.00 -15.36
N LEU B 451 28.77 -7.20 -16.31
CA LEU B 451 29.93 -6.35 -16.04
C LEU B 451 29.63 -5.34 -14.94
N THR B 452 28.46 -4.71 -14.99
CA THR B 452 28.11 -3.74 -13.95
C THR B 452 28.00 -4.43 -12.59
N LEU B 453 27.44 -5.64 -12.55
CA LEU B 453 27.33 -6.38 -11.31
C LEU B 453 28.70 -6.74 -10.74
N LEU B 454 29.62 -7.15 -11.61
CA LEU B 454 30.97 -7.44 -11.16
C LEU B 454 31.61 -6.19 -10.54
N GLU B 455 31.44 -5.06 -11.21
CA GLU B 455 32.00 -3.82 -10.67
C GLU B 455 31.41 -3.50 -9.31
N LYS B 456 30.09 -3.63 -9.15
CA LYS B 456 29.47 -3.32 -7.87
C LYS B 456 29.96 -4.26 -6.77
N ILE B 457 29.97 -5.57 -7.05
CA ILE B 457 30.39 -6.54 -6.05
C ILE B 457 31.79 -6.24 -5.57
N TYR B 458 32.73 -6.09 -6.50
CA TYR B 458 34.12 -5.99 -6.09
C TYR B 458 34.51 -4.60 -5.64
N THR B 459 33.78 -3.56 -6.05
CA THR B 459 33.95 -2.27 -5.42
C THR B 459 33.51 -2.33 -3.95
N THR B 460 32.41 -3.02 -3.68
CA THR B 460 31.97 -3.18 -2.30
C THR B 460 32.96 -3.99 -1.46
N THR B 461 33.49 -5.08 -2.02
CA THR B 461 34.44 -5.88 -1.25
C THR B 461 35.75 -5.15 -1.01
N VAL B 462 36.29 -4.50 -2.05
CA VAL B 462 37.55 -3.79 -1.89
C VAL B 462 37.37 -2.59 -0.97
N SER B 463 36.17 -2.01 -0.93
CA SER B 463 35.93 -0.80 -0.15
C SER B 463 35.77 -1.10 1.33
N ALA B 464 36.38 -2.19 1.79
CA ALA B 464 36.32 -2.57 3.19
C ALA B 464 37.43 -1.94 4.02
N SER B 465 38.51 -1.50 3.38
CA SER B 465 39.61 -0.80 4.04
C SER B 465 39.61 0.67 3.64
N ALA B 466 38.43 1.24 3.46
CA ALA B 466 38.31 2.60 2.91
C ALA B 466 37.38 3.45 3.76
N GLY C 154 59.07 15.19 -18.07
CA GLY C 154 57.73 15.66 -17.72
C GLY C 154 56.92 14.62 -16.95
N ASN C 155 55.70 14.38 -17.41
CA ASN C 155 54.82 13.39 -16.78
C ASN C 155 54.31 12.40 -17.81
N ASN C 156 53.35 11.56 -17.41
CA ASN C 156 52.79 10.59 -18.35
C ASN C 156 52.04 11.26 -19.50
N PHE C 157 51.57 12.48 -19.31
CA PHE C 157 50.90 13.20 -20.39
C PHE C 157 51.90 13.58 -21.49
N THR C 158 53.05 14.12 -21.09
CA THR C 158 54.10 14.41 -22.05
C THR C 158 54.57 13.14 -22.75
N GLY C 159 54.69 12.05 -21.98
CA GLY C 159 55.06 10.79 -22.60
C GLY C 159 54.03 10.30 -23.60
N HIS C 160 52.75 10.53 -23.31
CA HIS C 160 51.69 10.15 -24.25
C HIS C 160 51.80 10.95 -25.54
N GLU C 161 51.99 12.26 -25.42
CA GLU C 161 52.06 13.09 -26.61
C GLU C 161 53.39 12.94 -27.36
N LEU C 162 54.40 12.34 -26.72
CA LEU C 162 55.59 11.93 -27.46
C LEU C 162 55.38 10.60 -28.16
N VAL C 163 54.76 9.63 -27.49
CA VAL C 163 54.54 8.33 -28.10
C VAL C 163 53.65 8.46 -29.33
N THR C 164 52.55 9.19 -29.21
CA THR C 164 51.64 9.34 -30.35
C THR C 164 52.34 10.05 -31.51
N LYS C 165 53.11 11.09 -31.21
CA LYS C 165 53.84 11.79 -32.25
C LYS C 165 54.85 10.86 -32.92
N ALA C 166 55.51 10.01 -32.13
CA ALA C 166 56.47 9.07 -32.70
C ALA C 166 55.80 8.08 -33.64
N ILE C 167 54.64 7.54 -33.23
CA ILE C 167 53.95 6.60 -34.12
C ILE C 167 53.52 7.32 -35.39
N ILE C 168 52.97 8.53 -35.27
CA ILE C 168 52.52 9.27 -36.44
C ILE C 168 53.70 9.58 -37.36
N ASP C 169 54.86 9.92 -36.79
CA ASP C 169 56.00 10.34 -37.57
C ASP C 169 56.72 9.17 -38.24
N GLN C 170 56.75 8.00 -37.62
CA GLN C 170 57.51 6.87 -38.15
C GLN C 170 56.65 5.75 -38.70
N PHE C 171 55.71 5.22 -37.91
CA PHE C 171 54.91 4.10 -38.37
C PHE C 171 53.90 4.52 -39.42
N VAL C 172 53.22 5.64 -39.21
CA VAL C 172 52.23 6.11 -40.17
C VAL C 172 52.90 6.65 -41.42
N GLY C 173 54.00 7.38 -41.25
CA GLY C 173 54.75 7.83 -42.41
C GLY C 173 54.03 8.94 -43.17
N ASP C 174 54.38 9.07 -44.43
CA ASP C 174 53.78 10.07 -45.30
C ASP C 174 52.54 9.51 -46.00
N TYR C 175 51.81 10.39 -46.67
CA TYR C 175 50.52 10.05 -47.25
C TYR C 175 50.46 10.50 -48.71
N ASP C 176 49.95 9.62 -49.57
CA ASP C 176 49.67 9.93 -50.97
C ASP C 176 48.22 9.61 -51.25
N ALA C 177 47.43 10.63 -51.57
CA ALA C 177 45.99 10.45 -51.71
C ALA C 177 45.63 9.55 -52.90
N GLU C 178 46.54 9.39 -53.85
CA GLU C 178 46.31 8.49 -54.99
C GLU C 178 46.89 7.10 -54.76
N ARG C 179 47.52 6.86 -53.62
CA ARG C 179 48.14 5.58 -53.30
C ARG C 179 47.50 4.91 -52.10
N ASP C 180 47.25 5.65 -51.03
CA ASP C 180 46.70 5.08 -49.80
C ASP C 180 45.19 5.18 -49.72
N GLY C 181 44.55 5.81 -50.69
CA GLY C 181 43.11 6.01 -50.69
C GLY C 181 42.76 7.47 -50.49
N ALA C 182 41.69 7.90 -51.15
CA ALA C 182 41.28 9.30 -51.07
C ALA C 182 40.86 9.64 -49.65
N ARG C 183 41.10 10.89 -49.27
CA ARG C 183 40.71 11.36 -47.95
C ARG C 183 39.20 11.30 -47.81
N GLU C 184 38.73 10.72 -46.71
CA GLU C 184 37.30 10.56 -46.47
C GLU C 184 36.82 11.73 -45.63
N PRO C 185 35.99 12.62 -46.18
CA PRO C 185 35.53 13.76 -45.36
C PRO C 185 34.68 13.35 -44.18
N HIS C 186 34.15 12.12 -44.17
CA HIS C 186 33.29 11.65 -43.09
C HIS C 186 34.00 10.67 -42.16
N THR C 187 35.32 10.71 -42.13
CA THR C 187 36.11 9.94 -41.19
C THR C 187 36.81 10.91 -40.23
N VAL C 188 36.77 10.60 -38.94
CA VAL C 188 37.26 11.49 -37.90
C VAL C 188 38.29 10.75 -37.04
N ASN C 189 39.31 11.47 -36.61
CA ASN C 189 40.27 10.99 -35.62
C ASN C 189 39.94 11.64 -34.28
N VAL C 190 39.93 10.84 -33.22
CA VAL C 190 39.59 11.30 -31.88
C VAL C 190 40.82 11.21 -30.99
N TRP C 191 41.15 12.32 -30.34
CA TRP C 191 42.25 12.42 -29.39
C TRP C 191 41.67 13.06 -28.14
N SER C 192 41.10 12.25 -27.23
CA SER C 192 40.36 12.77 -26.10
C SER C 192 41.02 12.47 -24.75
N LEU C 193 41.20 11.20 -24.42
CA LEU C 193 41.55 10.81 -23.05
C LEU C 193 42.86 10.06 -23.01
N LEU C 194 43.52 10.14 -21.86
CA LEU C 194 44.75 9.39 -21.63
C LEU C 194 44.39 7.98 -21.17
N PRO C 195 44.78 6.94 -21.90
CA PRO C 195 44.43 5.58 -21.48
C PRO C 195 45.13 5.20 -20.18
N TYR C 196 44.39 4.49 -19.33
CA TYR C 196 44.89 3.90 -18.08
C TYR C 196 45.16 4.94 -17.01
N HIS C 197 45.12 6.23 -17.35
CA HIS C 197 45.23 7.28 -16.34
C HIS C 197 43.88 7.88 -15.99
N ASN C 198 43.04 8.12 -16.99
CA ASN C 198 41.62 8.32 -16.74
C ASN C 198 41.01 6.96 -16.45
N THR C 199 40.59 6.75 -15.21
CA THR C 199 40.23 5.41 -14.77
C THR C 199 39.14 4.80 -15.65
N PHE C 200 38.20 5.63 -16.09
CA PHE C 200 37.03 5.17 -16.82
C PHE C 200 37.17 5.44 -18.31
N TRP C 201 38.38 5.33 -18.83
CA TRP C 201 38.63 5.71 -20.22
C TRP C 201 37.98 4.75 -21.20
N ARG C 202 37.85 3.47 -20.83
CA ARG C 202 37.32 2.49 -21.76
C ARG C 202 35.85 2.75 -22.08
N GLY C 203 35.04 2.91 -21.04
CA GLY C 203 33.64 3.24 -21.27
C GLY C 203 33.46 4.60 -21.91
N ASP C 204 34.33 5.56 -21.56
CA ASP C 204 34.25 6.88 -22.16
C ASP C 204 34.49 6.84 -23.66
N LEU C 205 35.53 6.12 -24.09
CA LEU C 205 35.80 6.01 -25.52
C LEU C 205 34.73 5.19 -26.22
N THR C 206 34.19 4.18 -25.56
CA THR C 206 33.05 3.45 -26.13
C THR C 206 31.89 4.39 -26.41
N GLU C 207 31.54 5.22 -25.44
CA GLU C 207 30.43 6.14 -25.61
C GLU C 207 30.72 7.18 -26.69
N ILE C 208 31.94 7.69 -26.73
CA ILE C 208 32.29 8.70 -27.72
C ILE C 208 32.19 8.11 -29.13
N LYS C 209 32.72 6.90 -29.32
CA LYS C 209 32.61 6.26 -30.61
C LYS C 209 31.17 5.99 -30.98
N ARG C 210 30.36 5.57 -30.01
CA ARG C 210 28.95 5.33 -30.29
C ARG C 210 28.25 6.59 -30.77
N LEU C 211 28.49 7.71 -30.09
CA LEU C 211 27.85 8.97 -30.48
C LEU C 211 28.30 9.40 -31.87
N LEU C 212 29.61 9.37 -32.13
CA LEU C 212 30.12 9.84 -33.41
C LEU C 212 29.63 8.96 -34.55
N GLU C 213 29.57 7.64 -34.33
CA GLU C 213 28.99 6.75 -35.33
C GLU C 213 27.52 7.03 -35.52
N GLY C 214 26.82 7.38 -34.44
CA GLY C 214 25.39 7.62 -34.55
C GLY C 214 25.05 8.83 -35.39
N ILE C 215 25.83 9.91 -35.26
CA ILE C 215 25.52 11.08 -36.09
C ILE C 215 25.91 10.88 -37.54
N GLY C 216 26.74 9.88 -37.85
CA GLY C 216 26.94 9.49 -39.23
C GLY C 216 28.40 9.52 -39.68
N LEU C 217 29.32 9.40 -38.74
CA LEU C 217 30.74 9.44 -39.03
C LEU C 217 31.37 8.06 -38.93
N LYS C 218 32.55 7.95 -39.55
CA LYS C 218 33.42 6.78 -39.39
C LYS C 218 34.51 7.17 -38.40
N VAL C 219 34.57 6.45 -37.28
CA VAL C 219 35.32 6.88 -36.12
C VAL C 219 36.61 6.07 -36.02
N ASN C 220 37.73 6.74 -35.83
CA ASN C 220 39.01 6.13 -35.48
C ASN C 220 39.27 6.49 -34.01
N ILE C 221 38.86 5.62 -33.10
CA ILE C 221 38.96 5.93 -31.68
C ILE C 221 40.38 5.72 -31.17
N LEU C 222 41.12 4.78 -31.76
CA LEU C 222 42.57 4.67 -31.61
C LEU C 222 43.02 4.16 -30.24
N PHE C 223 42.11 4.05 -29.28
CA PHE C 223 42.45 3.54 -27.96
C PHE C 223 41.27 2.73 -27.43
N GLY C 224 41.59 1.65 -26.71
CA GLY C 224 40.59 0.85 -26.07
C GLY C 224 40.13 -0.33 -26.91
N PRO C 225 39.22 -1.13 -26.36
CA PRO C 225 38.71 -2.29 -27.12
C PRO C 225 38.00 -1.91 -28.40
N GLN C 226 37.36 -0.74 -28.44
CA GLN C 226 36.62 -0.34 -29.63
C GLN C 226 37.52 -0.11 -30.84
N SER C 227 38.82 0.05 -30.63
CA SER C 227 39.72 0.34 -31.74
C SER C 227 40.10 -0.93 -32.48
N ALA C 228 40.73 -0.75 -33.63
CA ALA C 228 41.28 -1.85 -34.42
C ALA C 228 42.80 -1.84 -34.42
N GLY C 229 43.43 -0.97 -33.64
CA GLY C 229 44.88 -0.99 -33.54
C GLY C 229 45.53 -0.22 -34.65
N VAL C 230 46.56 -0.83 -35.26
CA VAL C 230 47.35 -0.16 -36.28
C VAL C 230 46.60 0.05 -37.59
N ALA C 231 45.41 -0.55 -37.73
CA ALA C 231 44.59 -0.24 -38.89
C ALA C 231 43.98 1.16 -38.79
N GLU C 232 43.50 1.53 -37.60
CA GLU C 232 42.97 2.88 -37.42
C GLU C 232 44.07 3.92 -37.39
N TRP C 233 45.26 3.56 -36.89
CA TRP C 233 46.36 4.52 -36.89
C TRP C 233 46.90 4.75 -38.30
N LYS C 234 46.82 3.74 -39.16
CA LYS C 234 47.20 3.93 -40.55
C LYS C 234 46.14 4.68 -41.35
N ALA C 235 44.94 4.81 -40.81
CA ALA C 235 43.87 5.59 -41.43
C ALA C 235 43.84 7.02 -40.93
N ILE C 236 44.82 7.41 -40.13
CA ILE C 236 44.89 8.80 -39.66
C ILE C 236 44.99 9.77 -40.83
N PRO C 237 45.83 9.57 -41.84
CA PRO C 237 45.87 10.51 -42.97
C PRO C 237 44.62 10.47 -43.83
N ARG C 238 43.82 9.41 -43.76
CA ARG C 238 42.60 9.30 -44.56
C ARG C 238 41.40 9.93 -43.89
N ALA C 239 41.55 10.47 -42.68
CA ALA C 239 40.43 11.08 -41.98
C ALA C 239 40.16 12.47 -42.51
N GLY C 240 38.89 12.86 -42.45
CA GLY C 240 38.52 14.20 -42.88
C GLY C 240 39.11 15.29 -42.01
N PHE C 241 39.07 15.09 -40.70
CA PHE C 241 39.57 16.10 -39.77
C PHE C 241 39.96 15.41 -38.47
N ASN C 242 40.77 16.09 -37.69
CA ASN C 242 41.20 15.62 -36.38
C ASN C 242 40.36 16.27 -35.31
N LEU C 243 39.73 15.46 -34.47
CA LEU C 243 38.93 15.94 -33.36
C LEU C 243 39.75 15.83 -32.08
N VAL C 244 40.00 16.97 -31.44
CA VAL C 244 40.70 17.00 -30.15
C VAL C 244 39.62 17.26 -29.11
N LEU C 245 39.11 16.17 -28.53
CA LEU C 245 38.08 16.26 -27.50
C LEU C 245 38.74 16.31 -26.12
N SER C 246 39.58 17.33 -25.93
CA SER C 246 40.37 17.48 -24.72
C SER C 246 40.80 18.93 -24.61
N PRO C 247 41.04 19.43 -23.39
CA PRO C 247 41.41 20.84 -23.25
C PRO C 247 42.75 21.18 -23.89
N TRP C 248 43.78 20.38 -23.62
CA TRP C 248 45.09 20.62 -24.24
C TRP C 248 45.80 19.36 -24.68
N LEU C 249 45.27 18.18 -24.41
CA LEU C 249 45.98 16.93 -24.66
C LEU C 249 45.63 16.44 -26.05
N GLY C 250 46.62 16.46 -26.95
CA GLY C 250 46.42 16.15 -28.35
C GLY C 250 46.52 17.35 -29.27
N LEU C 251 46.59 18.56 -28.71
CA LEU C 251 46.74 19.75 -29.57
C LEU C 251 48.08 19.72 -30.29
N ASP C 252 49.14 19.31 -29.61
CA ASP C 252 50.43 19.18 -30.28
C ASP C 252 50.36 18.14 -31.39
N THR C 253 49.71 17.00 -31.11
CA THR C 253 49.52 16.00 -32.15
C THR C 253 48.66 16.53 -33.29
N ALA C 254 47.63 17.31 -32.97
CA ALA C 254 46.80 17.88 -34.02
C ALA C 254 47.60 18.83 -34.91
N ARG C 255 48.44 19.67 -34.31
CA ARG C 255 49.29 20.55 -35.10
C ARG C 255 50.30 19.76 -35.92
N HIS C 256 50.85 18.68 -35.36
CA HIS C 256 51.77 17.85 -36.11
C HIS C 256 51.08 17.22 -37.31
N LEU C 257 49.84 16.76 -37.13
CA LEU C 257 49.08 16.20 -38.25
C LEU C 257 48.75 17.26 -39.29
N ASP C 258 48.40 18.47 -38.84
CA ASP C 258 48.10 19.55 -39.78
C ASP C 258 49.33 19.91 -40.61
N ARG C 259 50.50 19.94 -39.98
CA ARG C 259 51.72 20.23 -40.71
C ARG C 259 52.10 19.09 -41.65
N LYS C 260 52.01 17.85 -41.17
CA LYS C 260 52.44 16.71 -41.98
C LYS C 260 51.48 16.47 -43.14
N TYR C 261 50.18 16.58 -42.88
CA TYR C 261 49.16 16.22 -43.86
C TYR C 261 48.34 17.40 -44.34
N GLY C 262 47.75 18.17 -43.43
CA GLY C 262 46.91 19.28 -43.81
C GLY C 262 45.49 19.09 -43.34
N GLN C 263 45.29 18.19 -42.39
CA GLN C 263 43.95 17.94 -41.88
C GLN C 263 43.50 19.09 -41.00
N PRO C 264 42.31 19.65 -41.22
CA PRO C 264 41.79 20.64 -40.28
C PRO C 264 41.53 20.01 -38.93
N THR C 265 41.70 20.79 -37.88
CA THR C 265 41.54 20.32 -36.51
C THR C 265 40.29 20.95 -35.92
N LEU C 266 39.38 20.11 -35.43
CA LEU C 266 38.23 20.55 -34.66
C LEU C 266 38.56 20.37 -33.18
N HIS C 267 38.84 21.48 -32.49
CA HIS C 267 39.17 21.44 -31.08
C HIS C 267 37.90 21.53 -30.25
N ARG C 268 37.72 20.56 -29.36
CA ARG C 268 36.56 20.50 -28.48
C ARG C 268 37.07 20.36 -27.05
N PRO C 269 37.36 21.49 -26.39
CA PRO C 269 37.97 21.42 -25.06
C PRO C 269 37.10 20.71 -24.03
N ILE C 270 35.78 20.81 -24.14
CA ILE C 270 34.87 20.27 -23.12
C ILE C 270 34.34 18.93 -23.61
N ILE C 271 34.63 17.88 -22.86
CA ILE C 271 34.12 16.55 -23.19
C ILE C 271 32.65 16.47 -22.77
N PRO C 272 31.76 15.97 -23.64
CA PRO C 272 30.32 16.05 -23.34
C PRO C 272 29.88 15.03 -22.30
N ILE C 273 29.24 15.52 -21.24
CA ILE C 273 28.52 14.68 -20.29
C ILE C 273 27.11 15.21 -20.20
N GLY C 274 26.13 14.35 -20.42
CA GLY C 274 24.75 14.73 -20.40
C GLY C 274 24.15 14.78 -21.79
N ALA C 275 23.01 15.46 -21.89
CA ALA C 275 22.29 15.59 -23.14
C ALA C 275 22.50 16.95 -23.80
N LYS C 276 22.51 18.03 -23.01
CA LYS C 276 22.76 19.35 -23.58
C LYS C 276 24.17 19.42 -24.15
N GLU C 277 25.17 19.05 -23.36
CA GLU C 277 26.54 19.11 -23.84
C GLU C 277 26.77 18.15 -25.00
N THR C 278 26.18 16.95 -24.93
CA THR C 278 26.37 15.98 -25.99
C THR C 278 25.66 16.40 -27.27
N GLY C 279 24.46 16.98 -27.14
CA GLY C 279 23.79 17.50 -28.32
C GLY C 279 24.56 18.63 -28.97
N ALA C 280 25.07 19.57 -28.17
CA ALA C 280 25.89 20.64 -28.71
C ALA C 280 27.14 20.09 -29.38
N PHE C 281 27.80 19.11 -28.75
CA PHE C 281 29.00 18.52 -29.31
C PHE C 281 28.72 17.88 -30.67
N LEU C 282 27.63 17.12 -30.75
CA LEU C 282 27.30 16.42 -31.99
C LEU C 282 26.89 17.38 -33.09
N ARG C 283 26.14 18.43 -32.74
CA ARG C 283 25.80 19.43 -33.75
C ARG C 283 27.04 20.18 -34.24
N GLU C 284 27.98 20.50 -33.34
CA GLU C 284 29.19 21.18 -33.77
C GLU C 284 30.04 20.28 -34.67
N VAL C 285 30.09 18.98 -34.39
CA VAL C 285 30.83 18.09 -35.27
C VAL C 285 30.14 17.96 -36.61
N ALA C 286 28.81 17.89 -36.61
CA ALA C 286 28.09 17.79 -37.88
C ALA C 286 28.28 19.05 -38.71
N ALA C 287 28.27 20.22 -38.07
CA ALA C 287 28.50 21.46 -38.79
C ALA C 287 29.91 21.50 -39.35
N PHE C 288 30.88 20.96 -38.60
CA PHE C 288 32.26 20.99 -39.08
C PHE C 288 32.44 20.08 -40.28
N ALA C 289 31.88 18.87 -40.24
CA ALA C 289 32.05 17.91 -41.31
C ALA C 289 30.94 17.96 -42.35
N GLY C 290 29.95 18.82 -42.17
CA GLY C 290 28.89 18.95 -43.16
C GLY C 290 28.09 17.67 -43.36
N LEU C 291 27.72 17.01 -42.27
CA LEU C 291 26.98 15.76 -42.36
C LEU C 291 25.49 16.04 -42.61
N ASP C 292 24.76 14.98 -42.92
CA ASP C 292 23.33 15.09 -43.16
C ASP C 292 22.61 15.38 -41.85
N SER C 293 21.98 16.54 -41.77
CA SER C 293 21.33 16.94 -40.52
C SER C 293 20.12 16.07 -40.20
N ALA C 294 19.59 15.33 -41.17
CA ALA C 294 18.48 14.43 -40.87
C ALA C 294 18.92 13.31 -39.95
N VAL C 295 20.02 12.64 -40.27
CA VAL C 295 20.54 11.57 -39.42
C VAL C 295 20.94 12.14 -38.06
N VAL C 296 21.58 13.31 -38.06
CA VAL C 296 22.00 13.94 -36.81
C VAL C 296 20.79 14.19 -35.91
N GLU C 297 19.75 14.82 -36.46
CA GLU C 297 18.60 15.17 -35.65
C GLU C 297 17.84 13.93 -35.20
N ALA C 298 17.75 12.90 -36.05
CA ALA C 298 17.07 11.68 -35.63
C ALA C 298 17.81 11.00 -34.49
N PHE C 299 19.14 10.90 -34.59
CA PHE C 299 19.93 10.30 -33.52
C PHE C 299 19.82 11.10 -32.22
N ILE C 300 19.90 12.44 -32.32
CA ILE C 300 19.76 13.26 -31.13
C ILE C 300 18.39 13.04 -30.50
N THR C 301 17.35 12.98 -31.32
CA THR C 301 16.00 12.79 -30.78
C THR C 301 15.88 11.46 -30.06
N ALA C 302 16.42 10.39 -30.66
CA ALA C 302 16.34 9.08 -30.01
C ALA C 302 17.10 9.06 -28.70
N GLU C 303 18.33 9.58 -28.70
CA GLU C 303 19.15 9.56 -27.50
C GLU C 303 18.52 10.39 -26.39
N GLU C 304 17.97 11.56 -26.73
CA GLU C 304 17.35 12.38 -25.69
C GLU C 304 16.03 11.76 -25.22
N ALA C 305 15.32 11.04 -26.09
CA ALA C 305 14.12 10.36 -25.64
C ALA C 305 14.46 9.29 -24.62
N VAL C 306 15.55 8.56 -24.83
CA VAL C 306 15.99 7.58 -23.84
C VAL C 306 16.46 8.28 -22.56
N TYR C 307 17.27 9.34 -22.72
CA TYR C 307 17.90 10.00 -21.59
C TYR C 307 16.88 10.65 -20.66
N TYR C 308 15.98 11.45 -21.23
CA TYR C 308 15.09 12.23 -20.39
C TYR C 308 14.01 11.37 -19.74
N ARG C 309 13.99 10.08 -20.04
CA ARG C 309 13.09 9.16 -19.34
C ARG C 309 13.70 8.75 -18.01
N TYR C 310 14.92 8.22 -18.07
CA TYR C 310 15.67 7.96 -16.85
C TYR C 310 15.81 9.23 -16.01
N LEU C 311 15.81 10.40 -16.63
CA LEU C 311 15.84 11.62 -15.83
C LEU C 311 14.46 11.99 -15.28
N GLU C 312 13.39 11.66 -15.99
CA GLU C 312 12.05 11.78 -15.44
C GLU C 312 11.83 10.85 -14.26
N ASP C 313 12.62 9.79 -14.18
CA ASP C 313 12.56 8.90 -13.03
C ASP C 313 13.48 9.35 -11.90
N PHE C 314 14.66 9.88 -12.25
CA PHE C 314 15.59 10.42 -11.25
C PHE C 314 15.08 11.70 -10.61
N THR C 315 14.17 12.42 -11.27
CA THR C 315 13.76 13.72 -10.76
C THR C 315 13.06 13.60 -9.41
N ASP C 316 12.35 12.50 -9.17
CA ASP C 316 11.68 12.33 -7.88
C ASP C 316 12.69 12.35 -6.75
N PHE C 317 13.72 11.52 -6.84
CA PHE C 317 14.76 11.51 -5.81
C PHE C 317 15.48 12.85 -5.75
N TYR C 318 15.80 13.43 -6.91
CA TYR C 318 16.62 14.63 -6.92
C TYR C 318 15.89 15.79 -6.25
N ALA C 319 14.59 15.91 -6.45
CA ALA C 319 13.82 17.01 -5.88
C ALA C 319 13.16 16.67 -4.55
N GLU C 320 13.21 15.41 -4.11
CA GLU C 320 12.37 14.96 -3.03
C GLU C 320 13.10 14.21 -1.92
N TYR C 321 14.40 13.95 -2.06
CA TYR C 321 15.09 13.15 -1.06
C TYR C 321 14.98 13.79 0.31
N TRP C 322 14.76 12.95 1.33
CA TRP C 322 14.37 13.43 2.64
C TRP C 322 15.45 14.29 3.28
N TRP C 323 16.69 13.81 3.28
CA TRP C 323 17.76 14.42 4.07
C TRP C 323 18.53 15.50 3.32
N GLY C 324 18.11 15.86 2.12
CA GLY C 324 18.81 16.85 1.33
C GLY C 324 20.00 16.25 0.61
N LEU C 325 20.58 17.05 -0.28
CA LEU C 325 21.67 16.63 -1.14
C LEU C 325 22.75 17.69 -1.15
N PRO C 326 23.99 17.31 -1.47
CA PRO C 326 25.08 18.29 -1.48
C PRO C 326 24.83 19.40 -2.48
N ALA C 327 25.27 20.60 -2.12
CA ALA C 327 25.09 21.80 -2.93
C ALA C 327 26.33 22.22 -3.70
N LYS C 328 27.50 22.08 -3.08
CA LYS C 328 28.76 22.50 -3.69
C LYS C 328 29.65 21.29 -3.93
N PHE C 329 30.61 21.47 -4.83
CA PHE C 329 31.50 20.38 -5.20
C PHE C 329 32.90 20.93 -5.41
N ALA C 330 33.87 20.02 -5.39
CA ALA C 330 35.25 20.31 -5.76
C ALA C 330 35.75 19.20 -6.65
N VAL C 331 36.44 19.56 -7.72
CA VAL C 331 36.97 18.59 -8.67
C VAL C 331 38.49 18.71 -8.66
N ILE C 332 39.17 17.59 -8.43
CA ILE C 332 40.63 17.52 -8.43
C ILE C 332 41.05 16.42 -9.38
N GLY C 333 41.79 16.77 -10.42
CA GLY C 333 42.25 15.80 -11.39
C GLY C 333 42.77 16.49 -12.63
N ASP C 334 43.02 15.68 -13.66
CA ASP C 334 43.45 16.21 -14.95
C ASP C 334 42.49 17.29 -15.42
N SER C 335 42.90 18.11 -16.39
CA SER C 335 42.03 19.18 -16.87
C SER C 335 40.86 18.66 -17.67
N ALA C 336 41.03 17.56 -18.40
CA ALA C 336 39.93 16.99 -19.19
C ALA C 336 38.72 16.69 -18.33
N TYR C 337 38.87 15.71 -17.43
CA TYR C 337 37.77 15.36 -16.53
C TYR C 337 37.36 16.53 -15.67
N ASN C 338 38.32 17.23 -15.06
CA ASN C 338 37.98 18.43 -14.30
C ASN C 338 36.94 19.29 -15.03
N LEU C 339 37.25 19.68 -16.26
CA LEU C 339 36.36 20.56 -17.02
C LEU C 339 35.05 19.88 -17.39
N ALA C 340 35.11 18.63 -17.83
CA ALA C 340 33.88 17.93 -18.20
C ALA C 340 32.94 17.82 -17.01
N LEU C 341 33.48 17.43 -15.86
CA LEU C 341 32.67 17.27 -14.65
C LEU C 341 32.15 18.61 -14.17
N THR C 342 32.95 19.66 -14.23
CA THR C 342 32.46 20.97 -13.82
C THR C 342 31.30 21.41 -14.71
N LYS C 343 31.46 21.26 -16.02
CA LYS C 343 30.41 21.64 -16.95
C LYS C 343 29.13 20.85 -16.70
N PHE C 344 29.26 19.54 -16.51
CA PHE C 344 28.09 18.72 -16.19
C PHE C 344 27.45 19.15 -14.88
N LEU C 345 28.19 19.00 -13.78
CA LEU C 345 27.67 19.31 -12.46
C LEU C 345 27.08 20.72 -12.37
N VAL C 346 27.44 21.62 -13.29
CA VAL C 346 26.95 22.98 -13.23
C VAL C 346 25.73 23.17 -14.12
N ASN C 347 25.71 22.56 -15.30
CA ASN C 347 24.65 22.80 -16.26
C ASN C 347 23.52 21.79 -16.15
N GLN C 348 23.83 20.51 -15.99
CA GLN C 348 22.78 19.53 -15.80
C GLN C 348 22.22 19.60 -14.39
N LEU C 349 23.09 19.40 -13.39
CA LEU C 349 22.63 19.31 -12.01
C LEU C 349 22.42 20.67 -11.36
N GLY C 350 23.16 21.70 -11.80
CA GLY C 350 23.09 22.98 -11.15
C GLY C 350 23.82 23.08 -9.84
N LEU C 351 24.82 22.23 -9.63
CA LEU C 351 25.64 22.31 -8.42
C LEU C 351 26.56 23.53 -8.49
N ILE C 352 26.96 24.01 -7.31
CA ILE C 352 27.77 25.22 -7.19
C ILE C 352 29.24 24.80 -7.20
N PRO C 353 30.06 25.32 -8.12
CA PRO C 353 31.50 25.01 -8.08
C PRO C 353 32.16 25.71 -6.90
N GLY C 354 32.84 24.92 -6.06
CA GLY C 354 33.47 25.46 -4.88
C GLY C 354 34.98 25.59 -5.01
N LEU C 355 35.61 24.62 -5.64
CA LEU C 355 37.06 24.65 -5.82
C LEU C 355 37.42 23.67 -6.93
N GLN C 356 37.97 24.18 -8.02
CA GLN C 356 38.46 23.35 -9.12
C GLN C 356 39.98 23.46 -9.15
N ILE C 357 40.65 22.32 -9.02
CA ILE C 357 42.11 22.25 -9.08
C ILE C 357 42.46 21.23 -10.16
N ILE C 358 43.26 21.67 -11.13
CA ILE C 358 43.69 20.81 -12.22
C ILE C 358 45.08 20.31 -11.89
N THR C 359 45.21 19.00 -11.70
CA THR C 359 46.48 18.38 -11.32
C THR C 359 46.91 17.47 -12.47
N ASP C 360 47.48 18.08 -13.50
CA ASP C 360 48.24 17.32 -14.49
C ASP C 360 49.42 18.14 -15.02
N ASN C 361 49.69 19.31 -14.45
CA ASN C 361 50.77 20.20 -14.86
C ASN C 361 50.64 20.58 -16.33
N PRO C 362 49.59 21.31 -16.70
CA PRO C 362 49.46 21.76 -18.09
C PRO C 362 50.53 22.78 -18.42
N PRO C 363 50.96 22.85 -19.67
CA PRO C 363 51.91 23.90 -20.06
C PRO C 363 51.26 25.27 -20.01
N GLU C 364 52.09 26.28 -19.73
CA GLU C 364 51.59 27.65 -19.57
C GLU C 364 50.97 28.19 -20.85
N GLU C 365 51.29 27.62 -22.01
CA GLU C 365 50.74 28.10 -23.27
C GLU C 365 49.25 27.81 -23.42
N VAL C 366 48.66 26.98 -22.57
CA VAL C 366 47.26 26.61 -22.67
C VAL C 366 46.48 26.91 -21.40
N ARG C 367 47.16 27.31 -20.31
CA ARG C 367 46.47 27.50 -19.05
C ARG C 367 45.47 28.65 -19.16
N GLU C 368 45.83 29.70 -19.89
CA GLU C 368 44.90 30.82 -20.02
C GLU C 368 43.64 30.38 -20.76
N ASP C 369 43.78 29.50 -21.75
CA ASP C 369 42.62 28.99 -22.46
C ASP C 369 41.73 28.18 -21.54
N ILE C 370 42.33 27.33 -20.71
CA ILE C 370 41.54 26.53 -19.77
C ILE C 370 40.84 27.43 -18.76
N ARG C 371 41.55 28.44 -18.26
CA ARG C 371 40.93 29.38 -17.33
C ARG C 371 39.77 30.12 -17.99
N ALA C 372 39.91 30.45 -19.28
CA ALA C 372 38.81 31.05 -20.00
C ALA C 372 37.62 30.10 -20.09
N HIS C 373 37.90 28.82 -20.34
CA HIS C 373 36.82 27.84 -20.41
C HIS C 373 36.10 27.71 -19.09
N TYR C 374 36.80 27.93 -17.97
CA TYR C 374 36.15 27.88 -16.68
C TYR C 374 35.55 29.22 -16.28
N HIS C 375 35.93 30.31 -16.96
CA HIS C 375 35.35 31.61 -16.66
C HIS C 375 33.92 31.70 -17.16
N ALA C 376 33.59 30.94 -18.20
CA ALA C 376 32.22 30.77 -18.66
C ALA C 376 31.99 29.27 -18.66
N ILE C 377 31.55 28.75 -17.52
CA ILE C 377 31.15 27.35 -17.40
C ILE C 377 29.66 27.19 -17.59
N ALA C 378 28.95 28.30 -17.81
CA ALA C 378 27.51 28.35 -18.05
C ALA C 378 27.21 29.80 -18.35
N ASP C 379 26.01 30.06 -18.86
CA ASP C 379 25.66 31.41 -19.26
C ASP C 379 25.61 32.37 -18.06
N ASP C 380 25.44 31.87 -16.84
CA ASP C 380 25.23 32.75 -15.69
C ASP C 380 26.12 32.51 -14.48
N VAL C 381 26.90 31.43 -14.43
CA VAL C 381 27.81 31.19 -13.31
C VAL C 381 29.24 31.26 -13.83
N ALA C 382 30.06 32.07 -13.16
CA ALA C 382 31.46 32.29 -13.52
C ALA C 382 32.34 31.77 -12.41
N THR C 383 33.19 30.79 -12.74
CA THR C 383 34.07 30.15 -11.75
C THR C 383 35.52 30.36 -12.17
N ASP C 384 36.41 29.47 -11.75
CA ASP C 384 37.82 29.58 -12.11
C ASP C 384 38.49 28.25 -11.77
N VAL C 385 39.81 28.22 -11.85
CA VAL C 385 40.55 26.98 -11.65
C VAL C 385 42.00 27.32 -11.35
N SER C 386 42.64 26.49 -10.55
CA SER C 386 44.04 26.67 -10.18
C SER C 386 44.82 25.41 -10.52
N PHE C 387 46.12 25.57 -10.71
CA PHE C 387 47.00 24.49 -11.11
C PHE C 387 47.98 24.21 -9.97
N GLU C 388 47.83 23.07 -9.32
CA GLU C 388 48.71 22.65 -8.24
C GLU C 388 48.94 21.16 -8.34
N GLU C 389 50.20 20.75 -8.50
CA GLU C 389 50.55 19.34 -8.68
C GLU C 389 51.01 18.67 -7.38
N ASP C 390 51.15 19.42 -6.31
CA ASP C 390 51.57 18.88 -5.01
C ASP C 390 50.34 18.57 -4.16
N SER C 391 50.27 17.35 -3.65
CA SER C 391 49.08 16.92 -2.92
C SER C 391 48.91 17.71 -1.63
N TYR C 392 50.01 18.02 -0.96
CA TYR C 392 49.93 18.77 0.30
C TYR C 392 49.34 20.16 0.07
N THR C 393 49.77 20.85 -0.99
CA THR C 393 49.25 22.17 -1.27
C THR C 393 47.76 22.14 -1.58
N ILE C 394 47.31 21.15 -2.38
CA ILE C 394 45.90 21.10 -2.71
C ILE C 394 45.08 20.69 -1.49
N HIS C 395 45.64 19.86 -0.61
CA HIS C 395 44.92 19.53 0.62
C HIS C 395 44.77 20.77 1.50
N GLN C 396 45.82 21.58 1.61
CA GLN C 396 45.70 22.82 2.38
C GLN C 396 44.70 23.78 1.76
N LYS C 397 44.68 23.88 0.43
CA LYS C 397 43.72 24.75 -0.22
C LYS C 397 42.30 24.24 -0.06
N ILE C 398 42.12 22.92 -0.02
CA ILE C 398 40.79 22.37 0.27
C ILE C 398 40.38 22.71 1.70
N ARG C 399 41.30 22.58 2.65
CA ARG C 399 40.97 22.91 4.04
C ARG C 399 40.71 24.40 4.21
N ALA C 400 41.34 25.24 3.39
CA ALA C 400 41.18 26.68 3.48
C ALA C 400 39.94 27.19 2.77
N THR C 401 39.17 26.31 2.15
CA THR C 401 38.01 26.68 1.37
C THR C 401 36.74 26.57 2.21
N ASP C 402 35.85 27.54 2.06
CA ASP C 402 34.58 27.55 2.78
C ASP C 402 33.47 27.14 1.82
N PHE C 403 32.67 26.16 2.24
CA PHE C 403 31.55 25.67 1.45
C PHE C 403 30.21 26.08 2.03
N GLY C 404 29.99 25.87 3.32
CA GLY C 404 28.78 26.27 3.99
C GLY C 404 28.37 25.26 5.02
N HIS C 405 27.13 25.39 5.50
CA HIS C 405 26.62 24.45 6.49
C HIS C 405 26.58 23.03 5.92
N LYS C 406 26.40 22.90 4.62
CA LYS C 406 26.33 21.59 3.99
C LYS C 406 27.73 21.05 3.73
N ALA C 407 27.93 19.79 4.04
CA ALA C 407 29.19 19.14 3.72
C ALA C 407 29.31 18.98 2.21
N PRO C 408 30.43 19.33 1.61
CA PRO C 408 30.55 19.29 0.15
C PRO C 408 30.70 17.86 -0.34
N ILE C 409 30.91 17.73 -1.64
CA ILE C 409 31.23 16.46 -2.28
C ILE C 409 32.53 16.64 -3.05
N LEU C 410 33.47 15.73 -2.85
CA LEU C 410 34.79 15.83 -3.45
C LEU C 410 34.86 14.90 -4.65
N PHE C 411 35.17 15.46 -5.81
CA PHE C 411 35.49 14.65 -6.98
C PHE C 411 37.01 14.56 -7.13
N GLY C 412 37.62 13.92 -6.14
CA GLY C 412 39.06 13.81 -6.10
C GLY C 412 39.53 12.40 -6.36
N THR C 413 40.37 11.87 -5.47
CA THR C 413 40.87 10.50 -5.61
C THR C 413 41.16 9.93 -4.23
N THR C 414 41.94 8.85 -4.19
CA THR C 414 42.24 8.19 -2.92
C THR C 414 42.98 9.11 -1.95
N TRP C 415 43.75 10.07 -2.47
CA TRP C 415 44.47 10.97 -1.58
C TRP C 415 43.54 11.92 -0.83
N GLU C 416 42.29 12.05 -1.28
CA GLU C 416 41.32 12.92 -0.61
C GLU C 416 40.30 12.14 0.20
N ARG C 417 40.52 10.83 0.42
CA ARG C 417 39.60 10.06 1.24
C ARG C 417 39.62 10.55 2.68
N ASP C 418 40.81 10.64 3.28
CA ASP C 418 40.93 11.10 4.65
C ASP C 418 40.45 12.53 4.78
N LEU C 419 40.79 13.38 3.81
CA LEU C 419 40.34 14.76 3.81
C LEU C 419 38.82 14.83 3.67
N ALA C 420 38.24 13.95 2.84
CA ALA C 420 36.79 13.91 2.70
C ALA C 420 36.13 13.54 4.02
N LYS C 421 36.68 12.56 4.73
CA LYS C 421 36.12 12.19 6.02
C LYS C 421 36.33 13.28 7.06
N GLU C 422 37.37 14.10 6.90
CA GLU C 422 37.58 15.22 7.81
C GLU C 422 36.47 16.25 7.68
N LEU C 423 36.01 16.50 6.45
CA LEU C 423 34.93 17.45 6.20
C LEU C 423 33.56 16.80 6.33
N LYS C 424 33.48 15.51 6.65
CA LYS C 424 32.22 14.79 6.77
C LYS C 424 31.44 14.79 5.46
N GLY C 425 32.14 14.82 4.33
CA GLY C 425 31.53 14.88 3.04
C GLY C 425 31.60 13.56 2.29
N ALA C 426 31.37 13.63 0.98
CA ALA C 426 31.39 12.48 0.10
C ALA C 426 32.54 12.61 -0.88
N ILE C 427 33.14 11.48 -1.23
CA ILE C 427 34.30 11.43 -2.12
C ILE C 427 33.97 10.51 -3.27
N VAL C 428 33.92 11.06 -4.48
CA VAL C 428 33.74 10.31 -5.71
C VAL C 428 35.08 10.31 -6.42
N GLU C 429 35.78 9.19 -6.39
CA GLU C 429 37.09 9.08 -7.01
C GLU C 429 36.93 9.11 -8.52
N VAL C 430 37.30 10.23 -9.14
CA VAL C 430 37.17 10.42 -10.58
C VAL C 430 38.49 10.40 -11.32
N GLY C 431 39.62 10.51 -10.61
CA GLY C 431 40.90 10.66 -11.28
C GLY C 431 41.89 9.54 -11.03
N PHE C 432 43.10 9.90 -10.62
CA PHE C 432 44.17 8.96 -10.36
C PHE C 432 44.77 9.25 -8.99
N PRO C 433 45.00 8.23 -8.15
CA PRO C 433 44.70 6.81 -8.34
C PRO C 433 43.31 6.45 -7.79
N ALA C 434 42.56 5.65 -8.53
CA ALA C 434 41.26 5.14 -8.06
C ALA C 434 41.49 3.75 -7.47
N SER C 435 42.01 3.74 -6.24
CA SER C 435 42.43 2.50 -5.61
C SER C 435 41.31 1.80 -4.83
N TYR C 436 40.13 2.39 -4.75
CA TYR C 436 39.03 1.83 -3.97
C TYR C 436 37.79 1.61 -4.82
N GLU C 437 37.97 1.26 -6.09
CA GLU C 437 36.83 0.85 -6.91
C GLU C 437 37.34 0.09 -8.11
N VAL C 438 36.66 -1.01 -8.43
CA VAL C 438 36.99 -1.84 -9.58
C VAL C 438 36.21 -1.32 -10.78
N VAL C 439 36.91 -1.09 -11.88
CA VAL C 439 36.34 -0.49 -13.08
C VAL C 439 36.55 -1.45 -14.23
N LEU C 440 35.47 -1.85 -14.90
CA LEU C 440 35.54 -2.66 -16.10
C LEU C 440 35.04 -1.91 -17.32
N SER C 441 33.77 -1.46 -17.32
CA SER C 441 33.20 -0.83 -18.50
C SER C 441 32.34 0.38 -18.18
N ARG C 442 32.31 0.84 -16.94
CA ARG C 442 31.49 1.98 -16.61
C ARG C 442 32.02 3.23 -17.31
N SER C 443 31.10 4.12 -17.66
CA SER C 443 31.42 5.37 -18.33
C SER C 443 30.72 6.49 -17.57
N TYR C 444 31.33 7.67 -17.57
CA TYR C 444 30.78 8.83 -16.88
C TYR C 444 30.52 9.99 -17.83
N LEU C 445 30.43 9.73 -19.13
CA LEU C 445 30.19 10.79 -20.09
C LEU C 445 29.31 10.29 -21.22
N GLY C 446 28.72 11.24 -21.94
CA GLY C 446 27.81 10.93 -23.02
C GLY C 446 26.37 11.03 -22.61
N TYR C 447 25.50 10.27 -23.26
CA TYR C 447 24.10 10.14 -22.86
C TYR C 447 23.94 9.06 -21.78
N ARG C 448 24.49 7.87 -22.04
CA ARG C 448 24.36 6.76 -21.09
C ARG C 448 25.29 6.91 -19.90
N GLY C 449 26.42 7.60 -20.06
CA GLY C 449 27.37 7.71 -18.97
C GLY C 449 26.98 8.73 -17.91
N ALA C 450 26.20 9.74 -18.29
CA ALA C 450 25.73 10.71 -17.31
C ALA C 450 24.85 10.04 -16.27
N LEU C 451 24.02 9.10 -16.70
CA LEU C 451 23.16 8.39 -15.77
C LEU C 451 23.97 7.55 -14.79
N THR C 452 25.01 6.87 -15.29
CA THR C 452 25.89 6.12 -14.40
C THR C 452 26.60 7.04 -13.42
N LEU C 453 27.01 8.22 -13.89
CA LEU C 453 27.65 9.18 -13.00
C LEU C 453 26.70 9.63 -11.89
N LEU C 454 25.45 9.91 -12.24
CA LEU C 454 24.47 10.27 -11.21
C LEU C 454 24.26 9.13 -10.23
N GLU C 455 24.17 7.90 -10.74
CA GLU C 455 24.03 6.74 -9.87
C GLU C 455 25.17 6.69 -8.85
N LYS C 456 26.41 6.79 -9.32
CA LYS C 456 27.54 6.71 -8.40
C LYS C 456 27.53 7.88 -7.42
N ILE C 457 27.31 9.10 -7.91
CA ILE C 457 27.35 10.26 -7.04
C ILE C 457 26.36 10.11 -5.90
N TYR C 458 25.12 9.77 -6.22
CA TYR C 458 24.10 9.81 -5.18
C TYR C 458 23.94 8.50 -4.42
N THR C 459 24.49 7.39 -4.95
CA THR C 459 24.69 6.22 -4.10
C THR C 459 25.73 6.51 -3.03
N THR C 460 26.82 7.18 -3.40
CA THR C 460 27.79 7.61 -2.40
C THR C 460 27.16 8.62 -1.44
N THR C 461 26.30 9.50 -1.95
CA THR C 461 25.72 10.52 -1.09
C THR C 461 24.78 9.92 -0.05
N VAL C 462 23.88 9.02 -0.48
CA VAL C 462 22.92 8.46 0.48
C VAL C 462 23.52 7.36 1.35
N SER C 463 24.69 6.84 1.01
CA SER C 463 25.27 5.73 1.74
C SER C 463 26.20 6.22 2.86
N ALA C 464 25.68 7.11 3.70
CA ALA C 464 26.37 7.54 4.90
C ALA C 464 25.92 6.79 6.13
N SER C 465 24.64 6.44 6.19
CA SER C 465 24.09 5.56 7.22
C SER C 465 24.07 4.11 6.79
N ALA C 466 24.60 3.80 5.62
CA ALA C 466 24.62 2.42 5.12
C ALA C 466 25.50 1.56 6.00
N PRO D 11 -28.93 -23.54 -17.01
CA PRO D 11 -29.58 -23.79 -15.72
C PRO D 11 -30.39 -22.59 -15.24
N LYS D 12 -31.68 -22.79 -15.03
CA LYS D 12 -32.53 -21.74 -14.47
C LYS D 12 -32.09 -21.47 -13.04
N GLN D 13 -31.48 -20.31 -12.81
CA GLN D 13 -30.85 -20.01 -11.53
C GLN D 13 -31.76 -19.11 -10.71
N ILE D 14 -32.08 -19.55 -9.50
CA ILE D 14 -33.03 -18.88 -8.63
C ILE D 14 -32.33 -18.56 -7.31
N ALA D 15 -32.77 -17.50 -6.66
CA ALA D 15 -32.32 -17.15 -5.32
C ALA D 15 -33.53 -16.99 -4.43
N ILE D 16 -33.35 -17.30 -3.16
CA ILE D 16 -34.42 -17.21 -2.16
C ILE D 16 -33.95 -16.27 -1.06
N TYR D 17 -34.76 -15.26 -0.78
CA TYR D 17 -34.49 -14.29 0.28
C TYR D 17 -35.71 -14.23 1.19
N GLY D 18 -35.68 -13.34 2.15
CA GLY D 18 -36.79 -13.13 3.04
C GLY D 18 -36.30 -12.87 4.44
N LYS D 19 -37.24 -12.91 5.39
CA LYS D 19 -36.87 -12.76 6.78
C LYS D 19 -36.17 -14.02 7.28
N GLY D 20 -35.31 -13.84 8.28
CA GLY D 20 -34.62 -14.98 8.85
C GLY D 20 -35.58 -15.94 9.55
N GLY D 21 -35.23 -17.22 9.51
CA GLY D 21 -36.02 -18.22 10.19
C GLY D 21 -37.48 -18.25 9.77
N ILE D 22 -37.76 -17.90 8.51
CA ILE D 22 -39.13 -17.82 8.04
C ILE D 22 -39.52 -19.01 7.16
N GLY D 23 -38.55 -19.78 6.68
CA GLY D 23 -38.85 -20.91 5.83
C GLY D 23 -38.15 -20.87 4.49
N LYS D 24 -37.07 -20.10 4.39
CA LYS D 24 -36.29 -20.10 3.17
C LYS D 24 -35.69 -21.49 2.92
N SER D 25 -35.07 -22.08 3.93
CA SER D 25 -34.44 -23.38 3.75
C SER D 25 -35.48 -24.49 3.64
N THR D 26 -36.55 -24.42 4.43
CA THR D 26 -37.60 -25.42 4.34
C THR D 26 -38.26 -25.39 2.96
N THR D 27 -38.71 -24.22 2.54
CA THR D 27 -39.36 -24.09 1.24
C THR D 27 -38.39 -24.43 0.13
N THR D 28 -37.13 -24.01 0.25
CA THR D 28 -36.15 -24.29 -0.78
C THR D 28 -35.89 -25.79 -0.91
N SER D 29 -35.76 -26.50 0.21
CA SER D 29 -35.54 -27.94 0.15
C SER D 29 -36.77 -28.66 -0.38
N ASN D 30 -37.97 -28.21 -0.01
CA ASN D 30 -39.17 -28.83 -0.54
C ASN D 30 -39.28 -28.60 -2.05
N ILE D 31 -38.94 -27.40 -2.52
CA ILE D 31 -38.96 -27.11 -3.94
C ILE D 31 -37.95 -27.96 -4.68
N SER D 32 -36.74 -28.07 -4.13
CA SER D 32 -35.71 -28.89 -4.76
C SER D 32 -36.12 -30.35 -4.80
N ALA D 33 -36.72 -30.85 -3.72
CA ALA D 33 -37.17 -32.24 -3.69
C ALA D 33 -38.28 -32.49 -4.70
N ALA D 34 -39.24 -31.57 -4.80
CA ALA D 34 -40.32 -31.75 -5.76
C ALA D 34 -39.81 -31.64 -7.19
N LEU D 35 -38.79 -30.81 -7.42
CA LEU D 35 -38.22 -30.72 -8.76
C LEU D 35 -37.42 -31.96 -9.09
N ALA D 36 -36.63 -32.46 -8.13
CA ALA D 36 -35.89 -33.70 -8.36
C ALA D 36 -36.81 -34.90 -8.42
N GLU D 37 -38.00 -34.79 -7.84
CA GLU D 37 -39.01 -35.83 -8.02
C GLU D 37 -39.54 -35.86 -9.45
N ALA D 38 -39.44 -34.76 -10.18
CA ALA D 38 -39.89 -34.67 -11.55
C ALA D 38 -38.82 -35.03 -12.57
N GLY D 39 -37.64 -35.45 -12.12
CA GLY D 39 -36.57 -35.87 -13.00
C GLY D 39 -35.51 -34.82 -13.25
N TYR D 40 -35.77 -33.56 -12.90
CA TYR D 40 -34.80 -32.52 -13.13
C TYR D 40 -33.58 -32.71 -12.24
N LYS D 41 -32.50 -31.99 -12.57
CA LYS D 41 -31.32 -31.90 -11.72
C LYS D 41 -31.30 -30.54 -11.05
N VAL D 42 -31.23 -30.52 -9.72
CA VAL D 42 -31.30 -29.31 -8.93
C VAL D 42 -30.09 -29.27 -8.02
N MET D 43 -29.47 -28.09 -7.92
CA MET D 43 -28.42 -27.83 -6.93
C MET D 43 -28.91 -26.75 -6.00
N GLN D 44 -28.84 -27.02 -4.69
CA GLN D 44 -29.20 -26.06 -3.66
C GLN D 44 -27.91 -25.60 -3.01
N PHE D 45 -27.65 -24.30 -3.06
CA PHE D 45 -26.45 -23.71 -2.47
C PHE D 45 -26.84 -22.95 -1.21
N GLY D 46 -26.16 -23.24 -0.10
CA GLY D 46 -26.42 -22.60 1.15
C GLY D 46 -25.45 -21.48 1.42
N CYS D 47 -25.98 -20.26 1.51
CA CYS D 47 -25.18 -19.06 1.76
C CYS D 47 -25.22 -18.66 3.22
N ASP D 48 -25.72 -19.52 4.10
CA ASP D 48 -25.70 -19.29 5.53
C ASP D 48 -24.51 -19.98 6.15
N PRO D 49 -23.66 -19.29 6.92
CA PRO D 49 -22.52 -19.97 7.56
C PRO D 49 -22.93 -20.99 8.63
N LYS D 50 -24.18 -21.01 9.08
CA LYS D 50 -24.60 -22.05 10.01
C LYS D 50 -24.54 -23.44 9.39
N SER D 51 -24.54 -23.52 8.06
CA SER D 51 -24.49 -24.80 7.34
C SER D 51 -25.70 -25.67 7.70
N ASP D 52 -26.89 -25.13 7.40
CA ASP D 52 -28.13 -25.82 7.71
C ASP D 52 -29.17 -25.74 6.60
N SER D 53 -28.85 -25.14 5.45
CA SER D 53 -29.84 -24.99 4.40
C SER D 53 -30.26 -26.34 3.84
N THR D 54 -29.30 -27.22 3.58
CA THR D 54 -29.58 -28.55 3.05
C THR D 54 -29.59 -29.62 4.14
N ASN D 55 -30.03 -29.24 5.35
CA ASN D 55 -30.10 -30.21 6.44
C ASN D 55 -31.07 -31.33 6.12
N THR D 56 -32.23 -30.99 5.56
CA THR D 56 -33.27 -31.98 5.29
C THR D 56 -33.00 -32.78 4.03
N LEU D 57 -31.96 -32.45 3.28
CA LEU D 57 -31.58 -33.21 2.09
C LEU D 57 -30.49 -34.21 2.35
N ARG D 58 -29.64 -33.98 3.34
CA ARG D 58 -28.57 -34.90 3.70
C ARG D 58 -28.95 -35.82 4.85
N GLY D 59 -30.16 -35.71 5.38
CA GLY D 59 -30.58 -36.50 6.51
C GLY D 59 -30.13 -35.98 7.85
N GLY D 60 -29.65 -34.74 7.92
CA GLY D 60 -29.17 -34.16 9.16
C GLY D 60 -27.70 -34.39 9.43
N ASP D 61 -27.05 -35.29 8.70
CA ASP D 61 -25.64 -35.55 8.90
C ASP D 61 -24.82 -34.34 8.47
N TYR D 62 -23.70 -34.13 9.16
CA TYR D 62 -22.82 -33.01 8.88
C TYR D 62 -21.94 -33.32 7.68
N ILE D 63 -21.86 -32.38 6.75
CA ILE D 63 -20.97 -32.50 5.60
C ILE D 63 -20.02 -31.31 5.59
N PRO D 64 -18.80 -31.45 5.08
CA PRO D 64 -17.90 -30.31 5.03
C PRO D 64 -18.40 -29.26 4.05
N SER D 65 -18.01 -28.01 4.29
CA SER D 65 -18.41 -26.89 3.46
C SER D 65 -17.29 -26.50 2.51
N VAL D 66 -17.58 -25.50 1.67
CA VAL D 66 -16.57 -25.00 0.73
C VAL D 66 -15.41 -24.38 1.50
N LEU D 67 -15.73 -23.49 2.44
CA LEU D 67 -14.69 -22.74 3.15
C LEU D 67 -13.79 -23.65 3.97
N ASP D 68 -14.23 -24.86 4.29
CA ASP D 68 -13.39 -25.81 5.00
C ASP D 68 -12.29 -26.38 4.12
N LEU D 69 -12.23 -25.96 2.86
CA LEU D 69 -11.17 -26.33 1.94
C LEU D 69 -10.18 -25.20 1.70
N LEU D 70 -10.55 -23.97 2.06
CA LEU D 70 -9.65 -22.83 2.02
C LEU D 70 -8.73 -22.78 3.23
N ARG D 75 -4.43 -23.94 -3.72
CA ARG D 75 -5.53 -24.04 -4.67
C ARG D 75 -6.53 -25.08 -4.17
N VAL D 76 -7.79 -24.97 -4.61
CA VAL D 76 -8.86 -25.82 -4.10
C VAL D 76 -9.56 -26.50 -5.28
N ASP D 77 -10.20 -27.62 -4.99
CA ASP D 77 -11.07 -28.34 -5.92
C ASP D 77 -12.47 -28.34 -5.35
N ALA D 78 -13.30 -27.39 -5.79
CA ALA D 78 -14.63 -27.20 -5.23
C ALA D 78 -15.51 -28.43 -5.35
N HIS D 79 -15.14 -29.43 -6.15
CA HIS D 79 -15.97 -30.62 -6.26
C HIS D 79 -15.96 -31.46 -4.99
N GLU D 80 -14.93 -31.33 -4.16
CA GLU D 80 -14.87 -32.07 -2.91
C GLU D 80 -15.85 -31.53 -1.86
N ALA D 81 -16.42 -30.35 -2.08
CA ALA D 81 -17.43 -29.79 -1.19
C ALA D 81 -18.85 -30.02 -1.70
N ILE D 82 -19.01 -30.82 -2.76
CA ILE D 82 -20.31 -31.10 -3.34
C ILE D 82 -20.79 -32.44 -2.81
N PHE D 83 -21.88 -32.43 -2.07
CA PHE D 83 -22.50 -33.64 -1.53
C PHE D 83 -23.95 -33.69 -2.01
N GLN D 84 -24.35 -34.82 -2.57
CA GLN D 84 -25.69 -34.99 -3.12
C GLN D 84 -26.52 -35.88 -2.20
N GLY D 85 -27.77 -35.48 -1.96
CA GLY D 85 -28.63 -36.19 -1.03
C GLY D 85 -29.87 -36.79 -1.66
N PHE D 86 -31.04 -36.37 -1.19
CA PHE D 86 -32.28 -36.95 -1.66
C PHE D 86 -32.57 -36.53 -3.10
N GLY D 87 -33.07 -37.47 -3.89
CA GLY D 87 -33.41 -37.21 -5.27
C GLY D 87 -32.20 -36.84 -6.12
N GLY D 88 -31.00 -37.11 -5.59
CA GLY D 88 -29.79 -36.72 -6.27
C GLY D 88 -29.52 -35.23 -6.24
N ILE D 89 -30.16 -34.50 -5.33
CA ILE D 89 -29.98 -33.05 -5.28
C ILE D 89 -28.56 -32.75 -4.85
N TYR D 90 -27.91 -31.84 -5.59
CA TYR D 90 -26.53 -31.45 -5.30
C TYR D 90 -26.57 -30.40 -4.19
N CYS D 91 -26.25 -30.83 -2.97
CA CYS D 91 -26.23 -29.96 -1.81
C CYS D 91 -24.83 -29.40 -1.64
N VAL D 92 -24.71 -28.08 -1.76
CA VAL D 92 -23.45 -27.37 -1.57
C VAL D 92 -23.63 -26.35 -0.47
N GLU D 93 -22.74 -26.39 0.52
CA GLU D 93 -22.80 -25.49 1.66
C GLU D 93 -21.56 -24.61 1.66
N ALA D 94 -21.77 -23.29 1.71
CA ALA D 94 -20.64 -22.37 1.77
C ALA D 94 -19.93 -22.48 3.11
N GLY D 95 -20.68 -22.58 4.20
CA GLY D 95 -20.10 -22.68 5.51
C GLY D 95 -19.57 -21.35 5.99
N GLY D 96 -18.72 -21.41 7.01
CA GLY D 96 -18.09 -20.24 7.56
C GLY D 96 -17.62 -20.46 8.97
N PRO D 97 -17.32 -19.37 9.68
CA PRO D 97 -16.87 -19.48 11.06
C PRO D 97 -18.04 -19.70 12.00
N ALA D 98 -17.71 -19.99 13.26
CA ALA D 98 -18.70 -19.94 14.31
C ALA D 98 -19.17 -18.50 14.49
N PRO D 99 -20.37 -18.30 14.99
CA PRO D 99 -20.91 -16.94 15.08
C PRO D 99 -20.00 -16.03 15.90
N GLY D 100 -19.84 -14.80 15.42
CA GLY D 100 -19.17 -13.76 16.16
C GLY D 100 -17.71 -13.53 15.85
N VAL D 101 -17.13 -14.26 14.89
CA VAL D 101 -15.76 -14.04 14.48
C VAL D 101 -15.68 -14.02 12.96
N GLY D 102 -14.61 -13.41 12.46
CA GLY D 102 -14.33 -13.46 11.04
C GLY D 102 -15.30 -12.64 10.22
N CYS D 103 -15.46 -13.05 8.96
CA CYS D 103 -16.32 -12.35 8.00
C CYS D 103 -16.97 -13.41 7.12
N ALA D 104 -18.24 -13.70 7.40
CA ALA D 104 -18.96 -14.69 6.61
C ALA D 104 -19.33 -14.17 5.24
N GLY D 105 -19.50 -12.85 5.10
CA GLY D 105 -19.80 -12.31 3.79
C GLY D 105 -18.66 -12.53 2.82
N ARG D 106 -17.44 -12.26 3.25
CA ARG D 106 -16.28 -12.59 2.44
C ARG D 106 -16.19 -14.08 2.22
N GLY D 107 -16.67 -14.89 3.17
CA GLY D 107 -16.67 -16.32 2.97
C GLY D 107 -17.60 -16.75 1.85
N ILE D 108 -18.79 -16.15 1.77
CA ILE D 108 -19.70 -16.47 0.68
C ILE D 108 -19.13 -15.95 -0.64
N ILE D 109 -18.50 -14.78 -0.62
CA ILE D 109 -17.83 -14.28 -1.83
C ILE D 109 -16.78 -15.27 -2.29
N THR D 110 -15.95 -15.76 -1.36
CA THR D 110 -14.89 -16.70 -1.71
C THR D 110 -15.47 -18.00 -2.23
N ALA D 111 -16.53 -18.51 -1.60
CA ALA D 111 -17.12 -19.76 -2.03
C ALA D 111 -17.69 -19.64 -3.43
N VAL D 112 -18.44 -18.57 -3.70
CA VAL D 112 -19.03 -18.39 -5.02
C VAL D 112 -17.95 -18.18 -6.07
N GLU D 113 -16.91 -17.42 -5.73
CA GLU D 113 -15.81 -17.23 -6.67
C GLU D 113 -15.13 -18.54 -6.98
N LEU D 114 -14.90 -19.38 -5.98
CA LEU D 114 -14.28 -20.67 -6.22
C LEU D 114 -15.17 -21.57 -7.08
N LEU D 115 -16.48 -21.55 -6.81
CA LEU D 115 -17.39 -22.35 -7.61
C LEU D 115 -17.41 -21.90 -9.06
N LYS D 116 -17.41 -20.58 -9.29
CA LYS D 116 -17.38 -20.07 -10.65
C LYS D 116 -16.07 -20.41 -11.34
N GLN D 117 -14.94 -20.23 -10.64
CA GLN D 117 -13.65 -20.52 -11.24
C GLN D 117 -13.51 -22.01 -11.54
N GLN D 118 -14.20 -22.86 -10.80
CA GLN D 118 -14.22 -24.29 -11.08
C GLN D 118 -15.30 -24.68 -12.08
N ASN D 119 -16.16 -23.74 -12.49
CA ASN D 119 -17.20 -24.00 -13.48
C ASN D 119 -18.11 -25.15 -13.06
N VAL D 120 -18.56 -25.10 -11.81
CA VAL D 120 -19.40 -26.18 -11.29
C VAL D 120 -20.79 -26.14 -11.91
N PHE D 121 -21.33 -24.93 -12.13
CA PHE D 121 -22.70 -24.83 -12.62
C PHE D 121 -22.85 -25.30 -14.05
N GLU D 122 -21.76 -25.38 -14.82
CA GLU D 122 -21.81 -25.80 -16.21
C GLU D 122 -21.19 -27.15 -16.47
N GLU D 123 -20.27 -27.61 -15.63
CA GLU D 123 -19.70 -28.95 -15.76
C GLU D 123 -20.52 -30.00 -15.03
N LEU D 124 -21.82 -29.75 -14.82
CA LEU D 124 -22.67 -30.66 -14.07
C LEU D 124 -24.01 -30.94 -14.72
N ASP D 125 -24.49 -30.07 -15.63
CA ASP D 125 -25.77 -30.23 -16.31
C ASP D 125 -26.95 -30.19 -15.33
N LEU D 126 -27.02 -29.09 -14.59
CA LEU D 126 -28.12 -28.85 -13.67
C LEU D 126 -29.24 -28.12 -14.39
N ASP D 127 -30.48 -28.53 -14.10
CA ASP D 127 -31.63 -27.84 -14.66
C ASP D 127 -31.99 -26.60 -13.84
N TYR D 128 -31.82 -26.68 -12.52
CA TYR D 128 -32.12 -25.56 -11.64
C TYR D 128 -30.99 -25.38 -10.64
N VAL D 129 -30.77 -24.12 -10.25
CA VAL D 129 -29.88 -23.76 -9.16
C VAL D 129 -30.62 -22.77 -8.29
N ILE D 130 -30.84 -23.13 -7.02
CA ILE D 130 -31.58 -22.29 -6.10
C ILE D 130 -30.63 -21.85 -5.00
N PHE D 131 -30.31 -20.56 -4.97
CA PHE D 131 -29.46 -20.01 -3.92
C PHE D 131 -30.32 -19.73 -2.70
N ASP D 132 -30.11 -20.49 -1.64
CA ASP D 132 -30.75 -20.23 -0.37
C ASP D 132 -29.82 -19.34 0.45
N VAL D 133 -30.27 -18.13 0.74
CA VAL D 133 -29.44 -17.16 1.44
C VAL D 133 -29.96 -17.01 2.86
N LEU D 134 -29.12 -16.45 3.71
CA LEU D 134 -29.49 -16.20 5.10
C LEU D 134 -30.44 -15.01 5.19
N GLY D 135 -30.93 -14.78 6.41
CA GLY D 135 -31.99 -13.81 6.60
C GLY D 135 -31.56 -12.37 6.65
N ASP D 136 -30.35 -12.10 7.09
CA ASP D 136 -29.86 -10.73 7.26
C ASP D 136 -28.81 -10.48 6.19
N VAL D 137 -29.23 -9.89 5.08
CA VAL D 137 -28.29 -9.49 4.04
C VAL D 137 -27.65 -8.19 4.52
N VAL D 138 -26.38 -8.28 4.92
CA VAL D 138 -25.73 -7.17 5.62
C VAL D 138 -24.57 -6.59 4.82
N CYS D 139 -23.99 -7.34 3.88
CA CYS D 139 -22.87 -6.89 3.10
C CYS D 139 -23.08 -7.34 1.67
N GLY D 140 -22.32 -6.73 0.76
CA GLY D 140 -22.44 -7.14 -0.62
C GLY D 140 -21.97 -8.54 -0.93
N GLY D 141 -21.49 -9.27 0.08
CA GLY D 141 -21.12 -10.66 -0.14
C GLY D 141 -22.29 -11.61 -0.03
N PHE D 142 -23.36 -11.16 0.62
CA PHE D 142 -24.57 -11.96 0.69
C PHE D 142 -25.50 -11.70 -0.49
N ALA D 143 -25.26 -10.62 -1.24
CA ALA D 143 -26.03 -10.28 -2.42
C ALA D 143 -25.31 -10.73 -3.69
N VAL D 144 -24.27 -11.55 -3.56
CA VAL D 144 -23.60 -12.10 -4.74
C VAL D 144 -24.57 -12.85 -5.64
N PRO D 145 -25.50 -13.67 -5.13
CA PRO D 145 -26.41 -14.38 -6.04
C PRO D 145 -27.21 -13.47 -6.94
N ILE D 146 -27.54 -12.26 -6.52
CA ILE D 146 -28.43 -11.39 -7.28
C ILE D 146 -27.66 -10.41 -8.16
N ARG D 147 -26.40 -10.70 -8.46
CA ARG D 147 -25.62 -9.87 -9.35
C ARG D 147 -25.98 -10.19 -10.81
N GLU D 148 -25.19 -9.68 -11.74
CA GLU D 148 -25.42 -9.93 -13.16
C GLU D 148 -24.81 -11.27 -13.57
N GLY D 149 -25.57 -12.07 -14.31
CA GLY D 149 -25.09 -13.34 -14.79
C GLY D 149 -25.05 -14.45 -13.76
N ILE D 150 -25.67 -14.27 -12.61
CA ILE D 150 -25.67 -15.26 -11.54
C ILE D 150 -27.08 -15.82 -11.32
N ALA D 151 -28.03 -14.97 -10.94
CA ALA D 151 -29.41 -15.38 -10.79
C ALA D 151 -30.31 -14.39 -11.54
N GLU D 152 -31.43 -14.91 -12.03
CA GLU D 152 -32.40 -14.10 -12.74
C GLU D 152 -33.76 -14.03 -12.05
N HIS D 153 -34.17 -15.10 -11.37
CA HIS D 153 -35.41 -15.14 -10.62
C HIS D 153 -35.07 -15.10 -9.14
N VAL D 154 -35.57 -14.10 -8.43
CA VAL D 154 -35.37 -13.99 -7.00
C VAL D 154 -36.72 -13.86 -6.34
N PHE D 155 -36.99 -14.71 -5.37
CA PHE D 155 -38.25 -14.70 -4.63
C PHE D 155 -37.92 -14.52 -3.15
N THR D 156 -38.76 -13.74 -2.46
CA THR D 156 -38.57 -13.47 -1.05
C THR D 156 -39.69 -14.16 -0.28
N VAL D 157 -39.33 -15.08 0.60
CA VAL D 157 -40.31 -15.76 1.43
C VAL D 157 -40.81 -14.78 2.48
N SER D 158 -42.11 -14.77 2.71
CA SER D 158 -42.68 -13.93 3.75
C SER D 158 -44.00 -14.56 4.21
N SER D 159 -44.44 -14.13 5.39
CA SER D 159 -45.68 -14.63 5.97
C SER D 159 -46.57 -13.46 6.38
N SER D 160 -47.65 -13.76 7.10
CA SER D 160 -48.57 -12.72 7.54
C SER D 160 -47.98 -11.83 8.62
N ASP D 161 -46.84 -12.21 9.20
CA ASP D 161 -46.24 -11.39 10.26
C ASP D 161 -45.77 -10.06 9.71
N PHE D 162 -46.05 -8.99 10.46
CA PHE D 162 -45.71 -7.66 9.98
C PHE D 162 -44.22 -7.50 9.77
N MET D 163 -43.40 -8.10 10.63
CA MET D 163 -41.96 -8.00 10.45
C MET D 163 -41.48 -8.83 9.27
N ALA D 164 -42.20 -9.90 8.93
CA ALA D 164 -41.88 -10.61 7.69
C ALA D 164 -42.09 -9.71 6.48
N ILE D 165 -43.20 -8.97 6.45
CA ILE D 165 -43.46 -8.02 5.38
C ILE D 165 -42.41 -6.92 5.39
N TYR D 166 -42.05 -6.43 6.58
CA TYR D 166 -41.02 -5.42 6.71
C TYR D 166 -39.71 -5.90 6.11
N ALA D 167 -39.29 -7.12 6.45
CA ALA D 167 -38.05 -7.65 5.90
C ALA D 167 -38.15 -7.81 4.39
N ALA D 168 -39.30 -8.26 3.89
CA ALA D 168 -39.46 -8.39 2.44
C ALA D 168 -39.35 -7.05 1.74
N ASN D 169 -39.96 -6.01 2.30
CA ASN D 169 -39.90 -4.68 1.69
C ASN D 169 -38.49 -4.13 1.72
N ASN D 170 -37.80 -4.29 2.86
CA ASN D 170 -36.40 -3.87 2.96
C ASN D 170 -35.54 -4.63 1.95
N LEU D 171 -35.82 -5.91 1.74
CA LEU D 171 -35.08 -6.68 0.76
C LEU D 171 -35.40 -6.24 -0.67
N PHE D 172 -36.63 -5.79 -0.92
CA PHE D 172 -36.95 -5.21 -2.22
C PHE D 172 -36.13 -3.94 -2.44
N LYS D 173 -36.01 -3.12 -1.39
CA LYS D 173 -35.14 -1.95 -1.48
C LYS D 173 -33.71 -2.37 -1.79
N GLY D 174 -33.23 -3.42 -1.13
CA GLY D 174 -31.88 -3.88 -1.39
C GLY D 174 -31.70 -4.46 -2.79
N ILE D 175 -32.69 -5.21 -3.26
CA ILE D 175 -32.59 -5.84 -4.58
C ILE D 175 -32.71 -4.80 -5.69
N GLN D 176 -33.49 -3.75 -5.47
CA GLN D 176 -33.71 -2.75 -6.50
C GLN D 176 -32.40 -2.19 -7.04
N LYS D 177 -31.37 -2.10 -6.19
CA LYS D 177 -30.08 -1.61 -6.66
C LYS D 177 -29.48 -2.53 -7.70
N TYR D 178 -29.59 -3.85 -7.49
CA TYR D 178 -29.06 -4.79 -8.48
C TYR D 178 -29.98 -4.90 -9.69
N SER D 179 -31.30 -4.79 -9.49
CA SER D 179 -32.22 -4.83 -10.61
C SER D 179 -31.98 -3.67 -11.56
N ASN D 180 -31.73 -2.48 -11.02
CA ASN D 180 -31.44 -1.30 -11.82
C ASN D 180 -30.04 -1.32 -12.41
N ALA D 181 -29.15 -2.20 -11.92
CA ALA D 181 -27.76 -2.24 -12.36
C ALA D 181 -27.47 -3.49 -13.17
N GLY D 182 -28.48 -4.01 -13.86
CA GLY D 182 -28.28 -5.17 -14.72
C GLY D 182 -28.33 -6.49 -14.00
N GLY D 183 -28.66 -6.52 -12.72
CA GLY D 183 -28.69 -7.74 -11.96
C GLY D 183 -30.03 -8.45 -12.06
N ALA D 184 -30.34 -9.24 -11.03
CA ALA D 184 -31.57 -10.00 -11.03
C ALA D 184 -32.78 -9.10 -10.80
N LEU D 185 -33.92 -9.54 -11.33
CA LEU D 185 -35.19 -8.85 -11.13
C LEU D 185 -36.04 -9.63 -10.13
N LEU D 186 -36.88 -8.90 -9.41
CA LEU D 186 -37.74 -9.50 -8.40
C LEU D 186 -38.80 -10.37 -9.07
N GLY D 187 -38.63 -11.69 -9.00
CA GLY D 187 -39.58 -12.58 -9.63
C GLY D 187 -40.95 -12.54 -8.97
N GLY D 188 -40.98 -12.43 -7.65
CA GLY D 188 -42.25 -12.39 -6.95
C GLY D 188 -42.08 -12.56 -5.46
N VAL D 189 -43.07 -13.20 -4.84
CA VAL D 189 -43.06 -13.46 -3.41
C VAL D 189 -43.53 -14.89 -3.18
N ILE D 190 -42.87 -15.59 -2.26
CA ILE D 190 -43.31 -16.89 -1.80
C ILE D 190 -43.97 -16.70 -0.44
N ALA D 191 -45.18 -17.21 -0.29
CA ALA D 191 -45.91 -17.15 0.96
C ALA D 191 -45.67 -18.42 1.75
N ASN D 192 -45.56 -18.27 3.07
CA ASN D 192 -45.39 -19.42 3.96
C ASN D 192 -46.09 -19.14 5.27
N SER D 193 -46.50 -20.22 5.93
CA SER D 193 -47.26 -20.13 7.17
C SER D 193 -48.55 -19.33 6.97
N ILE D 194 -49.22 -19.58 5.84
CA ILE D 194 -50.48 -18.93 5.50
C ILE D 194 -51.57 -19.98 5.71
N ASN D 195 -52.32 -19.84 6.80
CA ASN D 195 -53.38 -20.77 7.14
C ASN D 195 -54.76 -20.11 7.09
N THR D 196 -54.95 -19.02 7.83
CA THR D 196 -56.26 -18.40 7.92
C THR D 196 -56.50 -17.49 6.71
N ASP D 197 -57.71 -16.94 6.62
CA ASP D 197 -58.01 -16.00 5.55
C ASP D 197 -57.40 -14.63 5.79
N PHE D 198 -57.26 -14.22 7.05
CA PHE D 198 -56.62 -12.94 7.33
C PHE D 198 -55.16 -12.95 6.87
N HIS D 199 -54.48 -14.09 7.05
CA HIS D 199 -53.10 -14.19 6.58
C HIS D 199 -53.03 -13.98 5.08
N ARG D 200 -53.90 -14.66 4.34
CA ARG D 200 -53.92 -14.52 2.88
C ARG D 200 -54.25 -13.09 2.48
N ASP D 201 -55.21 -12.47 3.14
CA ASP D 201 -55.60 -11.11 2.79
C ASP D 201 -54.47 -10.12 3.03
N ILE D 202 -53.82 -10.21 4.19
CA ILE D 202 -52.77 -9.27 4.52
C ILE D 202 -51.50 -9.51 3.71
N ILE D 203 -51.29 -10.73 3.22
CA ILE D 203 -50.14 -10.97 2.35
C ILE D 203 -50.47 -10.72 0.88
N ASP D 204 -51.75 -10.62 0.52
CA ASP D 204 -52.11 -10.21 -0.83
C ASP D 204 -52.12 -8.69 -0.96
N ASP D 205 -52.54 -7.99 0.09
CA ASP D 205 -52.55 -6.53 0.02
C ASP D 205 -51.15 -5.99 -0.17
N PHE D 206 -50.17 -6.55 0.54
CA PHE D 206 -48.78 -6.08 0.40
C PHE D 206 -48.27 -6.31 -1.00
N VAL D 207 -48.55 -7.49 -1.57
CA VAL D 207 -48.04 -7.82 -2.90
C VAL D 207 -48.73 -6.99 -3.97
N ALA D 208 -49.98 -6.61 -3.75
CA ALA D 208 -50.65 -5.71 -4.69
C ALA D 208 -50.16 -4.28 -4.54
N ARG D 209 -49.75 -3.88 -3.33
CA ARG D 209 -49.25 -2.52 -3.14
C ARG D 209 -47.86 -2.35 -3.74
N THR D 210 -47.09 -3.44 -3.84
CA THR D 210 -45.73 -3.38 -4.35
C THR D 210 -45.63 -3.81 -5.81
N GLN D 211 -46.74 -4.19 -6.43
CA GLN D 211 -46.77 -4.52 -7.86
C GLN D 211 -45.91 -5.75 -8.17
N THR D 212 -46.16 -6.83 -7.44
CA THR D 212 -45.52 -8.11 -7.72
C THR D 212 -46.59 -9.20 -7.55
N GLN D 213 -46.18 -10.47 -7.58
CA GLN D 213 -47.13 -11.57 -7.56
C GLN D 213 -46.72 -12.67 -6.59
N VAL D 214 -47.65 -13.10 -5.75
CA VAL D 214 -47.47 -14.24 -4.86
C VAL D 214 -47.39 -15.50 -5.70
N VAL D 215 -46.21 -16.13 -5.73
CA VAL D 215 -46.05 -17.37 -6.49
C VAL D 215 -47.06 -18.42 -6.02
N GLN D 216 -47.18 -18.61 -4.71
CA GLN D 216 -48.08 -19.60 -4.15
C GLN D 216 -48.15 -19.39 -2.65
N TYR D 217 -49.11 -20.05 -2.01
CA TYR D 217 -49.29 -20.00 -0.57
C TYR D 217 -48.97 -21.36 0.03
N VAL D 218 -48.25 -21.34 1.15
CA VAL D 218 -47.87 -22.56 1.87
C VAL D 218 -48.43 -22.44 3.29
N PRO D 219 -49.22 -23.40 3.75
CA PRO D 219 -49.76 -23.34 5.11
C PRO D 219 -48.78 -23.96 6.12
N ARG D 220 -49.04 -23.68 7.39
CA ARG D 220 -48.23 -24.17 8.50
C ARG D 220 -48.80 -25.51 8.94
N SER D 221 -48.10 -26.60 8.61
CA SER D 221 -48.53 -27.95 8.94
C SER D 221 -47.45 -28.67 9.70
N LEU D 222 -47.86 -29.55 10.61
CA LEU D 222 -46.93 -30.28 11.45
C LEU D 222 -46.27 -31.44 10.72
N THR D 223 -46.58 -31.62 9.43
CA THR D 223 -45.84 -32.60 8.64
C THR D 223 -44.43 -32.11 8.39
N VAL D 224 -44.26 -30.79 8.28
CA VAL D 224 -42.94 -30.23 8.10
C VAL D 224 -42.15 -30.33 9.40
N THR D 225 -42.80 -30.09 10.54
CA THR D 225 -42.14 -30.28 11.82
C THR D 225 -41.67 -31.72 12.00
N GLN D 226 -42.54 -32.68 11.68
CA GLN D 226 -42.16 -34.08 11.83
C GLN D 226 -41.03 -34.45 10.89
N ALA D 227 -41.10 -34.01 9.62
CA ALA D 227 -40.03 -34.33 8.68
C ALA D 227 -38.72 -33.65 9.07
N GLU D 228 -38.81 -32.45 9.65
CA GLU D 228 -37.63 -31.73 10.11
C GLU D 228 -36.93 -32.50 11.22
N LEU D 229 -37.64 -32.74 12.33
CA LEU D 229 -37.07 -33.54 13.40
C LEU D 229 -36.44 -34.82 12.87
N GLN D 230 -37.14 -35.49 11.94
CA GLN D 230 -36.59 -36.68 11.31
C GLN D 230 -35.42 -36.36 10.38
N GLY D 231 -35.14 -35.09 10.12
CA GLY D 231 -34.08 -34.73 9.19
C GLY D 231 -34.41 -34.91 7.73
N ARG D 232 -35.70 -34.98 7.38
CA ARG D 232 -36.15 -35.19 6.02
C ARG D 232 -37.03 -34.01 5.61
N THR D 233 -37.48 -34.06 4.36
CA THR D 233 -38.41 -33.07 3.81
C THR D 233 -39.75 -33.74 3.53
N THR D 234 -40.80 -32.91 3.47
CA THR D 234 -42.15 -33.45 3.34
C THR D 234 -42.31 -34.27 2.07
N ILE D 235 -41.54 -33.96 1.03
CA ILE D 235 -41.61 -34.77 -0.18
C ILE D 235 -41.17 -36.19 0.13
N GLU D 236 -40.03 -36.34 0.82
CA GLU D 236 -39.55 -37.67 1.18
C GLU D 236 -40.36 -38.25 2.32
N ALA D 237 -40.65 -37.44 3.35
CA ALA D 237 -41.32 -37.96 4.54
C ALA D 237 -42.72 -38.46 4.22
N ALA D 238 -43.59 -37.56 3.75
CA ALA D 238 -44.99 -37.87 3.46
C ALA D 238 -45.31 -37.42 2.04
N PRO D 239 -44.88 -38.17 1.03
CA PRO D 239 -45.18 -37.79 -0.35
C PRO D 239 -46.67 -37.82 -0.66
N GLU D 240 -47.48 -38.50 0.14
CA GLU D 240 -48.91 -38.61 -0.09
C GLU D 240 -49.71 -37.63 0.77
N SER D 241 -49.06 -36.63 1.36
CA SER D 241 -49.74 -35.66 2.20
C SER D 241 -50.04 -34.39 1.42
N ALA D 242 -50.89 -33.54 2.02
CA ALA D 242 -51.32 -32.32 1.35
C ALA D 242 -50.17 -31.34 1.18
N GLN D 243 -49.31 -31.23 2.20
CA GLN D 243 -48.21 -30.27 2.14
C GLN D 243 -47.25 -30.62 1.02
N ALA D 244 -47.01 -31.92 0.80
CA ALA D 244 -46.12 -32.34 -0.28
C ALA D 244 -46.70 -31.94 -1.64
N GLU D 245 -48.01 -32.10 -1.83
CA GLU D 245 -48.62 -31.66 -3.09
C GLU D 245 -48.54 -30.15 -3.24
N ILE D 246 -48.73 -29.41 -2.15
CA ILE D 246 -48.60 -27.95 -2.22
C ILE D 246 -47.19 -27.57 -2.64
N TYR D 247 -46.19 -28.25 -2.10
CA TYR D 247 -44.82 -27.96 -2.47
C TYR D 247 -44.52 -28.39 -3.90
N ARG D 248 -45.15 -29.47 -4.38
CA ARG D 248 -44.99 -29.84 -5.79
C ARG D 248 -45.55 -28.77 -6.71
N THR D 249 -46.72 -28.22 -6.36
CA THR D 249 -47.29 -27.13 -7.14
C THR D 249 -46.38 -25.91 -7.11
N LEU D 250 -45.80 -25.61 -5.94
CA LEU D 250 -44.89 -24.46 -5.85
C LEU D 250 -43.64 -24.69 -6.69
N ALA D 251 -43.10 -25.90 -6.68
CA ALA D 251 -41.93 -26.19 -7.51
C ALA D 251 -42.27 -26.06 -8.99
N ARG D 252 -43.46 -26.53 -9.39
CA ARG D 252 -43.87 -26.38 -10.77
C ARG D 252 -44.04 -24.91 -11.15
N SER D 253 -44.61 -24.11 -10.26
CA SER D 253 -44.76 -22.69 -10.54
C SER D 253 -43.40 -22.01 -10.68
N ILE D 254 -42.46 -22.34 -9.81
CA ILE D 254 -41.11 -21.80 -9.93
C ILE D 254 -40.48 -22.26 -11.24
N ALA D 255 -40.78 -23.48 -11.67
CA ALA D 255 -40.15 -24.03 -12.87
C ALA D 255 -40.53 -23.25 -14.12
N ASP D 256 -41.77 -22.77 -14.20
CA ASP D 256 -42.27 -22.10 -15.39
C ASP D 256 -42.42 -20.60 -15.19
N HIS D 257 -41.90 -20.04 -14.10
CA HIS D 257 -42.05 -18.62 -13.84
C HIS D 257 -41.13 -17.81 -14.74
N THR D 258 -41.67 -16.71 -15.29
CA THR D 258 -40.92 -15.81 -16.15
C THR D 258 -41.10 -14.34 -15.81
N ASP D 259 -42.20 -13.95 -15.19
CA ASP D 259 -42.57 -12.54 -15.03
C ASP D 259 -41.84 -11.97 -13.83
N SER D 260 -40.74 -11.25 -14.08
CA SER D 260 -39.99 -10.58 -13.03
C SER D 260 -39.92 -9.09 -13.33
N LYS D 261 -40.14 -8.27 -12.30
CA LYS D 261 -40.23 -6.83 -12.45
C LYS D 261 -39.27 -6.16 -11.48
N VAL D 262 -38.91 -4.92 -11.80
CA VAL D 262 -38.06 -4.14 -10.90
C VAL D 262 -38.84 -3.83 -9.62
N PRO D 263 -38.26 -4.01 -8.44
CA PRO D 263 -39.02 -3.78 -7.21
C PRO D 263 -39.50 -2.35 -7.09
N THR D 264 -40.66 -2.19 -6.47
CA THR D 264 -41.25 -0.88 -6.17
C THR D 264 -41.63 -0.86 -4.69
N PRO D 265 -40.65 -0.84 -3.80
CA PRO D 265 -40.94 -1.00 -2.37
C PRO D 265 -41.63 0.22 -1.81
N LEU D 266 -42.40 -0.01 -0.74
CA LEU D 266 -43.07 1.07 -0.04
C LEU D 266 -42.08 1.81 0.85
N ASN D 267 -42.35 3.10 1.05
CA ASN D 267 -41.50 3.89 1.94
C ASN D 267 -41.81 3.54 3.39
N ALA D 268 -41.08 4.17 4.31
CA ALA D 268 -41.32 3.93 5.72
C ALA D 268 -42.73 4.36 6.10
N GLN D 269 -43.13 5.56 5.66
CA GLN D 269 -44.47 6.05 5.98
C GLN D 269 -45.54 5.21 5.29
N GLU D 270 -45.26 4.77 4.06
CA GLU D 270 -46.23 3.96 3.33
C GLU D 270 -46.52 2.65 4.06
N LEU D 271 -45.47 1.93 4.46
CA LEU D 271 -45.68 0.67 5.17
C LEU D 271 -46.19 0.91 6.59
N ARG D 272 -45.86 2.04 7.19
CA ARG D 272 -46.41 2.37 8.50
C ARG D 272 -47.92 2.56 8.43
N ASP D 273 -48.40 3.25 7.38
CA ASP D 273 -49.83 3.43 7.25
C ASP D 273 -50.49 2.15 6.78
N TRP D 274 -49.80 1.33 5.99
CA TRP D 274 -50.39 0.08 5.54
C TRP D 274 -50.64 -0.83 6.75
N SER D 275 -49.65 -0.88 7.65
CA SER D 275 -49.80 -1.68 8.85
C SER D 275 -50.90 -1.10 9.75
N ALA D 276 -50.97 0.23 9.88
CA ALA D 276 -52.05 0.79 10.68
C ALA D 276 -53.42 0.51 10.07
N SER D 277 -53.51 0.50 8.74
CA SER D 277 -54.74 0.14 8.05
C SER D 277 -55.10 -1.33 8.18
N TRP D 278 -54.13 -2.18 8.52
CA TRP D 278 -54.43 -3.60 8.74
C TRP D 278 -54.54 -3.98 10.21
N ALA D 279 -54.08 -3.12 11.13
CA ALA D 279 -54.32 -3.36 12.54
C ALA D 279 -55.81 -3.33 12.85
N ASN D 280 -56.54 -2.37 12.26
CA ASN D 280 -57.96 -2.24 12.52
C ASN D 280 -58.78 -3.36 11.89
N GLN D 281 -58.22 -4.09 10.93
CA GLN D 281 -58.94 -5.21 10.35
C GLN D 281 -59.06 -6.37 11.32
N LEU D 282 -58.22 -6.42 12.35
CA LEU D 282 -58.29 -7.44 13.38
C LEU D 282 -59.02 -6.97 14.63
N ILE D 283 -59.68 -5.81 14.56
CA ILE D 283 -60.37 -5.24 15.71
C ILE D 283 -61.83 -5.02 15.40
N LYS E 12 -26.60 -3.09 34.65
CA LYS E 12 -26.40 -4.40 34.06
C LYS E 12 -26.60 -4.32 32.55
N GLN E 13 -25.70 -4.94 31.80
CA GLN E 13 -25.72 -4.89 30.35
C GLN E 13 -26.02 -6.28 29.81
N ILE E 14 -27.03 -6.39 28.95
CA ILE E 14 -27.56 -7.66 28.50
C ILE E 14 -27.50 -7.72 26.98
N ALA E 15 -27.32 -8.93 26.46
CA ALA E 15 -27.35 -9.18 25.02
C ALA E 15 -28.35 -10.29 24.73
N ILE E 16 -29.14 -10.11 23.68
CA ILE E 16 -30.16 -11.08 23.28
C ILE E 16 -29.79 -11.60 21.89
N TYR E 17 -29.62 -12.92 21.79
CA TYR E 17 -29.31 -13.60 20.54
C TYR E 17 -30.42 -14.61 20.24
N GLY E 18 -30.23 -15.38 19.19
CA GLY E 18 -31.18 -16.42 18.84
C GLY E 18 -31.21 -16.61 17.33
N LYS E 19 -32.14 -17.46 16.90
CA LYS E 19 -32.35 -17.69 15.48
C LYS E 19 -32.99 -16.46 14.84
N GLY E 20 -32.90 -16.39 13.52
CA GLY E 20 -33.55 -15.31 12.80
C GLY E 20 -35.05 -15.39 12.86
N GLY E 21 -35.69 -14.23 12.86
CA GLY E 21 -37.14 -14.17 12.84
C GLY E 21 -37.81 -14.90 13.97
N ILE E 22 -37.14 -15.05 15.11
CA ILE E 22 -37.63 -15.89 16.19
C ILE E 22 -38.30 -15.09 17.30
N GLY E 23 -38.16 -13.77 17.31
CA GLY E 23 -38.81 -12.96 18.33
C GLY E 23 -37.84 -12.17 19.18
N LYS E 24 -36.55 -12.18 18.82
CA LYS E 24 -35.57 -11.39 19.56
C LYS E 24 -36.02 -9.95 19.73
N SER E 25 -36.35 -9.29 18.61
CA SER E 25 -36.77 -7.90 18.71
C SER E 25 -38.06 -7.77 19.51
N THR E 26 -39.03 -8.65 19.28
CA THR E 26 -40.31 -8.56 19.95
C THR E 26 -40.17 -8.82 21.46
N THR E 27 -39.52 -9.92 21.82
CA THR E 27 -39.40 -10.24 23.24
C THR E 27 -38.49 -9.24 23.94
N THR E 28 -37.45 -8.76 23.26
CA THR E 28 -36.59 -7.74 23.84
C THR E 28 -37.35 -6.45 24.08
N SER E 29 -38.19 -6.04 23.13
CA SER E 29 -38.99 -4.84 23.32
C SER E 29 -39.99 -5.03 24.45
N ASN E 30 -40.60 -6.20 24.53
CA ASN E 30 -41.57 -6.46 25.60
C ASN E 30 -40.90 -6.38 26.96
N ILE E 31 -39.76 -7.04 27.12
CA ILE E 31 -39.09 -7.04 28.42
C ILE E 31 -38.53 -5.66 28.73
N SER E 32 -38.08 -4.93 27.71
CA SER E 32 -37.63 -3.56 27.93
C SER E 32 -38.78 -2.68 28.42
N ALA E 33 -39.97 -2.84 27.83
CA ALA E 33 -41.12 -2.05 28.26
C ALA E 33 -41.55 -2.46 29.66
N ALA E 34 -41.48 -3.75 29.98
CA ALA E 34 -41.81 -4.19 31.33
C ALA E 34 -40.84 -3.60 32.35
N LEU E 35 -39.54 -3.60 32.03
CA LEU E 35 -38.56 -2.99 32.92
C LEU E 35 -38.80 -1.49 33.06
N ALA E 36 -39.15 -0.83 31.96
CA ALA E 36 -39.40 0.62 32.02
C ALA E 36 -40.62 0.93 32.87
N GLU E 37 -41.68 0.12 32.75
CA GLU E 37 -42.88 0.35 33.55
C GLU E 37 -42.60 0.18 35.03
N ALA E 38 -41.71 -0.76 35.39
CA ALA E 38 -41.34 -0.96 36.78
C ALA E 38 -40.53 0.19 37.34
N GLY E 39 -40.04 1.09 36.50
CA GLY E 39 -39.28 2.23 36.92
C GLY E 39 -37.78 2.18 36.67
N TYR E 40 -37.34 1.32 35.75
CA TYR E 40 -35.91 1.19 35.46
C TYR E 40 -35.55 2.07 34.26
N LYS E 41 -34.31 2.57 34.28
CA LYS E 41 -33.74 3.28 33.15
C LYS E 41 -33.08 2.25 32.23
N VAL E 42 -33.77 1.88 31.16
CA VAL E 42 -33.33 0.83 30.25
C VAL E 42 -33.10 1.45 28.88
N MET E 43 -31.97 1.13 28.26
CA MET E 43 -31.66 1.56 26.91
C MET E 43 -31.54 0.32 26.04
N GLN E 44 -32.26 0.29 24.92
CA GLN E 44 -32.24 -0.83 23.99
C GLN E 44 -31.46 -0.43 22.75
N PHE E 45 -30.34 -1.12 22.50
CA PHE E 45 -29.46 -0.81 21.39
C PHE E 45 -29.70 -1.83 20.27
N GLY E 46 -30.22 -1.35 19.15
CA GLY E 46 -30.51 -2.22 18.03
C GLY E 46 -29.30 -2.44 17.15
N CYS E 47 -28.85 -3.69 17.03
CA CYS E 47 -27.69 -4.05 16.23
C CYS E 47 -28.11 -4.64 14.88
N ASP E 48 -29.18 -4.13 14.30
CA ASP E 48 -29.73 -4.63 13.06
C ASP E 48 -29.68 -3.53 12.01
N PRO E 49 -29.18 -3.80 10.80
CA PRO E 49 -29.24 -2.78 9.74
C PRO E 49 -30.65 -2.36 9.37
N LYS E 50 -31.65 -3.23 9.56
CA LYS E 50 -33.00 -2.88 9.15
C LYS E 50 -33.62 -1.83 10.05
N SER E 51 -33.04 -1.61 11.23
CA SER E 51 -33.52 -0.60 12.16
C SER E 51 -34.97 -0.86 12.56
N ASP E 52 -35.26 -2.11 12.89
CA ASP E 52 -36.59 -2.51 13.34
C ASP E 52 -36.60 -3.07 14.76
N SER E 53 -35.44 -3.11 15.42
CA SER E 53 -35.39 -3.71 16.76
C SER E 53 -36.26 -2.94 17.73
N THR E 54 -36.20 -1.61 17.69
CA THR E 54 -37.01 -0.76 18.55
C THR E 54 -38.23 -0.20 17.82
N ASN E 55 -38.72 -0.91 16.81
CA ASN E 55 -39.86 -0.41 16.05
C ASN E 55 -41.12 -0.33 16.89
N THR E 56 -41.31 -1.27 17.82
CA THR E 56 -42.51 -1.31 18.65
C THR E 56 -42.42 -0.39 19.86
N LEU E 57 -41.29 0.27 20.09
CA LEU E 57 -41.17 1.25 21.16
C LEU E 57 -41.44 2.68 20.69
N ARG E 58 -41.51 2.91 19.38
CA ARG E 58 -41.69 4.24 18.85
C ARG E 58 -42.98 4.41 18.05
N GLY E 59 -43.80 3.36 17.95
CA GLY E 59 -45.00 3.41 17.13
C GLY E 59 -44.81 3.01 15.69
N GLY E 60 -43.60 2.62 15.29
CA GLY E 60 -43.31 2.20 13.94
C GLY E 60 -42.65 3.26 13.08
N ASP E 61 -42.73 4.53 13.50
CA ASP E 61 -42.18 5.61 12.70
C ASP E 61 -40.66 5.52 12.64
N TYR E 62 -40.10 5.92 11.50
CA TYR E 62 -38.67 5.83 11.27
C TYR E 62 -37.92 6.82 12.13
N ILE E 63 -36.80 6.37 12.70
CA ILE E 63 -35.92 7.22 13.49
C ILE E 63 -34.50 7.10 12.92
N PRO E 64 -33.84 8.21 12.60
CA PRO E 64 -32.48 8.11 12.05
C PRO E 64 -31.52 7.48 13.05
N SER E 65 -30.61 6.68 12.55
CA SER E 65 -29.70 5.92 13.37
C SER E 65 -28.37 6.67 13.54
N VAL E 66 -27.38 5.98 14.09
CA VAL E 66 -26.06 6.59 14.23
C VAL E 66 -25.31 6.52 12.90
N LEU E 67 -25.40 5.40 12.21
CA LEU E 67 -24.81 5.25 10.89
C LEU E 67 -25.47 6.15 9.86
N ASP E 68 -26.64 6.70 10.18
CA ASP E 68 -27.31 7.66 9.31
C ASP E 68 -26.99 9.08 9.74
N LEU E 69 -26.24 9.23 10.83
CA LEU E 69 -25.67 10.50 11.26
C LEU E 69 -24.22 10.61 10.86
N LEU E 70 -23.57 9.47 10.60
CA LEU E 70 -22.20 9.44 10.12
C LEU E 70 -22.11 9.78 8.64
N ARG E 71 -23.05 9.27 7.85
CA ARG E 71 -23.01 9.48 6.42
C ARG E 71 -23.41 10.90 6.02
N GLU E 72 -24.00 11.67 6.94
CA GLU E 72 -24.50 13.01 6.65
C GLU E 72 -23.85 14.07 7.54
N ASN E 73 -22.72 13.73 8.16
CA ASN E 73 -22.04 14.64 9.07
C ASN E 73 -20.61 14.15 9.25
N ALA E 74 -19.79 15.00 9.88
CA ALA E 74 -18.37 14.71 10.06
C ALA E 74 -18.00 14.44 11.51
N ARG E 75 -18.62 15.14 12.45
CA ARG E 75 -18.45 14.88 13.87
C ARG E 75 -19.80 14.44 14.43
N VAL E 76 -19.82 13.28 15.07
CA VAL E 76 -21.06 12.66 15.52
C VAL E 76 -21.23 12.89 17.01
N ASP E 77 -22.41 13.35 17.40
CA ASP E 77 -22.81 13.46 18.80
C ASP E 77 -23.83 12.36 19.04
N ALA E 78 -23.39 11.29 19.72
CA ALA E 78 -24.24 10.11 19.88
C ALA E 78 -25.62 10.45 20.43
N HIS E 79 -25.73 11.54 21.19
CA HIS E 79 -27.02 11.91 21.77
C HIS E 79 -28.04 12.20 20.67
N GLU E 80 -27.64 12.95 19.65
CA GLU E 80 -28.55 13.27 18.55
C GLU E 80 -29.18 12.03 17.93
N ALA E 81 -28.63 10.84 18.20
CA ALA E 81 -29.20 9.60 17.68
C ALA E 81 -29.98 8.82 18.73
N ILE E 82 -30.00 9.28 19.97
CA ILE E 82 -30.79 8.65 21.03
C ILE E 82 -32.20 9.20 20.97
N PHE E 83 -33.18 8.31 20.86
CA PHE E 83 -34.59 8.68 20.79
C PHE E 83 -35.34 8.09 21.96
N GLN E 84 -36.25 8.86 22.53
CA GLN E 84 -37.01 8.45 23.71
C GLN E 84 -38.27 7.75 23.25
N GLY E 85 -38.39 6.47 23.59
CA GLY E 85 -39.48 5.64 23.15
C GLY E 85 -40.55 5.46 24.21
N PHE E 86 -41.37 4.43 24.02
CA PHE E 86 -42.47 4.16 24.93
C PHE E 86 -41.94 3.84 26.33
N GLY E 87 -42.52 4.48 27.34
CA GLY E 87 -42.12 4.27 28.70
C GLY E 87 -40.85 4.98 29.10
N GLY E 88 -40.24 5.75 28.21
CA GLY E 88 -38.98 6.40 28.49
C GLY E 88 -37.76 5.59 28.14
N ILE E 89 -37.90 4.55 27.32
CA ILE E 89 -36.76 3.72 26.95
C ILE E 89 -35.88 4.49 25.98
N TYR E 90 -34.58 4.49 26.25
CA TYR E 90 -33.60 5.11 25.36
C TYR E 90 -33.39 4.16 24.18
N CYS E 91 -34.33 4.22 23.23
CA CYS E 91 -34.28 3.34 22.06
C CYS E 91 -33.34 3.97 21.04
N VAL E 92 -32.23 3.29 20.78
CA VAL E 92 -31.21 3.76 19.84
C VAL E 92 -30.93 2.63 18.86
N GLU E 93 -30.95 2.96 17.57
CA GLU E 93 -30.68 1.99 16.51
C GLU E 93 -29.31 2.24 15.91
N ALA E 94 -28.57 1.16 15.67
CA ALA E 94 -27.29 1.30 15.00
C ALA E 94 -27.46 1.59 13.52
N GLY E 95 -28.44 0.94 12.89
CA GLY E 95 -28.66 1.20 11.50
C GLY E 95 -27.60 0.55 10.63
N GLY E 96 -27.52 1.04 9.40
CA GLY E 96 -26.58 0.51 8.44
C GLY E 96 -27.09 0.69 7.03
N PRO E 97 -26.50 -0.01 6.08
CA PRO E 97 -26.83 0.17 4.67
C PRO E 97 -28.12 -0.57 4.33
N ALA E 98 -28.51 -0.48 3.06
CA ALA E 98 -29.54 -1.34 2.54
C ALA E 98 -28.99 -2.73 2.27
N PRO E 99 -29.86 -3.74 2.22
CA PRO E 99 -29.36 -5.11 2.02
C PRO E 99 -28.52 -5.22 0.76
N GLY E 100 -27.39 -5.91 0.89
CA GLY E 100 -26.53 -6.20 -0.24
C GLY E 100 -25.47 -5.17 -0.55
N VAL E 101 -25.34 -4.11 0.24
CA VAL E 101 -24.26 -3.14 0.07
C VAL E 101 -23.62 -2.86 1.42
N GLY E 102 -22.36 -2.44 1.37
CA GLY E 102 -21.68 -1.95 2.54
C GLY E 102 -21.20 -3.04 3.48
N CYS E 103 -21.03 -2.66 4.74
CA CYS E 103 -20.58 -3.56 5.79
C CYS E 103 -21.29 -3.16 7.07
N ALA E 104 -22.29 -3.94 7.46
CA ALA E 104 -23.05 -3.63 8.66
C ALA E 104 -22.31 -4.00 9.93
N GLY E 105 -21.47 -5.04 9.90
CA GLY E 105 -20.72 -5.40 11.08
C GLY E 105 -19.76 -4.31 11.52
N ARG E 106 -19.01 -3.78 10.56
CA ARG E 106 -18.20 -2.61 10.85
C ARG E 106 -19.07 -1.44 11.27
N GLY E 107 -20.29 -1.36 10.76
CA GLY E 107 -21.19 -0.32 11.21
C GLY E 107 -21.52 -0.43 12.69
N ILE E 108 -21.77 -1.65 13.16
CA ILE E 108 -22.05 -1.84 14.58
C ILE E 108 -20.79 -1.59 15.41
N ILE E 109 -19.62 -2.00 14.89
CA ILE E 109 -18.37 -1.70 15.58
C ILE E 109 -18.24 -0.19 15.76
N THR E 110 -18.43 0.56 14.68
CA THR E 110 -18.31 2.01 14.74
C THR E 110 -19.34 2.61 15.69
N ALA E 111 -20.58 2.10 15.66
CA ALA E 111 -21.62 2.64 16.52
C ALA E 111 -21.28 2.42 18.00
N VAL E 112 -20.93 1.20 18.37
CA VAL E 112 -20.61 0.89 19.75
C VAL E 112 -19.40 1.68 20.20
N GLU E 113 -18.34 1.71 19.37
CA GLU E 113 -17.17 2.52 19.68
C GLU E 113 -17.57 3.98 19.90
N LEU E 114 -18.48 4.50 19.08
CA LEU E 114 -18.87 5.89 19.19
C LEU E 114 -19.56 6.16 20.51
N LEU E 115 -20.52 5.32 20.88
CA LEU E 115 -21.23 5.55 22.13
C LEU E 115 -20.41 5.20 23.36
N LYS E 116 -19.38 4.35 23.21
CA LYS E 116 -18.45 4.13 24.31
C LYS E 116 -17.56 5.34 24.52
N GLN E 117 -17.04 5.91 23.44
CA GLN E 117 -16.18 7.08 23.55
C GLN E 117 -16.96 8.28 24.09
N GLN E 118 -18.20 8.44 23.66
CA GLN E 118 -19.06 9.48 24.23
C GLN E 118 -19.46 9.17 25.67
N ASN E 119 -19.20 7.94 26.14
CA ASN E 119 -19.51 7.55 27.52
C ASN E 119 -21.00 7.66 27.83
N VAL E 120 -21.85 7.56 26.80
CA VAL E 120 -23.28 7.69 27.03
C VAL E 120 -23.84 6.53 27.84
N PHE E 121 -23.15 5.39 27.86
CA PHE E 121 -23.56 4.31 28.74
C PHE E 121 -23.53 4.72 30.22
N GLU E 122 -22.74 5.74 30.56
CA GLU E 122 -22.59 6.16 31.94
C GLU E 122 -23.15 7.54 32.23
N GLU E 123 -23.47 8.34 31.21
CA GLU E 123 -24.02 9.67 31.42
C GLU E 123 -25.53 9.71 31.37
N LEU E 124 -26.19 8.57 31.16
CA LEU E 124 -27.64 8.48 31.18
C LEU E 124 -28.18 7.93 32.49
N ASP E 125 -27.30 7.57 33.42
CA ASP E 125 -27.70 6.97 34.70
C ASP E 125 -28.60 5.76 34.48
N LEU E 126 -28.19 4.90 33.55
CA LEU E 126 -29.01 3.77 33.17
C LEU E 126 -29.00 2.69 34.25
N ASP E 127 -29.96 1.77 34.13
CA ASP E 127 -30.02 0.58 34.95
C ASP E 127 -29.81 -0.70 34.15
N TYR E 128 -30.37 -0.77 32.95
CA TYR E 128 -30.20 -1.92 32.08
C TYR E 128 -29.82 -1.43 30.69
N VAL E 129 -28.81 -2.06 30.09
CA VAL E 129 -28.45 -1.83 28.70
C VAL E 129 -28.61 -3.16 27.99
N ILE E 130 -29.60 -3.26 27.12
CA ILE E 130 -29.94 -4.50 26.44
C ILE E 130 -29.58 -4.32 24.96
N PHE E 131 -28.74 -5.21 24.46
CA PHE E 131 -28.36 -5.21 23.05
C PHE E 131 -29.20 -6.25 22.34
N ASP E 132 -30.15 -5.79 21.53
CA ASP E 132 -30.91 -6.66 20.64
C ASP E 132 -30.09 -6.84 19.38
N VAL E 133 -29.58 -8.04 19.16
CA VAL E 133 -28.70 -8.32 18.05
C VAL E 133 -29.53 -8.92 16.93
N LEU E 134 -28.93 -9.05 15.75
CA LEU E 134 -29.57 -9.72 14.65
C LEU E 134 -29.48 -11.23 14.84
N GLY E 135 -29.97 -11.99 13.86
CA GLY E 135 -30.02 -13.43 14.00
C GLY E 135 -28.91 -14.14 13.27
N ASP E 136 -28.35 -13.48 12.27
CA ASP E 136 -27.17 -13.97 11.57
C ASP E 136 -25.97 -13.19 12.10
N VAL E 137 -25.35 -13.70 13.15
CA VAL E 137 -24.12 -13.15 13.68
C VAL E 137 -23.00 -13.65 12.78
N VAL E 138 -22.68 -12.87 11.75
CA VAL E 138 -21.81 -13.34 10.68
C VAL E 138 -20.38 -12.85 10.81
N CYS E 139 -20.10 -11.90 11.70
CA CYS E 139 -18.77 -11.34 11.82
C CYS E 139 -18.54 -10.94 13.26
N GLY E 140 -17.33 -10.49 13.56
CA GLY E 140 -17.00 -10.00 14.89
C GLY E 140 -17.63 -8.67 15.20
N GLY E 141 -18.20 -7.99 14.22
CA GLY E 141 -18.90 -6.75 14.49
C GLY E 141 -20.16 -6.96 15.31
N PHE E 142 -20.83 -8.09 15.12
CA PHE E 142 -22.06 -8.36 15.85
C PHE E 142 -21.83 -9.11 17.16
N ALA E 143 -20.61 -9.52 17.43
CA ALA E 143 -20.21 -10.08 18.73
C ALA E 143 -19.65 -9.01 19.66
N VAL E 144 -19.70 -7.74 19.24
CA VAL E 144 -19.17 -6.68 20.08
C VAL E 144 -19.84 -6.63 21.45
N PRO E 145 -21.17 -6.77 21.57
CA PRO E 145 -21.78 -6.68 22.91
C PRO E 145 -21.50 -7.86 23.84
N ILE E 146 -20.67 -8.82 23.45
CA ILE E 146 -20.32 -9.93 24.33
C ILE E 146 -18.80 -9.98 24.48
N ARG E 147 -18.16 -8.81 24.50
CA ARG E 147 -16.72 -8.72 24.26
C ARG E 147 -15.94 -8.17 25.45
N GLU E 148 -16.16 -8.73 26.64
CA GLU E 148 -15.28 -8.49 27.78
C GLU E 148 -15.25 -7.02 28.19
N GLY E 149 -16.39 -6.56 28.69
CA GLY E 149 -16.49 -5.23 29.26
C GLY E 149 -17.71 -4.47 28.83
N ILE E 150 -18.61 -5.11 28.10
CA ILE E 150 -19.75 -4.42 27.51
C ILE E 150 -21.04 -5.10 27.95
N ALA E 151 -20.97 -6.39 28.24
CA ALA E 151 -22.12 -7.09 28.80
C ALA E 151 -21.68 -8.44 29.36
N GLU E 152 -22.43 -8.91 30.35
CA GLU E 152 -22.12 -10.15 31.04
C GLU E 152 -23.24 -11.18 30.98
N HIS E 153 -24.46 -10.77 30.66
CA HIS E 153 -25.62 -11.65 30.65
C HIS E 153 -26.09 -11.80 29.20
N VAL E 154 -25.95 -13.00 28.66
CA VAL E 154 -26.31 -13.29 27.28
C VAL E 154 -27.39 -14.37 27.28
N PHE E 155 -28.49 -14.09 26.58
CA PHE E 155 -29.59 -15.02 26.45
C PHE E 155 -29.90 -15.22 24.98
N THR E 156 -30.17 -16.46 24.60
CA THR E 156 -30.51 -16.80 23.23
C THR E 156 -31.98 -17.20 23.17
N VAL E 157 -32.74 -16.55 22.31
CA VAL E 157 -34.13 -16.88 22.11
C VAL E 157 -34.22 -18.11 21.22
N SER E 158 -34.99 -19.10 21.67
CA SER E 158 -35.16 -20.34 20.94
C SER E 158 -36.61 -20.79 21.04
N SER E 159 -37.00 -21.65 20.12
CA SER E 159 -38.35 -22.18 20.08
C SER E 159 -38.28 -23.70 19.98
N SER E 160 -39.45 -24.32 19.88
CA SER E 160 -39.52 -25.77 19.78
C SER E 160 -39.09 -26.27 18.41
N ASP E 161 -39.01 -25.38 17.42
CA ASP E 161 -38.61 -25.78 16.09
C ASP E 161 -37.15 -26.24 16.09
N PHE E 162 -36.88 -27.32 15.37
CA PHE E 162 -35.53 -27.89 15.43
C PHE E 162 -34.49 -26.96 14.84
N MET E 163 -34.84 -26.15 13.84
CA MET E 163 -33.87 -25.22 13.30
C MET E 163 -33.58 -24.09 14.29
N ALA E 164 -34.57 -23.69 15.09
CA ALA E 164 -34.31 -22.72 16.15
C ALA E 164 -33.33 -23.28 17.17
N ILE E 165 -33.49 -24.55 17.54
CA ILE E 165 -32.58 -25.19 18.48
C ILE E 165 -31.19 -25.35 17.86
N TYR E 166 -31.16 -25.65 16.55
CA TYR E 166 -29.88 -25.72 15.83
C TYR E 166 -29.17 -24.38 15.90
N ALA E 167 -29.89 -23.29 15.66
CA ALA E 167 -29.29 -21.96 15.73
C ALA E 167 -28.86 -21.63 17.16
N ALA E 168 -29.63 -22.06 18.15
CA ALA E 168 -29.24 -21.82 19.55
C ALA E 168 -27.95 -22.55 19.89
N ASN E 169 -27.82 -23.81 19.47
CA ASN E 169 -26.60 -24.57 19.71
C ASN E 169 -25.41 -23.94 18.98
N ASN E 170 -25.64 -23.48 17.74
CA ASN E 170 -24.58 -22.81 16.99
C ASN E 170 -24.13 -21.53 17.70
N LEU E 171 -25.10 -20.75 18.21
CA LEU E 171 -24.74 -19.55 18.96
C LEU E 171 -24.03 -19.88 20.25
N PHE E 172 -24.37 -20.99 20.90
CA PHE E 172 -23.62 -21.43 22.06
C PHE E 172 -22.17 -21.69 21.69
N LYS E 173 -21.96 -22.38 20.57
CA LYS E 173 -20.59 -22.63 20.13
C LYS E 173 -19.87 -21.32 19.84
N GLY E 174 -20.56 -20.35 19.27
CA GLY E 174 -19.95 -19.05 19.01
C GLY E 174 -19.62 -18.29 20.28
N ILE E 175 -20.55 -18.26 21.23
CA ILE E 175 -20.33 -17.49 22.47
C ILE E 175 -19.24 -18.13 23.32
N GLN E 176 -19.09 -19.46 23.23
CA GLN E 176 -18.08 -20.14 24.03
C GLN E 176 -16.68 -19.57 23.80
N LYS E 177 -16.40 -19.08 22.58
CA LYS E 177 -15.10 -18.47 22.33
C LYS E 177 -14.90 -17.21 23.17
N TYR E 178 -15.93 -16.37 23.27
CA TYR E 178 -15.81 -15.15 24.05
C TYR E 178 -15.88 -15.43 25.55
N SER E 179 -16.55 -16.51 25.95
CA SER E 179 -16.62 -16.85 27.36
C SER E 179 -15.25 -17.23 27.91
N ASN E 180 -14.46 -17.97 27.14
CA ASN E 180 -13.08 -18.27 27.55
C ASN E 180 -12.12 -17.20 27.05
N ALA E 181 -12.51 -15.95 27.22
CA ALA E 181 -11.62 -14.83 26.93
C ALA E 181 -11.85 -13.68 27.90
N GLY E 182 -12.57 -13.89 29.00
CA GLY E 182 -13.00 -12.81 29.84
C GLY E 182 -14.28 -12.15 29.38
N GLY E 183 -14.88 -12.63 28.30
CA GLY E 183 -16.11 -12.05 27.79
C GLY E 183 -17.32 -12.52 28.56
N ALA E 184 -18.47 -12.44 27.90
CA ALA E 184 -19.73 -12.76 28.54
C ALA E 184 -19.96 -14.27 28.61
N LEU E 185 -20.76 -14.68 29.59
CA LEU E 185 -21.13 -16.06 29.80
C LEU E 185 -22.61 -16.24 29.47
N LEU E 186 -22.95 -17.43 28.96
CA LEU E 186 -24.33 -17.71 28.60
C LEU E 186 -25.20 -17.76 29.84
N GLY E 187 -26.29 -16.99 29.83
CA GLY E 187 -27.11 -16.85 31.01
C GLY E 187 -28.31 -17.77 31.04
N GLY E 188 -28.65 -18.34 29.89
CA GLY E 188 -29.80 -19.21 29.78
C GLY E 188 -30.38 -19.15 28.38
N VAL E 189 -31.60 -19.68 28.26
CA VAL E 189 -32.30 -19.77 26.99
C VAL E 189 -33.68 -19.17 27.15
N ILE E 190 -34.06 -18.32 26.21
CA ILE E 190 -35.41 -17.79 26.16
C ILE E 190 -36.24 -18.72 25.28
N ALA E 191 -37.38 -19.16 25.80
CA ALA E 191 -38.28 -20.05 25.07
C ALA E 191 -39.42 -19.24 24.49
N ASN E 192 -39.55 -19.28 23.16
CA ASN E 192 -40.55 -18.49 22.45
C ASN E 192 -41.45 -19.39 21.60
N SER E 193 -42.69 -18.94 21.44
CA SER E 193 -43.71 -19.62 20.63
C SER E 193 -43.87 -21.08 21.08
N ILE E 194 -44.32 -21.23 22.32
CA ILE E 194 -44.51 -22.53 22.95
C ILE E 194 -45.95 -22.60 23.44
N ASN E 195 -46.75 -23.44 22.78
CA ASN E 195 -48.17 -23.61 23.10
C ASN E 195 -48.48 -25.01 23.58
N THR E 196 -48.08 -26.03 22.82
CA THR E 196 -48.37 -27.41 23.19
C THR E 196 -47.37 -27.91 24.22
N ASP E 197 -47.73 -29.01 24.88
CA ASP E 197 -46.84 -29.60 25.86
C ASP E 197 -45.59 -30.18 25.21
N PHE E 198 -45.70 -30.61 23.95
CA PHE E 198 -44.52 -31.04 23.22
C PHE E 198 -43.54 -29.89 23.06
N HIS E 199 -44.05 -28.69 22.80
CA HIS E 199 -43.19 -27.53 22.63
C HIS E 199 -42.35 -27.28 23.86
N ARG E 200 -42.96 -27.35 25.04
CA ARG E 200 -42.21 -27.16 26.28
C ARG E 200 -41.26 -28.32 26.54
N ASP E 201 -41.73 -29.55 26.33
CA ASP E 201 -40.92 -30.72 26.69
C ASP E 201 -39.65 -30.79 25.85
N ILE E 202 -39.76 -30.55 24.54
CA ILE E 202 -38.59 -30.71 23.68
C ILE E 202 -37.53 -29.66 24.01
N ILE E 203 -37.96 -28.41 24.25
CA ILE E 203 -36.98 -27.39 24.56
C ILE E 203 -36.40 -27.59 25.95
N ASP E 204 -37.20 -28.11 26.89
CA ASP E 204 -36.65 -28.44 28.21
C ASP E 204 -35.59 -29.52 28.11
N ASP E 205 -35.83 -30.54 27.29
CA ASP E 205 -34.82 -31.58 27.13
C ASP E 205 -33.57 -31.04 26.45
N PHE E 206 -33.74 -30.17 25.45
CA PHE E 206 -32.57 -29.56 24.82
C PHE E 206 -31.75 -28.77 25.83
N VAL E 207 -32.43 -27.96 26.66
CA VAL E 207 -31.73 -27.15 27.64
C VAL E 207 -31.05 -28.04 28.68
N ALA E 208 -31.74 -29.10 29.11
CA ALA E 208 -31.13 -30.04 30.06
C ALA E 208 -29.92 -30.73 29.46
N ARG E 209 -29.93 -30.99 28.15
CA ARG E 209 -28.80 -31.64 27.50
C ARG E 209 -27.62 -30.71 27.29
N THR E 210 -27.81 -29.40 27.45
CA THR E 210 -26.74 -28.42 27.24
C THR E 210 -26.36 -27.72 28.53
N GLN E 211 -26.84 -28.20 29.68
CA GLN E 211 -26.41 -27.69 30.98
C GLN E 211 -26.78 -26.22 31.13
N THR E 212 -27.99 -25.87 30.72
CA THR E 212 -28.42 -24.47 30.67
C THR E 212 -29.78 -24.40 31.34
N GLN E 213 -30.42 -23.23 31.33
CA GLN E 213 -31.71 -23.05 31.98
C GLN E 213 -32.64 -22.28 31.04
N VAL E 214 -33.94 -22.42 31.28
CA VAL E 214 -34.95 -21.65 30.57
C VAL E 214 -35.45 -20.56 31.50
N VAL E 215 -35.30 -19.31 31.07
CA VAL E 215 -35.73 -18.18 31.91
C VAL E 215 -37.24 -18.12 31.97
N GLN E 216 -37.92 -18.33 30.85
CA GLN E 216 -39.37 -18.28 30.81
C GLN E 216 -39.85 -18.93 29.52
N TYR E 217 -41.16 -19.18 29.47
CA TYR E 217 -41.84 -19.67 28.28
C TYR E 217 -42.93 -18.67 27.91
N VAL E 218 -42.88 -18.16 26.70
CA VAL E 218 -43.90 -17.24 26.18
C VAL E 218 -44.63 -17.94 25.04
N PRO E 219 -45.96 -17.97 25.05
CA PRO E 219 -46.68 -18.67 23.98
C PRO E 219 -46.82 -17.79 22.76
N ARG E 220 -47.23 -18.40 21.65
CA ARG E 220 -47.57 -17.67 20.44
C ARG E 220 -49.01 -17.19 20.59
N SER E 221 -49.21 -15.87 20.49
CA SER E 221 -50.52 -15.28 20.70
C SER E 221 -50.83 -14.28 19.60
N LEU E 222 -52.11 -13.90 19.52
CA LEU E 222 -52.53 -12.89 18.56
C LEU E 222 -52.47 -11.50 19.16
N THR E 223 -52.34 -11.41 20.49
CA THR E 223 -52.12 -10.12 21.13
C THR E 223 -50.87 -9.50 20.53
N VAL E 224 -49.79 -10.27 20.47
CA VAL E 224 -48.53 -9.77 19.92
C VAL E 224 -48.76 -9.29 18.51
N THR E 225 -49.34 -10.14 17.66
CA THR E 225 -49.55 -9.80 16.26
C THR E 225 -50.26 -8.45 16.13
N GLN E 226 -51.37 -8.30 16.86
CA GLN E 226 -52.15 -7.08 16.73
C GLN E 226 -51.36 -5.88 17.25
N ALA E 227 -50.73 -6.01 18.40
CA ALA E 227 -49.98 -4.87 18.94
C ALA E 227 -48.81 -4.52 18.02
N GLU E 228 -48.31 -5.50 17.27
CA GLU E 228 -47.26 -5.27 16.31
C GLU E 228 -47.77 -4.41 15.16
N LEU E 229 -48.86 -4.87 14.52
CA LEU E 229 -49.42 -4.11 13.41
C LEU E 229 -49.52 -2.63 13.76
N GLN E 230 -50.04 -2.35 14.96
CA GLN E 230 -50.19 -0.98 15.44
C GLN E 230 -48.86 -0.29 15.71
N GLY E 231 -47.76 -1.04 15.75
CA GLY E 231 -46.50 -0.46 16.14
C GLY E 231 -46.30 -0.37 17.64
N ARG E 232 -47.09 -1.10 18.42
CA ARG E 232 -47.05 -1.02 19.87
C ARG E 232 -46.51 -2.33 20.45
N THR E 233 -46.13 -2.25 21.72
CA THR E 233 -45.65 -3.40 22.49
C THR E 233 -46.84 -4.11 23.13
N THR E 234 -46.66 -5.40 23.40
CA THR E 234 -47.70 -6.14 24.14
C THR E 234 -47.91 -5.56 25.54
N ILE E 235 -46.84 -5.08 26.18
CA ILE E 235 -46.98 -4.36 27.44
C ILE E 235 -47.73 -3.05 27.23
N GLU E 236 -47.62 -2.48 26.03
CA GLU E 236 -48.27 -1.21 25.71
C GLU E 236 -49.69 -1.40 25.20
N ALA E 237 -49.86 -2.22 24.18
CA ALA E 237 -51.18 -2.39 23.57
C ALA E 237 -52.14 -3.12 24.50
N ALA E 238 -51.64 -4.12 25.22
CA ALA E 238 -52.45 -4.95 26.10
C ALA E 238 -51.81 -5.00 27.48
N PRO E 239 -51.92 -3.91 28.26
CA PRO E 239 -51.25 -3.87 29.56
C PRO E 239 -51.83 -4.83 30.60
N GLU E 240 -52.88 -5.59 30.26
CA GLU E 240 -53.49 -6.49 31.23
C GLU E 240 -53.84 -7.86 30.64
N SER E 241 -53.20 -8.27 29.56
CA SER E 241 -53.53 -9.53 28.92
C SER E 241 -52.75 -10.68 29.55
N ALA E 242 -52.95 -11.87 29.00
CA ALA E 242 -52.25 -13.06 29.46
C ALA E 242 -50.91 -13.26 28.76
N GLN E 243 -50.59 -12.46 27.75
CA GLN E 243 -49.27 -12.47 27.13
C GLN E 243 -48.38 -11.38 27.68
N ALA E 244 -48.95 -10.26 28.12
CA ALA E 244 -48.15 -9.21 28.74
C ALA E 244 -47.64 -9.65 30.10
N GLU E 245 -48.46 -10.40 30.84
CA GLU E 245 -48.03 -10.86 32.17
C GLU E 245 -46.83 -11.79 32.07
N ILE E 246 -46.79 -12.64 31.03
CA ILE E 246 -45.64 -13.52 30.85
C ILE E 246 -44.40 -12.71 30.52
N TYR E 247 -44.54 -11.62 29.78
CA TYR E 247 -43.39 -10.77 29.53
C TYR E 247 -42.95 -10.03 30.79
N ARG E 248 -43.90 -9.64 31.63
CA ARG E 248 -43.53 -9.00 32.90
C ARG E 248 -42.77 -9.97 33.79
N THR E 249 -43.18 -11.23 33.81
CA THR E 249 -42.48 -12.20 34.65
C THR E 249 -41.13 -12.57 34.05
N LEU E 250 -41.01 -12.57 32.72
CA LEU E 250 -39.71 -12.82 32.12
C LEU E 250 -38.76 -11.64 32.32
N ALA E 251 -39.30 -10.43 32.45
CA ALA E 251 -38.44 -9.29 32.75
C ALA E 251 -38.00 -9.33 34.20
N ARG E 252 -38.89 -9.73 35.10
CA ARG E 252 -38.49 -9.97 36.48
C ARG E 252 -37.42 -11.05 36.54
N SER E 253 -37.57 -12.12 35.76
CA SER E 253 -36.63 -13.23 35.83
C SER E 253 -35.30 -12.91 35.16
N ILE E 254 -35.27 -11.94 34.25
CA ILE E 254 -34.01 -11.53 33.64
C ILE E 254 -33.33 -10.43 34.45
N ALA E 255 -34.09 -9.67 35.25
CA ALA E 255 -33.48 -8.64 36.07
C ALA E 255 -32.62 -9.24 37.16
N ASP E 256 -33.14 -10.23 37.88
CA ASP E 256 -32.41 -10.85 38.98
C ASP E 256 -31.53 -12.03 38.56
N HIS E 257 -31.42 -12.30 37.26
CA HIS E 257 -30.57 -13.40 36.82
C HIS E 257 -29.11 -13.10 37.17
N THR E 258 -28.43 -14.09 37.75
CA THR E 258 -27.01 -13.98 38.04
C THR E 258 -26.22 -15.23 37.72
N ASP E 259 -26.86 -16.38 37.49
CA ASP E 259 -26.15 -17.65 37.36
C ASP E 259 -25.81 -17.91 35.89
N SER E 260 -24.82 -17.17 35.41
CA SER E 260 -24.30 -17.36 34.06
C SER E 260 -23.23 -18.43 34.06
N LYS E 261 -23.13 -19.14 32.94
CA LYS E 261 -22.18 -20.25 32.81
C LYS E 261 -21.54 -20.20 31.43
N VAL E 262 -20.38 -20.83 31.33
CA VAL E 262 -19.76 -21.04 30.02
C VAL E 262 -20.63 -22.00 29.23
N PRO E 263 -21.05 -21.66 28.01
CA PRO E 263 -21.91 -22.57 27.26
C PRO E 263 -21.23 -23.91 27.00
N THR E 264 -22.04 -24.97 27.02
CA THR E 264 -21.58 -26.34 26.81
C THR E 264 -22.42 -26.97 25.71
N PRO E 265 -22.21 -26.56 24.46
CA PRO E 265 -23.08 -27.01 23.37
C PRO E 265 -22.84 -28.47 23.02
N LEU E 266 -23.76 -29.00 22.23
CA LEU E 266 -23.64 -30.34 21.68
C LEU E 266 -23.01 -30.27 20.29
N ASN E 267 -22.20 -31.28 19.97
CA ASN E 267 -21.65 -31.35 18.63
C ASN E 267 -22.75 -31.75 17.64
N ALA E 268 -22.38 -31.84 16.36
CA ALA E 268 -23.37 -32.12 15.33
C ALA E 268 -24.04 -33.47 15.56
N GLN E 269 -23.25 -34.50 15.87
CA GLN E 269 -23.82 -35.84 16.02
C GLN E 269 -24.77 -35.90 17.21
N GLU E 270 -24.40 -35.27 18.33
CA GLU E 270 -25.26 -35.31 19.50
C GLU E 270 -26.58 -34.62 19.25
N LEU E 271 -26.55 -33.44 18.63
CA LEU E 271 -27.80 -32.73 18.34
C LEU E 271 -28.66 -33.51 17.34
N ARG E 272 -28.02 -34.11 16.33
CA ARG E 272 -28.76 -34.95 15.40
C ARG E 272 -29.46 -36.09 16.13
N ASP E 273 -28.70 -36.87 16.89
CA ASP E 273 -29.28 -37.99 17.64
C ASP E 273 -30.40 -37.52 18.55
N TRP E 274 -30.23 -36.37 19.20
CA TRP E 274 -31.26 -35.85 20.08
C TRP E 274 -32.54 -35.54 19.30
N SER E 275 -32.40 -34.89 18.13
CA SER E 275 -33.56 -34.59 17.30
C SER E 275 -34.23 -35.87 16.82
N ALA E 276 -33.43 -36.86 16.44
CA ALA E 276 -34.00 -38.14 15.99
C ALA E 276 -34.78 -38.80 17.11
N SER E 277 -34.25 -38.77 18.33
CA SER E 277 -34.97 -39.33 19.47
C SER E 277 -36.27 -38.59 19.72
N TRP E 278 -36.26 -37.27 19.58
CA TRP E 278 -37.49 -36.50 19.79
C TRP E 278 -38.44 -36.56 18.61
N ALA E 279 -38.00 -37.10 17.47
CA ALA E 279 -38.93 -37.31 16.37
C ALA E 279 -39.85 -38.49 16.63
N ASN E 280 -39.36 -39.49 17.36
CA ASN E 280 -40.19 -40.64 17.70
C ASN E 280 -41.20 -40.34 18.79
N GLN E 281 -41.01 -39.26 19.54
CA GLN E 281 -41.98 -38.87 20.56
C GLN E 281 -43.10 -38.00 20.02
N LEU E 282 -42.87 -37.31 18.90
CA LEU E 282 -43.93 -36.52 18.28
C LEU E 282 -44.93 -37.40 17.54
N ILE E 283 -44.49 -38.56 17.07
CA ILE E 283 -45.38 -39.45 16.32
C ILE E 283 -46.54 -39.91 17.21
N GLU E 284 -46.25 -40.22 18.46
CA GLU E 284 -47.25 -40.74 19.40
C GLU E 284 -47.50 -39.77 20.55
N ILE E 285 -47.62 -38.48 20.25
CA ILE E 285 -48.01 -37.50 21.26
C ILE E 285 -49.30 -36.79 20.84
S4B S5Q F . 3.54 13.47 8.10
FE8 S5Q F . 4.36 14.17 6.03
FE5 S5Q F . 5.30 14.67 8.69
S3A S5Q F . 6.32 14.19 10.63
FE7 S5Q F . 2.91 15.59 8.00
S5A S5Q F . 1.09 16.30 9.15
S3B S5Q F . 3.34 16.27 5.90
FE6 S5Q F . 5.09 16.79 7.13
S2B S5Q F . 5.78 18.85 7.23
S1B S5Q F . 6.39 15.03 6.78
CX S5Q F . 4.45 16.44 9.03
FE4 S5Q F . 5.35 16.18 10.76
S1A S5Q F . 6.59 18.10 11.01
S4A S5Q F . 3.56 16.28 12.24
FE1 S5Q F . 4.43 18.35 11.86
FE3 S5Q F . 2.93 17.04 10.19
S2A S5Q F . 3.33 19.29 10.16
FE2 S5Q F . 5.15 18.28 9.28
FE1 CLF G . -5.14 -3.58 2.57
FE2 CLF G . -2.93 -2.82 3.43
FE3 CLF G . -2.91 -3.91 0.91
FE4 CLF G . -4.04 -1.57 1.52
S1 CLF G . -4.98 -1.47 3.71
S2A CLF G . -3.35 -5.02 2.91
S4A CLF G . -1.81 -2.03 1.63
S3A CLF G . -5.09 -3.15 0.34
FE5 CLF G . -3.98 0.70 3.32
FE6 CLF G . -5.67 0.41 5.21
FE7 CLF G . -3.40 2.08 5.68
FE8 CLF G . -3.28 -0.62 5.31
S2B CLF G . -5.21 2.45 4.20
S3B CLF G . -4.31 0.50 7.14
S4B CLF G . -1.95 0.83 4.27
PB ADP H . -34.71 -19.81 7.26
O1B ADP H . -35.43 -18.89 6.36
O2B ADP H . -33.74 -20.80 6.46
O3B ADP H . -33.90 -18.98 8.37
PA ADP H . -35.87 -22.32 8.27
O1A ADP H . -34.54 -22.94 8.19
O2A ADP H . -36.81 -22.96 7.14
O3A ADP H . -35.76 -20.73 8.05
O5' ADP H . -36.51 -22.59 9.72
C5' ADP H . -37.80 -22.13 10.11
C4' ADP H . -38.38 -23.08 11.14
O4' ADP H . -39.82 -23.13 10.98
C3' ADP H . -37.89 -24.54 10.96
O3' ADP H . -38.07 -25.31 12.15
C2' ADP H . -38.88 -25.00 9.88
O2' ADP H . -38.96 -26.42 9.79
C1' ADP H . -40.19 -24.37 10.41
N9 ADP H . -41.12 -24.22 9.29
C8 ADP H . -40.93 -23.50 8.15
N7 ADP H . -41.99 -23.61 7.36
C5 ADP H . -42.89 -24.41 7.96
C6 ADP H . -44.18 -24.88 7.60
N6 ADP H . -44.74 -24.50 6.40
N1 ADP H . -44.82 -25.68 8.44
C2 ADP H . -44.25 -26.01 9.58
N3 ADP H . -43.07 -25.62 9.98
C4 ADP H . -42.36 -24.81 9.20
MG MG I . -31.74 -21.28 6.30
AL AF3 J . -31.78 -18.57 8.30
F1 AF3 J . -30.98 -19.28 6.99
F2 AF3 J . -32.40 -16.98 8.18
F3 AF3 J . -32.05 -19.48 9.73
FE1 SF4 K . -17.75 -9.23 6.59
FE2 SF4 K . -20.34 -8.67 5.90
FE3 SF4 K . -18.75 -6.72 6.99
FE4 SF4 K . -19.63 -8.80 8.53
S1 SF4 K . -20.91 -7.20 7.54
S2 SF4 K . -17.51 -7.95 8.46
S3 SF4 K . -19.59 -10.50 7.03
S4 SF4 K . -18.44 -7.77 4.99
PB ADP L . -36.27 -11.32 15.24
O1B ADP L . -35.79 -12.64 15.68
O2B ADP L . -35.98 -10.17 16.31
O3B ADP L . -35.60 -10.83 13.86
PA ADP L . -39.08 -10.40 15.30
O1A ADP L . -38.68 -9.00 15.04
O2A ADP L . -39.63 -10.57 16.82
O3A ADP L . -37.85 -11.39 15.03
O5' ADP L . -40.23 -10.83 14.27
C5' ADP L . -40.58 -12.20 14.10
C4' ADP L . -42.06 -12.24 13.77
O4' ADP L . -42.71 -13.29 14.53
C3' ADP L . -42.75 -10.92 14.15
O3' ADP L . -43.94 -10.71 13.38
C2' ADP L . -43.08 -11.22 15.60
O2' ADP L . -44.07 -10.32 16.08
C1' ADP L . -43.59 -12.67 15.45
N9 ADP L . -43.56 -13.32 16.76
C8 ADP L . -42.47 -13.81 17.41
N7 ADP L . -42.82 -14.33 18.59
C5 ADP L . -44.17 -14.17 18.73
C6 ADP L . -45.08 -14.51 19.74
N6 ADP L . -44.67 -15.15 20.89
N1 ADP L . -46.36 -14.20 19.55
C2 ADP L . -46.73 -13.63 18.43
N3 ADP L . -45.94 -13.27 17.46
C4 ADP L . -44.65 -13.53 17.57
MG MG M . -34.60 -8.56 15.38
AL AF3 N . -33.72 -10.69 12.71
F1 AF3 N . -33.66 -9.37 13.80
F2 AF3 N . -32.55 -11.94 12.83
F3 AF3 N . -34.90 -10.72 11.48
#